data_4YZO
#
_entry.id   4YZO
#
_cell.length_a   152.763
_cell.length_b   80.863
_cell.length_c   137.512
_cell.angle_alpha   90.00
_cell.angle_beta   110.80
_cell.angle_gamma   90.00
#
_symmetry.space_group_name_H-M   'C 1 2 1'
#
loop_
_entity.id
_entity.type
_entity.pdbx_description
1 polymer 'Putative acyl-CoA acyltransferase'
2 non-polymer DI(HYDROXYETHYL)ETHER
3 non-polymer IMIDAZOLE
4 non-polymer 'ACETATE ION'
5 non-polymer 'CALCIUM ION'
6 water water
#
_entity_poly.entity_id   1
_entity_poly.type   'polypeptide(L)'
_entity_poly.pdbx_seq_one_letter_code
;(MSE)VAIVDVGITKFGKRKENIFDLVKEVTEKLLKYDIDYVIVSNSYSGEFNQTSGLSSLITTYLNLDYVPSLRVDNTS
GSGGSAILVAKSLLESKEANTVLVVGVEK(MSE)SEKKTREVTKIISSLLPFEERIASLPSLASISAIEY(MSE)RKFNA
PRESIAQVAVKNHYNGSLNPFAHIQKRVTLEEVLNSPVISEPLRLYEYTPISDGAAAVV(MSE)VRNEDALSYTSKPVYI
KGIGSSNYTAYVSEKEDFVTLPAVVEASRKAFKKAKVERIDFAELHD(MSE)ATILEIIQSEDIGLFKKGEGWKAV
(MSE)EGLTSLDGEIPINPSGGLNSKGHPIGASGVAQAVEAFSQIRNEAGNRQVKNARVGLSLS(MSE)AGYGNSATVII
YGDEP
;
_entity_poly.pdbx_strand_id   A,B,C,D
#
loop_
_chem_comp.id
_chem_comp.type
_chem_comp.name
_chem_comp.formula
ACT non-polymer 'ACETATE ION' 'C2 H3 O2 -1'
CA non-polymer 'CALCIUM ION' 'Ca 2'
IMD non-polymer IMIDAZOLE 'C3 H5 N2 1'
PEG non-polymer DI(HYDROXYETHYL)ETHER 'C4 H10 O3'
#
# COMPACT_ATOMS: atom_id res chain seq x y z
N VAL A 2 23.03 10.77 35.47
CA VAL A 2 22.08 9.76 36.06
C VAL A 2 22.89 8.53 36.46
N ALA A 3 22.32 7.71 37.34
CA ALA A 3 23.04 6.56 37.86
C ALA A 3 22.15 5.30 37.93
N ILE A 4 22.75 4.16 37.71
CA ILE A 4 22.11 2.86 38.00
C ILE A 4 22.39 2.58 39.46
N VAL A 5 21.33 2.29 40.22
CA VAL A 5 21.48 2.15 41.67
C VAL A 5 21.08 0.75 42.17
N ASP A 6 20.40 -0.06 41.33
CA ASP A 6 20.18 -1.47 41.64
C ASP A 6 19.82 -2.16 40.33
N VAL A 7 19.91 -3.49 40.34
CA VAL A 7 19.76 -4.28 39.14
C VAL A 7 19.05 -5.57 39.42
N GLY A 8 18.58 -6.22 38.35
CA GLY A 8 18.10 -7.58 38.43
C GLY A 8 18.47 -8.35 37.19
N ILE A 9 18.61 -9.66 37.31
CA ILE A 9 19.01 -10.48 36.17
C ILE A 9 18.46 -11.89 36.33
N THR A 10 18.09 -12.52 35.22
CA THR A 10 17.67 -13.94 35.26
C THR A 10 18.71 -14.78 34.54
N LYS A 11 18.70 -16.09 34.76
CA LYS A 11 19.45 -16.98 33.88
C LYS A 11 18.89 -16.90 32.46
N PHE A 12 19.76 -16.82 31.46
CA PHE A 12 19.30 -16.78 30.08
C PHE A 12 19.31 -18.23 29.62
N GLY A 13 18.42 -18.57 28.69
CA GLY A 13 18.40 -19.92 28.16
C GLY A 13 17.10 -20.22 27.49
N LYS A 14 16.83 -21.50 27.25
CA LYS A 14 15.51 -21.87 26.74
C LYS A 14 14.66 -22.07 27.97
N ARG A 15 13.79 -21.11 28.27
CA ARG A 15 13.09 -21.03 29.55
C ARG A 15 11.64 -21.56 29.38
N LYS A 16 11.14 -22.28 30.36
CA LYS A 16 9.75 -22.72 30.30
C LYS A 16 8.79 -21.60 30.71
N GLU A 17 9.28 -20.65 31.51
CA GLU A 17 8.47 -19.53 31.99
C GLU A 17 7.99 -18.63 30.86
N ASN A 18 6.81 -18.04 31.02
CA ASN A 18 6.35 -17.05 30.06
C ASN A 18 7.02 -15.68 30.34
N ILE A 19 6.78 -14.74 29.45
CA ILE A 19 7.41 -13.43 29.57
C ILE A 19 7.04 -12.73 30.89
N PHE A 20 5.81 -12.94 31.37
CA PHE A 20 5.40 -12.30 32.62
C PHE A 20 6.16 -12.82 33.84
N ASP A 21 6.37 -14.12 33.88
CA ASP A 21 7.11 -14.65 35.00
C ASP A 21 8.62 -14.36 34.93
N LEU A 22 9.16 -14.21 33.72
CA LEU A 22 10.54 -13.71 33.60
C LEU A 22 10.63 -12.28 34.15
N VAL A 23 9.63 -11.43 33.85
CA VAL A 23 9.65 -10.05 34.38
C VAL A 23 9.43 -10.01 35.90
N LYS A 24 8.54 -10.85 36.40
CA LYS A 24 8.31 -10.95 37.84
C LYS A 24 9.61 -11.37 38.55
N GLU A 25 10.32 -12.34 37.98
CA GLU A 25 11.56 -12.81 38.58
C GLU A 25 12.59 -11.70 38.60
N VAL A 26 12.78 -11.04 37.45
CA VAL A 26 13.84 -10.05 37.38
C VAL A 26 13.63 -8.80 38.25
N THR A 27 12.36 -8.48 38.56
CA THR A 27 12.03 -7.25 39.27
C THR A 27 11.66 -7.51 40.73
N GLU A 28 11.68 -8.77 41.15
CA GLU A 28 11.11 -9.09 42.49
C GLU A 28 11.77 -8.34 43.64
N LYS A 29 13.07 -8.06 43.53
CA LYS A 29 13.78 -7.30 44.57
C LYS A 29 13.82 -5.81 44.32
N LEU A 30 13.21 -5.35 43.23
CA LEU A 30 13.27 -3.95 42.82
C LEU A 30 11.98 -3.17 43.05
N LEU A 31 10.87 -3.88 43.27
CA LEU A 31 9.57 -3.19 43.38
C LEU A 31 9.45 -2.34 44.65
N LYS A 32 10.34 -2.59 45.61
CA LYS A 32 10.41 -1.77 46.82
C LYS A 32 10.74 -0.33 46.57
N TYR A 33 11.37 -0.02 45.43
CA TYR A 33 11.71 1.36 45.19
C TYR A 33 10.50 2.19 44.73
N ASP A 34 10.57 3.49 44.90
N ASP A 34 10.65 3.50 44.91
CA ASP A 34 9.50 4.38 44.51
CA ASP A 34 9.66 4.48 44.49
C ASP A 34 9.53 4.65 42.99
C ASP A 34 9.62 4.68 42.96
N ILE A 35 9.44 3.57 42.24
CA ILE A 35 9.40 3.60 40.77
C ILE A 35 8.28 4.49 40.27
N ASP A 36 8.60 5.42 39.36
CA ASP A 36 7.52 6.21 38.77
C ASP A 36 7.43 6.21 37.24
N TYR A 37 8.26 5.39 36.59
CA TYR A 37 8.06 5.07 35.18
C TYR A 37 8.69 3.72 34.91
N VAL A 38 8.03 2.89 34.11
CA VAL A 38 8.61 1.62 33.64
C VAL A 38 8.82 1.68 32.13
N ILE A 39 10.06 1.41 31.70
CA ILE A 39 10.37 1.34 30.29
C ILE A 39 10.64 -0.12 29.98
N VAL A 40 9.88 -0.68 29.04
CA VAL A 40 10.05 -2.08 28.67
C VAL A 40 10.80 -2.15 27.36
N SER A 41 11.94 -2.84 27.38
CA SER A 41 12.72 -3.08 26.19
C SER A 41 12.40 -4.48 25.69
N ASN A 42 11.73 -4.54 24.55
CA ASN A 42 11.26 -5.81 24.06
C ASN A 42 10.92 -5.63 22.58
N SER A 43 11.28 -6.59 21.75
CA SER A 43 11.05 -6.39 20.32
C SER A 43 9.90 -7.23 19.73
N TYR A 44 9.72 -8.46 20.22
CA TYR A 44 8.88 -9.41 19.50
C TYR A 44 7.60 -9.86 20.21
N SER A 45 7.33 -9.32 21.40
CA SER A 45 6.12 -9.71 22.12
C SER A 45 4.95 -8.77 21.85
N GLY A 46 4.41 -8.84 20.63
CA GLY A 46 3.25 -8.01 20.26
C GLY A 46 1.89 -8.71 20.26
N GLU A 47 1.82 -9.89 20.88
CA GLU A 47 0.59 -10.71 20.92
C GLU A 47 -0.62 -10.00 21.57
N PHE A 48 -0.35 -9.07 22.49
CA PHE A 48 -1.44 -8.39 23.22
C PHE A 48 -1.85 -7.03 22.61
N ASN A 49 -1.34 -6.72 21.42
CA ASN A 49 -1.50 -5.39 20.77
C ASN A 49 -2.93 -4.97 20.42
N GLN A 50 -3.88 -5.91 20.45
CA GLN A 50 -5.27 -5.60 20.10
C GLN A 50 -6.18 -5.68 21.33
N THR A 51 -5.61 -6.11 22.45
CA THR A 51 -6.35 -6.27 23.68
C THR A 51 -5.81 -5.36 24.81
N SER A 52 -4.73 -5.76 25.46
CA SER A 52 -4.27 -4.99 26.62
C SER A 52 -2.95 -4.22 26.45
N GLY A 53 -1.98 -4.77 25.68
CA GLY A 53 -0.62 -4.18 25.41
C GLY A 53 0.54 -4.58 26.37
N LEU A 54 1.72 -5.00 25.90
CA LEU A 54 2.74 -5.59 26.81
C LEU A 54 3.16 -4.69 28.00
N SER A 55 3.51 -3.44 27.75
CA SER A 55 3.94 -2.59 28.88
C SER A 55 2.82 -2.39 29.95
N SER A 56 1.56 -2.31 29.54
CA SER A 56 0.48 -2.17 30.51
C SER A 56 0.16 -3.50 31.23
N LEU A 57 0.32 -4.61 30.51
CA LEU A 57 0.16 -5.92 31.13
C LEU A 57 1.28 -6.14 32.16
N ILE A 58 2.47 -5.62 31.87
CA ILE A 58 3.56 -5.72 32.83
C ILE A 58 3.32 -4.94 34.11
N THR A 59 2.91 -3.67 34.02
CA THR A 59 2.70 -2.91 35.25
C THR A 59 1.57 -3.55 36.08
N THR A 60 0.54 -4.06 35.41
CA THR A 60 -0.54 -4.76 36.09
C THR A 60 -0.02 -6.05 36.78
N TYR A 61 0.71 -6.86 36.05
CA TYR A 61 1.27 -8.09 36.62
C TYR A 61 2.13 -7.84 37.84
N LEU A 62 2.86 -6.73 37.84
CA LEU A 62 3.75 -6.39 38.94
C LEU A 62 3.09 -5.58 40.08
N ASN A 63 1.78 -5.38 39.97
CA ASN A 63 1.04 -4.60 40.96
C ASN A 63 1.54 -3.18 41.09
N LEU A 64 1.99 -2.62 39.96
CA LEU A 64 2.43 -1.24 39.87
C LEU A 64 1.34 -0.52 39.10
N ASP A 65 0.12 -0.68 39.58
CA ASP A 65 -1.05 -0.40 38.74
C ASP A 65 -1.06 1.01 38.13
N TYR A 66 -0.76 2.06 38.90
CA TYR A 66 -0.82 3.45 38.37
C TYR A 66 0.44 3.96 37.65
N VAL A 67 1.55 3.27 37.88
CA VAL A 67 2.84 3.74 37.31
C VAL A 67 2.78 3.67 35.79
N PRO A 68 3.09 4.77 35.11
CA PRO A 68 3.04 4.74 33.64
C PRO A 68 4.17 3.90 33.04
N SER A 69 3.90 3.36 31.85
CA SER A 69 4.90 2.56 31.14
C SER A 69 4.74 2.71 29.63
N LEU A 70 5.80 2.30 28.93
CA LEU A 70 5.77 2.22 27.49
C LEU A 70 6.81 1.22 27.06
N ARG A 71 6.72 0.77 25.80
CA ARG A 71 7.73 -0.17 25.26
C ARG A 71 8.62 0.57 24.28
N VAL A 72 9.91 0.30 24.35
CA VAL A 72 10.87 0.82 23.37
C VAL A 72 11.36 -0.36 22.54
N ASP A 73 11.28 -0.24 21.21
CA ASP A 73 11.77 -1.28 20.34
C ASP A 73 12.79 -0.67 19.39
N ASN A 74 13.99 -1.21 19.43
CA ASN A 74 14.99 -0.89 18.40
C ASN A 74 15.68 -2.23 18.11
N THR A 75 14.84 -3.26 17.88
CA THR A 75 15.26 -4.67 17.66
C THR A 75 16.42 -5.05 18.60
N SER A 76 17.55 -5.53 18.07
N SER A 76 17.55 -5.55 18.11
CA SER A 76 18.63 -5.97 18.96
CA SER A 76 18.59 -5.99 19.06
C SER A 76 19.27 -4.83 19.72
C SER A 76 19.34 -4.82 19.69
N GLY A 77 19.00 -3.60 19.29
CA GLY A 77 19.50 -2.41 19.98
C GLY A 77 18.49 -1.87 21.00
N SER A 78 17.42 -2.64 21.29
CA SER A 78 16.33 -2.10 22.15
C SER A 78 16.83 -1.69 23.53
N GLY A 79 17.69 -2.51 24.17
CA GLY A 79 18.09 -2.26 25.55
C GLY A 79 18.86 -0.95 25.70
N GLY A 80 19.77 -0.66 24.76
CA GLY A 80 20.50 0.60 24.83
C GLY A 80 19.56 1.81 24.62
N SER A 81 18.66 1.71 23.66
CA SER A 81 17.70 2.78 23.40
C SER A 81 16.80 3.01 24.61
N ALA A 82 16.45 1.92 25.30
CA ALA A 82 15.56 2.04 26.47
C ALA A 82 16.27 2.78 27.59
N ILE A 83 17.55 2.48 27.79
CA ILE A 83 18.35 3.18 28.81
C ILE A 83 18.47 4.67 28.48
N LEU A 84 18.63 5.00 27.20
CA LEU A 84 18.67 6.43 26.80
C LEU A 84 17.36 7.12 27.14
N VAL A 85 16.24 6.46 26.84
CA VAL A 85 14.92 7.04 27.15
C VAL A 85 14.80 7.25 28.67
N ALA A 86 15.25 6.27 29.46
CA ALA A 86 15.18 6.40 30.92
C ALA A 86 16.02 7.59 31.41
N LYS A 87 17.22 7.73 30.86
CA LYS A 87 18.10 8.82 31.25
C LYS A 87 17.43 10.16 30.97
N SER A 88 16.80 10.27 29.79
N SER A 88 16.80 10.27 29.78
CA SER A 88 16.17 11.53 29.39
CA SER A 88 16.18 11.54 29.38
C SER A 88 14.95 11.85 30.22
C SER A 88 14.96 11.85 30.23
N LEU A 89 14.15 10.83 30.52
CA LEU A 89 13.00 11.04 31.43
C LEU A 89 13.48 11.56 32.81
N LEU A 90 14.60 11.04 33.33
CA LEU A 90 15.14 11.50 34.61
C LEU A 90 15.69 12.92 34.52
N GLU A 91 16.49 13.20 33.48
CA GLU A 91 17.15 14.49 33.43
C GLU A 91 16.19 15.63 33.13
N SER A 92 15.10 15.33 32.45
CA SER A 92 14.07 16.31 32.12
C SER A 92 13.12 16.50 33.32
N LYS A 93 13.29 15.68 34.36
CA LYS A 93 12.41 15.70 35.56
C LYS A 93 11.02 15.18 35.28
N GLU A 94 10.81 14.52 34.15
CA GLU A 94 9.53 13.87 33.91
C GLU A 94 9.33 12.69 34.87
N ALA A 95 10.43 12.09 35.29
CA ALA A 95 10.42 10.93 36.22
C ALA A 95 11.54 11.12 37.22
N ASN A 96 11.44 10.41 38.36
CA ASN A 96 12.47 10.47 39.38
C ASN A 96 13.14 9.13 39.64
N THR A 97 12.45 8.03 39.35
CA THR A 97 13.01 6.70 39.54
C THR A 97 12.46 5.80 38.46
N VAL A 98 13.32 5.42 37.51
CA VAL A 98 12.86 4.69 36.35
C VAL A 98 13.31 3.26 36.45
N LEU A 99 12.39 2.34 36.20
CA LEU A 99 12.75 0.94 36.12
C LEU A 99 12.78 0.59 34.64
N VAL A 100 13.94 0.11 34.18
CA VAL A 100 14.02 -0.39 32.79
C VAL A 100 14.08 -1.91 32.85
N VAL A 101 13.14 -2.56 32.18
N VAL A 101 13.16 -2.56 32.16
CA VAL A 101 13.11 -4.01 32.08
CA VAL A 101 13.15 -4.01 32.12
C VAL A 101 13.31 -4.42 30.64
C VAL A 101 13.28 -4.48 30.67
N GLY A 102 14.37 -5.19 30.40
CA GLY A 102 14.62 -5.77 29.09
C GLY A 102 14.26 -7.24 29.15
N VAL A 103 13.43 -7.69 28.22
CA VAL A 103 12.95 -9.06 28.30
C VAL A 103 12.63 -9.56 26.91
N GLU A 104 12.93 -10.83 26.65
CA GLU A 104 12.54 -11.43 25.38
C GLU A 104 12.30 -12.89 25.61
N LYS A 105 11.27 -13.39 24.95
CA LYS A 105 10.94 -14.80 25.06
C LYS A 105 10.87 -15.22 23.60
N MSE A 106 11.93 -15.88 23.16
CA MSE A 106 12.14 -16.15 21.76
C MSE A 106 11.94 -17.59 21.42
O MSE A 106 11.59 -17.92 20.28
CB MSE A 106 13.61 -15.93 21.41
CG MSE A 106 14.02 -14.48 21.59
SE MSE A 106 15.90 -14.35 21.03
CE MSE A 106 15.74 -14.51 19.05
N SER A 107 12.22 -18.47 22.38
CA SER A 107 12.32 -19.89 22.08
C SER A 107 10.99 -20.40 21.53
N GLU A 108 9.90 -20.16 22.29
CA GLU A 108 8.53 -20.59 21.95
C GLU A 108 7.82 -21.23 23.15
N VAL A 114 16.82 -9.77 9.80
CA VAL A 114 17.13 -9.86 8.36
C VAL A 114 17.38 -8.49 7.71
N THR A 115 18.20 -8.46 6.65
CA THR A 115 18.47 -7.23 5.94
C THR A 115 18.46 -7.42 4.42
N LYS A 116 18.06 -6.38 3.69
CA LYS A 116 18.04 -6.39 2.24
C LYS A 116 19.46 -6.13 1.73
N ILE A 117 19.83 -6.85 0.67
CA ILE A 117 21.09 -6.62 -0.04
C ILE A 117 20.76 -6.12 -1.45
N ILE A 118 21.32 -4.97 -1.82
CA ILE A 118 21.20 -4.43 -3.17
C ILE A 118 22.56 -4.43 -3.88
N SER A 119 22.56 -4.16 -5.18
CA SER A 119 23.79 -4.07 -5.98
C SER A 119 23.55 -3.17 -7.17
N SER A 120 24.52 -2.29 -7.46
CA SER A 120 24.46 -1.47 -8.67
C SER A 120 25.11 -2.18 -9.86
N GLU A 125 17.15 -6.00 -8.71
CA GLU A 125 17.38 -7.22 -7.93
C GLU A 125 17.58 -6.93 -6.43
N GLU A 126 16.87 -7.69 -5.60
CA GLU A 126 17.05 -7.62 -4.15
C GLU A 126 17.25 -9.02 -3.58
N ARG A 127 18.03 -9.10 -2.51
CA ARG A 127 18.18 -10.34 -1.78
C ARG A 127 17.90 -10.05 -0.31
N ILE A 128 17.27 -11.00 0.37
CA ILE A 128 17.12 -10.93 1.82
C ILE A 128 18.25 -11.79 2.41
N ALA A 129 19.00 -11.23 3.35
CA ALA A 129 20.12 -11.96 3.96
C ALA A 129 19.96 -12.01 5.46
N SER A 130 20.28 -13.17 6.04
CA SER A 130 20.28 -13.34 7.47
C SER A 130 21.52 -12.65 8.06
N LEU A 131 21.41 -12.25 9.32
CA LEU A 131 22.57 -11.70 10.02
C LEU A 131 23.78 -12.66 10.02
N PRO A 132 23.55 -13.98 10.26
CA PRO A 132 24.71 -14.88 10.20
C PRO A 132 25.43 -14.92 8.85
N SER A 133 24.70 -14.74 7.75
N SER A 133 24.68 -14.74 7.76
CA SER A 133 25.33 -14.73 6.42
CA SER A 133 25.27 -14.71 6.42
C SER A 133 26.13 -13.45 6.20
C SER A 133 26.13 -13.48 6.22
N LEU A 134 25.64 -12.34 6.74
CA LEU A 134 26.42 -11.10 6.67
C LEU A 134 27.71 -11.20 7.46
N ALA A 135 27.66 -11.84 8.63
CA ALA A 135 28.85 -11.95 9.47
C ALA A 135 29.95 -12.72 8.72
N SER A 136 29.56 -13.73 7.95
N SER A 136 29.58 -13.76 7.96
CA SER A 136 30.55 -14.53 7.24
CA SER A 136 30.62 -14.53 7.27
C SER A 136 31.24 -13.75 6.13
C SER A 136 31.26 -13.71 6.16
N ILE A 137 30.46 -12.91 5.46
CA ILE A 137 31.00 -11.99 4.46
C ILE A 137 32.03 -11.07 5.11
N SER A 138 31.71 -10.53 6.29
CA SER A 138 32.68 -9.71 7.02
C SER A 138 33.94 -10.47 7.41
N ALA A 139 33.80 -11.72 7.86
CA ALA A 139 34.95 -12.48 8.29
C ALA A 139 35.89 -12.72 7.07
N ILE A 140 35.31 -13.08 5.93
CA ILE A 140 36.12 -13.32 4.73
C ILE A 140 36.87 -12.05 4.32
N GLU A 141 36.15 -10.93 4.30
CA GLU A 141 36.74 -9.66 3.88
C GLU A 141 37.79 -9.18 4.84
N TYR A 142 37.52 -9.33 6.14
CA TYR A 142 38.47 -8.93 7.17
C TYR A 142 39.79 -9.74 7.06
N MSE A 143 39.69 -11.06 6.92
CA MSE A 143 40.87 -11.91 6.75
C MSE A 143 41.61 -11.51 5.49
O MSE A 143 42.84 -11.42 5.50
CB MSE A 143 40.48 -13.38 6.68
CG MSE A 143 40.03 -13.84 8.06
SE MSE A 143 39.67 -15.78 7.90
CE MSE A 143 37.89 -15.73 7.15
N ARG A 144 40.89 -11.25 4.39
CA ARG A 144 41.52 -10.87 3.11
C ARG A 144 42.26 -9.54 3.24
N LYS A 145 41.57 -8.53 3.77
CA LYS A 145 42.10 -7.16 3.80
C LYS A 145 43.24 -6.98 4.79
N PHE A 146 43.19 -7.67 5.93
CA PHE A 146 44.10 -7.41 7.01
C PHE A 146 45.05 -8.58 7.26
N ASN A 147 44.97 -9.62 6.44
CA ASN A 147 45.82 -10.81 6.61
C ASN A 147 45.68 -11.47 7.97
N ALA A 148 44.46 -11.44 8.52
CA ALA A 148 44.19 -11.97 9.84
C ALA A 148 44.02 -13.46 9.72
N PRO A 149 44.69 -14.23 10.61
CA PRO A 149 44.50 -15.68 10.54
C PRO A 149 43.10 -16.07 11.02
N ARG A 150 42.57 -17.15 10.44
CA ARG A 150 41.27 -17.71 10.84
C ARG A 150 41.16 -17.96 12.34
N GLU A 151 42.26 -18.42 12.95
CA GLU A 151 42.30 -18.72 14.39
C GLU A 151 42.00 -17.52 15.27
N SER A 152 42.36 -16.31 14.81
CA SER A 152 42.16 -15.11 15.60
C SER A 152 40.65 -14.87 15.81
N ILE A 153 39.86 -15.23 14.82
CA ILE A 153 38.40 -14.99 14.86
C ILE A 153 37.78 -16.05 15.78
N ALA A 154 38.21 -17.31 15.62
CA ALA A 154 37.74 -18.39 16.49
C ALA A 154 38.14 -18.20 17.94
N GLN A 155 39.33 -17.63 18.19
CA GLN A 155 39.79 -17.45 19.55
C GLN A 155 38.84 -16.56 20.36
N VAL A 156 38.12 -15.67 19.69
CA VAL A 156 37.16 -14.84 20.39
C VAL A 156 36.15 -15.74 21.10
N ALA A 157 35.66 -16.79 20.42
CA ALA A 157 34.72 -17.73 21.07
C ALA A 157 35.32 -18.54 22.22
N VAL A 158 36.61 -18.89 22.12
CA VAL A 158 37.31 -19.52 23.27
C VAL A 158 37.28 -18.60 24.49
N LYS A 159 37.69 -17.35 24.30
CA LYS A 159 37.72 -16.39 25.38
C LYS A 159 36.32 -16.20 25.96
N ASN A 160 35.34 -16.04 25.09
CA ASN A 160 33.98 -15.76 25.57
C ASN A 160 33.30 -16.93 26.26
N HIS A 161 33.56 -18.14 25.79
CA HIS A 161 33.04 -19.33 26.48
C HIS A 161 33.72 -19.53 27.82
N TYR A 162 35.01 -19.17 27.92
CA TYR A 162 35.70 -19.20 29.21
C TYR A 162 35.06 -18.19 30.19
N ASN A 163 34.89 -16.95 29.75
CA ASN A 163 34.21 -15.95 30.56
C ASN A 163 32.81 -16.40 30.94
N GLY A 164 32.07 -16.94 29.98
CA GLY A 164 30.69 -17.37 30.22
C GLY A 164 30.62 -18.51 31.24
N SER A 165 31.64 -19.35 31.28
CA SER A 165 31.68 -20.46 32.24
C SER A 165 31.78 -19.94 33.66
N LEU A 166 32.19 -18.68 33.82
CA LEU A 166 32.26 -18.02 35.12
C LEU A 166 31.00 -17.18 35.40
N ASN A 167 30.03 -17.21 34.50
CA ASN A 167 28.81 -16.40 34.65
C ASN A 167 27.61 -17.32 34.88
N PRO A 168 27.10 -17.36 36.13
CA PRO A 168 26.02 -18.32 36.44
C PRO A 168 24.70 -18.02 35.75
N PHE A 169 24.61 -16.84 35.11
CA PHE A 169 23.40 -16.45 34.38
C PHE A 169 23.48 -16.78 32.89
N ALA A 170 24.67 -17.14 32.38
CA ALA A 170 24.87 -17.33 30.93
C ALA A 170 24.14 -18.54 30.39
N HIS A 171 23.57 -18.40 29.20
CA HIS A 171 22.97 -19.50 28.46
C HIS A 171 23.96 -20.66 28.31
N ILE A 172 25.20 -20.34 27.99
CA ILE A 172 26.23 -21.37 27.76
C ILE A 172 27.31 -21.18 28.80
N GLN A 173 27.59 -22.24 29.57
CA GLN A 173 28.62 -22.18 30.63
C GLN A 173 29.55 -23.38 30.48
N LYS A 174 30.21 -23.44 29.34
CA LYS A 174 31.05 -24.57 28.98
C LYS A 174 32.25 -24.05 28.25
N ARG A 175 33.42 -24.30 28.79
CA ARG A 175 34.66 -23.99 28.09
C ARG A 175 34.80 -24.79 26.80
N VAL A 176 35.36 -24.15 25.77
CA VAL A 176 35.68 -24.84 24.51
C VAL A 176 37.11 -24.53 24.10
N THR A 177 37.75 -25.47 23.40
CA THR A 177 39.07 -25.21 22.85
C THR A 177 38.94 -24.60 21.45
N LEU A 178 40.03 -24.03 20.95
CA LEU A 178 40.09 -23.53 19.60
C LEU A 178 39.72 -24.60 18.56
N GLU A 179 40.22 -25.81 18.80
CA GLU A 179 39.93 -26.96 17.95
C GLU A 179 38.43 -27.32 17.93
N GLU A 180 37.78 -27.27 19.08
CA GLU A 180 36.34 -27.53 19.17
C GLU A 180 35.56 -26.47 18.41
N VAL A 181 35.93 -25.20 18.58
CA VAL A 181 35.26 -24.14 17.80
C VAL A 181 35.41 -24.40 16.31
N LEU A 182 36.65 -24.65 15.87
CA LEU A 182 36.91 -24.79 14.43
C LEU A 182 36.41 -26.10 13.86
N ASN A 183 35.97 -27.00 14.73
CA ASN A 183 35.33 -28.24 14.30
C ASN A 183 33.81 -28.28 14.49
N SER A 184 33.25 -27.22 15.05
CA SER A 184 31.80 -27.14 15.22
C SER A 184 31.12 -26.87 13.87
N PRO A 185 29.82 -27.19 13.74
CA PRO A 185 29.21 -27.18 12.40
C PRO A 185 29.27 -25.83 11.69
N VAL A 186 29.57 -25.86 10.40
CA VAL A 186 29.54 -24.62 9.60
C VAL A 186 28.13 -24.06 9.57
N ILE A 187 27.99 -22.77 9.86
CA ILE A 187 26.70 -22.08 9.73
C ILE A 187 26.65 -21.34 8.41
N SER A 188 27.65 -20.51 8.17
CA SER A 188 27.82 -19.82 6.92
C SER A 188 29.31 -19.68 6.70
N GLU A 189 29.83 -20.40 5.70
CA GLU A 189 31.28 -20.53 5.48
C GLU A 189 32.00 -19.17 5.53
N PRO A 190 33.06 -19.02 6.35
CA PRO A 190 33.76 -20.00 7.16
C PRO A 190 33.30 -20.11 8.64
N LEU A 191 32.30 -19.33 9.03
CA LEU A 191 31.98 -19.26 10.47
C LEU A 191 31.16 -20.44 10.95
N ARG A 192 31.41 -20.81 12.20
CA ARG A 192 30.90 -22.06 12.74
C ARG A 192 29.98 -21.82 13.91
N LEU A 193 29.22 -22.86 14.28
CA LEU A 193 28.18 -22.75 15.31
C LEU A 193 28.64 -22.08 16.59
N TYR A 194 29.82 -22.44 17.07
CA TYR A 194 30.28 -21.93 18.37
C TYR A 194 30.68 -20.46 18.31
N GLU A 195 30.67 -19.87 17.11
CA GLU A 195 31.06 -18.46 16.97
C GLU A 195 29.87 -17.52 16.92
N TYR A 196 28.65 -18.07 17.02
CA TYR A 196 27.41 -17.26 16.95
C TYR A 196 26.61 -17.31 18.23
N THR A 197 25.85 -16.26 18.49
CA THR A 197 25.04 -16.21 19.72
C THR A 197 23.81 -17.12 19.59
N PRO A 198 23.45 -17.84 20.66
CA PRO A 198 22.24 -18.66 20.55
C PRO A 198 20.95 -17.83 20.69
N ILE A 199 19.84 -18.41 20.25
N ILE A 199 19.85 -18.39 20.18
CA ILE A 199 18.51 -17.86 20.53
CA ILE A 199 18.50 -17.92 20.49
C ILE A 199 18.17 -18.14 21.99
C ILE A 199 18.28 -18.19 21.97
N SER A 200 17.88 -17.08 22.75
N SER A 200 17.64 -17.25 22.65
CA SER A 200 17.72 -17.17 24.20
CA SER A 200 17.61 -17.29 24.10
C SER A 200 16.50 -16.45 24.72
C SER A 200 16.47 -16.48 24.70
N ASP A 201 15.99 -16.92 25.87
CA ASP A 201 14.97 -16.18 26.62
C ASP A 201 15.67 -15.60 27.85
N GLY A 202 15.18 -14.50 28.36
CA GLY A 202 15.78 -13.96 29.57
C GLY A 202 15.30 -12.56 29.83
N ALA A 203 15.68 -12.03 31.01
CA ALA A 203 15.32 -10.67 31.38
C ALA A 203 16.43 -10.05 32.18
N ALA A 204 16.49 -8.72 32.14
CA ALA A 204 17.45 -7.94 32.92
C ALA A 204 16.78 -6.64 33.28
N ALA A 205 17.19 -6.01 34.38
CA ALA A 205 16.52 -4.81 34.81
C ALA A 205 17.50 -3.90 35.51
N VAL A 206 17.29 -2.61 35.34
CA VAL A 206 18.03 -1.60 36.09
C VAL A 206 17.09 -0.58 36.70
N VAL A 207 17.49 0.00 37.83
CA VAL A 207 16.76 1.09 38.47
C VAL A 207 17.69 2.28 38.37
N MSE A 208 17.19 3.36 37.75
CA MSE A 208 17.96 4.57 37.52
C MSE A 208 17.33 5.79 38.17
O MSE A 208 16.08 5.95 38.17
CB MSE A 208 18.01 4.80 35.99
CG MSE A 208 18.93 3.70 35.42
SE MSE A 208 18.78 3.61 33.43
CE MSE A 208 19.25 5.50 33.02
N VAL A 209 18.20 6.67 38.69
CA VAL A 209 17.80 7.95 39.29
C VAL A 209 18.79 9.03 38.85
N ARG A 210 18.42 10.28 39.07
CA ARG A 210 19.35 11.43 38.87
C ARG A 210 20.55 11.36 39.81
N ASN A 211 21.66 11.93 39.37
CA ASN A 211 22.85 11.94 40.19
C ASN A 211 22.58 12.48 41.60
N GLU A 212 21.78 13.54 41.71
CA GLU A 212 21.50 14.19 43.02
C GLU A 212 20.78 13.23 43.99
N ASP A 213 20.15 12.20 43.43
CA ASP A 213 19.44 11.20 44.22
C ASP A 213 20.22 9.90 44.44
N ALA A 214 21.33 9.71 43.72
CA ALA A 214 21.98 8.39 43.65
C ALA A 214 22.43 7.85 45.01
N LEU A 215 23.10 8.68 45.80
CA LEU A 215 23.63 8.22 47.09
C LEU A 215 22.54 7.93 48.12
N SER A 216 21.33 8.44 47.88
CA SER A 216 20.15 8.06 48.66
C SER A 216 19.75 6.57 48.46
N TYR A 217 20.13 5.99 47.34
CA TYR A 217 19.71 4.63 46.97
C TYR A 217 20.78 3.62 47.24
N THR A 218 22.05 4.00 47.10
CA THR A 218 23.16 3.08 47.30
C THR A 218 24.45 3.86 47.56
N SER A 219 25.33 3.26 48.34
N SER A 219 25.35 3.26 48.34
CA SER A 219 26.61 3.89 48.63
CA SER A 219 26.65 3.87 48.62
C SER A 219 27.54 3.87 47.41
C SER A 219 27.60 3.79 47.44
N LYS A 220 27.28 2.95 46.47
CA LYS A 220 28.15 2.77 45.29
C LYS A 220 27.35 2.84 43.97
N PRO A 221 26.84 4.04 43.62
CA PRO A 221 26.09 4.19 42.37
C PRO A 221 27.03 4.01 41.18
N VAL A 222 26.46 3.57 40.07
CA VAL A 222 27.25 3.44 38.84
C VAL A 222 26.66 4.46 37.87
N TYR A 223 27.45 5.50 37.63
CA TYR A 223 26.98 6.64 36.87
C TYR A 223 27.08 6.38 35.38
N ILE A 224 26.09 6.87 34.65
N ILE A 224 26.10 6.83 34.63
CA ILE A 224 26.17 7.04 33.20
CA ILE A 224 26.28 6.92 33.20
C ILE A 224 26.96 8.32 32.93
C ILE A 224 26.94 8.26 32.88
N LYS A 225 28.17 8.16 32.38
CA LYS A 225 29.01 9.32 32.04
C LYS A 225 28.63 9.92 30.68
N GLY A 226 28.14 9.11 29.75
CA GLY A 226 27.65 9.63 28.46
C GLY A 226 27.01 8.53 27.64
N ILE A 227 26.11 8.91 26.75
CA ILE A 227 25.49 7.96 25.83
C ILE A 227 25.62 8.56 24.43
N GLY A 228 25.90 7.72 23.45
CA GLY A 228 25.96 8.18 22.06
C GLY A 228 25.05 7.26 21.27
N SER A 229 24.39 7.82 20.25
N SER A 229 24.33 7.81 20.29
CA SER A 229 23.36 7.14 19.46
CA SER A 229 23.52 6.93 19.45
C SER A 229 23.48 7.45 17.98
C SER A 229 23.62 7.39 18.02
N SER A 230 23.41 6.43 17.12
CA SER A 230 23.47 6.71 15.68
C SER A 230 22.77 5.59 14.96
N ASN A 231 22.16 5.95 13.83
CA ASN A 231 21.72 4.92 12.89
C ASN A 231 22.77 4.82 11.75
N TYR A 232 22.56 3.87 10.87
CA TYR A 232 23.30 3.82 9.59
C TYR A 232 22.39 3.15 8.58
N THR A 233 22.71 3.30 7.29
CA THR A 233 21.91 2.72 6.22
C THR A 233 21.43 1.31 6.50
N ALA A 234 20.13 1.08 6.35
CA ALA A 234 19.50 -0.17 6.83
C ALA A 234 19.51 -1.33 5.84
N TYR A 235 20.08 -1.10 4.67
CA TYR A 235 20.30 -2.17 3.69
C TYR A 235 21.77 -2.19 3.40
N VAL A 236 22.25 -3.30 2.86
CA VAL A 236 23.65 -3.42 2.51
C VAL A 236 23.80 -3.30 0.99
N SER A 237 24.69 -2.43 0.54
CA SER A 237 25.10 -2.38 -0.88
C SER A 237 26.58 -2.75 -1.07
N GLU A 238 27.01 -2.96 -2.31
CA GLU A 238 28.40 -3.33 -2.57
C GLU A 238 29.37 -2.16 -2.31
N LYS A 239 28.82 -0.99 -1.97
CA LYS A 239 29.60 0.16 -1.55
C LYS A 239 30.04 0.12 -0.07
N GLU A 240 29.46 -0.80 0.72
CA GLU A 240 29.92 -0.99 2.11
C GLU A 240 31.24 -1.76 2.12
N ASP A 241 32.09 -1.49 3.11
CA ASP A 241 33.38 -2.21 3.17
C ASP A 241 33.34 -3.57 3.88
N PHE A 242 32.21 -3.84 4.55
CA PHE A 242 31.97 -5.04 5.37
C PHE A 242 32.93 -5.26 6.53
N VAL A 243 33.78 -4.30 6.81
CA VAL A 243 34.71 -4.44 7.93
C VAL A 243 34.60 -3.31 8.97
N THR A 244 33.70 -2.37 8.71
CA THR A 244 33.43 -1.23 9.63
C THR A 244 31.91 -1.14 9.82
N LEU A 245 31.49 -0.77 11.04
CA LEU A 245 30.07 -0.56 11.34
C LEU A 245 29.94 0.93 11.63
N PRO A 246 29.60 1.75 10.60
CA PRO A 246 29.61 3.19 10.79
C PRO A 246 28.69 3.72 11.92
N ALA A 247 27.58 3.02 12.17
CA ALA A 247 26.70 3.45 13.30
C ALA A 247 27.45 3.31 14.64
N VAL A 248 28.26 2.25 14.76
CA VAL A 248 29.05 2.04 15.99
C VAL A 248 30.14 3.10 16.11
N VAL A 249 30.81 3.37 14.99
CA VAL A 249 31.79 4.45 14.99
C VAL A 249 31.19 5.78 15.48
N GLU A 250 30.06 6.16 14.91
CA GLU A 250 29.44 7.43 15.22
C GLU A 250 28.89 7.45 16.65
N ALA A 251 28.23 6.37 17.07
CA ALA A 251 27.70 6.32 18.46
C ALA A 251 28.83 6.46 19.47
N SER A 252 29.93 5.76 19.22
CA SER A 252 31.06 5.79 20.15
C SER A 252 31.69 7.17 20.21
N ARG A 253 31.87 7.79 19.04
CA ARG A 253 32.40 9.17 19.00
C ARG A 253 31.57 10.10 19.89
N LYS A 254 30.26 10.02 19.74
CA LYS A 254 29.34 10.87 20.53
C LYS A 254 29.42 10.55 22.02
N ALA A 255 29.48 9.25 22.37
CA ALA A 255 29.52 8.86 23.78
C ALA A 255 30.79 9.38 24.46
N PHE A 256 31.94 9.20 23.81
CA PHE A 256 33.20 9.63 24.43
C PHE A 256 33.27 11.13 24.55
N LYS A 257 32.68 11.82 23.58
CA LYS A 257 32.67 13.29 23.59
C LYS A 257 31.93 13.78 24.83
N LYS A 258 30.76 13.22 25.03
CA LYS A 258 29.92 13.56 26.20
C LYS A 258 30.50 13.07 27.53
N ALA A 259 31.10 11.88 27.54
CA ALA A 259 31.60 11.27 28.77
C ALA A 259 32.86 11.92 29.29
N LYS A 260 33.59 12.59 28.39
CA LYS A 260 34.89 13.19 28.73
C LYS A 260 35.88 12.25 29.41
N VAL A 261 36.00 11.03 28.89
CA VAL A 261 37.06 10.13 29.31
C VAL A 261 37.76 9.77 28.01
N GLU A 262 39.02 9.39 28.06
CA GLU A 262 39.63 8.81 26.85
C GLU A 262 40.03 7.34 27.01
N ARG A 263 39.74 6.80 28.20
CA ARG A 263 40.18 5.48 28.62
C ARG A 263 39.05 4.69 29.33
N ILE A 264 38.90 3.42 28.94
CA ILE A 264 37.96 2.54 29.61
C ILE A 264 38.69 1.32 30.15
N ASP A 265 38.08 0.67 31.15
CA ASP A 265 38.65 -0.48 31.79
C ASP A 265 38.12 -1.80 31.23
N PHE A 266 36.93 -1.78 30.63
CA PHE A 266 36.32 -3.00 30.06
C PHE A 266 35.22 -2.57 29.09
N ALA A 267 34.84 -3.47 28.17
CA ALA A 267 33.75 -3.18 27.25
C ALA A 267 32.88 -4.42 27.11
N GLU A 268 31.56 -4.21 27.13
CA GLU A 268 30.58 -5.23 26.76
C GLU A 268 30.12 -4.89 25.34
N LEU A 269 30.37 -5.77 24.38
CA LEU A 269 30.07 -5.52 22.97
C LEU A 269 28.92 -6.39 22.45
N HIS A 270 28.53 -6.18 21.20
CA HIS A 270 27.35 -6.82 20.65
C HIS A 270 27.79 -7.88 19.65
N ASP A 271 28.40 -8.94 20.19
CA ASP A 271 29.09 -9.93 19.39
C ASP A 271 28.14 -11.01 18.94
N MSE A 272 27.24 -10.68 18.02
CA MSE A 272 26.33 -11.69 17.45
C MSE A 272 27.14 -12.79 16.78
O MSE A 272 26.74 -13.96 16.77
CB MSE A 272 25.39 -11.00 16.47
CG MSE A 272 24.40 -11.94 15.80
SE MSE A 272 25.18 -12.54 14.05
CE MSE A 272 25.51 -10.83 13.18
N ALA A 273 28.30 -12.42 16.23
CA ALA A 273 29.28 -13.38 15.71
C ALA A 273 30.64 -12.95 16.24
N THR A 274 31.58 -13.88 16.37
CA THR A 274 32.93 -13.52 16.85
C THR A 274 33.56 -12.37 16.06
N ILE A 275 33.42 -12.39 14.73
CA ILE A 275 34.03 -11.36 13.87
C ILE A 275 33.55 -9.98 14.30
N LEU A 276 32.28 -9.90 14.72
CA LEU A 276 31.73 -8.60 15.15
C LEU A 276 32.40 -8.06 16.40
N GLU A 277 32.82 -8.94 17.32
CA GLU A 277 33.55 -8.44 18.49
C GLU A 277 34.82 -7.72 18.06
N ILE A 278 35.54 -8.34 17.13
CA ILE A 278 36.79 -7.74 16.62
C ILE A 278 36.50 -6.39 15.96
N ILE A 279 35.56 -6.37 15.01
CA ILE A 279 35.24 -5.15 14.28
C ILE A 279 34.76 -4.06 15.24
N GLN A 280 33.89 -4.44 16.19
CA GLN A 280 33.41 -3.42 17.14
C GLN A 280 34.47 -2.90 18.06
N SER A 281 35.44 -3.73 18.44
CA SER A 281 36.53 -3.26 19.33
C SER A 281 37.35 -2.15 18.64
N GLU A 282 37.41 -2.24 17.32
CA GLU A 282 38.04 -1.19 16.49
C GLU A 282 37.13 0.05 16.38
N ASP A 283 35.86 -0.19 16.09
CA ASP A 283 34.93 0.91 15.83
C ASP A 283 34.64 1.73 17.06
N ILE A 284 34.75 1.14 18.25
CA ILE A 284 34.61 1.96 19.47
C ILE A 284 35.84 2.77 19.78
N GLY A 285 36.93 2.47 19.07
CA GLY A 285 38.16 3.26 19.19
C GLY A 285 39.29 2.62 19.98
N LEU A 286 39.17 1.35 20.38
CA LEU A 286 40.23 0.72 21.16
C LEU A 286 41.48 0.42 20.33
N PHE A 287 41.23 -0.08 19.13
CA PHE A 287 42.26 -0.59 18.21
C PHE A 287 42.05 -0.02 16.83
N LYS A 288 43.16 0.13 16.07
CA LYS A 288 43.04 0.60 14.69
C LYS A 288 42.31 -0.41 13.82
N LYS A 289 41.67 0.08 12.79
CA LYS A 289 41.02 -0.78 11.80
C LYS A 289 41.99 -1.87 11.27
N GLY A 290 41.59 -3.12 11.44
CA GLY A 290 42.41 -4.28 11.04
C GLY A 290 43.44 -4.74 12.04
N GLU A 291 43.46 -4.13 13.23
N GLU A 291 43.46 -4.17 13.24
CA GLU A 291 44.38 -4.51 14.31
CA GLU A 291 44.37 -4.63 14.28
C GLU A 291 43.67 -5.27 15.44
C GLU A 291 43.67 -5.24 15.50
N GLY A 292 42.34 -5.25 15.46
CA GLY A 292 41.58 -5.89 16.56
C GLY A 292 41.93 -7.37 16.74
N TRP A 293 42.21 -8.05 15.62
CA TRP A 293 42.54 -9.46 15.69
C TRP A 293 43.83 -9.69 16.44
N LYS A 294 44.74 -8.73 16.34
CA LYS A 294 46.04 -8.84 17.04
C LYS A 294 45.84 -8.76 18.53
N ALA A 295 44.92 -7.89 18.96
CA ALA A 295 44.61 -7.78 20.39
C ALA A 295 44.04 -9.07 20.98
N VAL A 296 43.23 -9.78 20.19
CA VAL A 296 42.70 -11.08 20.62
C VAL A 296 43.86 -12.08 20.86
N MSE A 297 44.71 -12.20 19.84
CA MSE A 297 45.82 -13.19 19.90
C MSE A 297 46.81 -12.85 20.97
O MSE A 297 47.35 -13.74 21.61
CB MSE A 297 46.46 -13.33 18.51
CG MSE A 297 45.46 -14.02 17.60
SE MSE A 297 46.46 -14.67 16.01
CE MSE A 297 46.82 -16.44 16.79
N GLU A 298 47.02 -11.55 21.21
CA GLU A 298 47.94 -11.06 22.26
C GLU A 298 47.39 -11.26 23.67
N GLY A 299 46.08 -11.50 23.78
CA GLY A 299 45.43 -11.67 25.08
C GLY A 299 45.01 -10.37 25.74
N LEU A 300 45.12 -9.25 25.03
CA LEU A 300 44.82 -7.92 25.58
C LEU A 300 43.38 -7.89 26.07
N THR A 301 42.52 -8.66 25.39
CA THR A 301 41.06 -8.54 25.62
C THR A 301 40.48 -9.65 26.50
N SER A 302 41.36 -10.51 27.01
N SER A 302 41.35 -10.53 27.00
CA SER A 302 40.98 -11.54 27.97
CA SER A 302 40.94 -11.57 27.94
C SER A 302 40.72 -10.96 29.35
C SER A 302 40.71 -10.96 29.33
N LEU A 303 40.16 -11.76 30.24
CA LEU A 303 39.75 -11.29 31.53
C LEU A 303 40.86 -10.67 32.34
N ASP A 304 42.09 -11.16 32.20
N ASP A 304 42.08 -11.22 32.15
CA ASP A 304 43.21 -10.57 32.94
CA ASP A 304 43.31 -10.80 32.82
C ASP A 304 44.05 -9.61 32.10
C ASP A 304 44.18 -9.90 31.95
N GLY A 305 43.62 -9.39 30.85
CA GLY A 305 44.31 -8.52 29.91
C GLY A 305 44.19 -7.06 30.25
N GLU A 306 44.90 -6.19 29.52
CA GLU A 306 44.80 -4.77 29.82
C GLU A 306 43.41 -4.14 29.56
N ILE A 307 42.63 -4.75 28.67
N ILE A 307 42.63 -4.73 28.66
CA ILE A 307 41.32 -4.21 28.27
CA ILE A 307 41.31 -4.20 28.28
C ILE A 307 40.31 -5.35 28.01
C ILE A 307 40.31 -5.35 28.01
N PRO A 308 39.81 -5.99 29.09
CA PRO A 308 38.86 -7.11 28.93
C PRO A 308 37.62 -6.69 28.12
N ILE A 309 37.30 -7.50 27.11
CA ILE A 309 36.11 -7.29 26.32
C ILE A 309 35.20 -8.48 26.60
N ASN A 310 33.93 -8.18 26.85
CA ASN A 310 32.94 -9.19 27.17
C ASN A 310 33.32 -10.10 28.33
N PRO A 311 33.65 -9.53 29.48
CA PRO A 311 33.90 -10.35 30.67
C PRO A 311 32.66 -11.16 31.05
N SER A 312 31.47 -10.73 30.59
CA SER A 312 30.23 -11.48 30.84
C SER A 312 30.19 -12.82 30.11
N GLY A 313 31.00 -12.98 29.05
CA GLY A 313 30.84 -14.07 28.09
C GLY A 313 30.36 -13.55 26.74
N GLY A 314 29.92 -12.28 26.72
CA GLY A 314 29.42 -11.60 25.51
C GLY A 314 28.13 -12.26 25.05
N LEU A 315 27.57 -11.82 23.93
CA LEU A 315 26.43 -12.56 23.33
C LEU A 315 26.83 -14.00 23.03
N ASN A 316 28.10 -14.20 22.66
CA ASN A 316 28.58 -15.54 22.31
C ASN A 316 28.18 -16.59 23.37
N SER A 317 28.36 -16.29 24.64
N SER A 317 28.44 -16.28 24.64
CA SER A 317 28.00 -17.30 25.65
CA SER A 317 28.18 -17.22 25.74
C SER A 317 26.87 -16.92 26.56
C SER A 317 26.93 -16.90 26.56
N LYS A 318 26.58 -15.62 26.68
CA LYS A 318 25.40 -15.22 27.49
C LYS A 318 24.13 -15.74 26.82
N GLY A 319 24.14 -15.80 25.50
CA GLY A 319 22.89 -15.83 24.74
C GLY A 319 22.37 -14.43 24.47
N HIS A 320 21.35 -14.34 23.64
CA HIS A 320 20.88 -13.03 23.14
C HIS A 320 19.33 -12.96 23.05
N PRO A 321 18.66 -12.75 24.20
CA PRO A 321 17.22 -12.46 24.23
C PRO A 321 17.14 -11.02 23.74
N ILE A 322 16.66 -10.84 22.51
CA ILE A 322 16.78 -9.58 21.76
C ILE A 322 16.67 -8.31 22.65
N GLY A 323 15.50 -8.11 23.29
CA GLY A 323 15.28 -6.88 24.06
C GLY A 323 16.01 -6.81 25.40
N ALA A 324 16.45 -7.97 25.91
CA ALA A 324 17.15 -8.03 27.22
C ALA A 324 18.63 -7.65 27.12
N SER A 325 19.25 -7.93 25.98
CA SER A 325 20.72 -7.85 25.96
C SER A 325 21.30 -6.51 26.34
N GLY A 326 20.75 -5.44 25.78
CA GLY A 326 21.32 -4.11 26.07
C GLY A 326 21.20 -3.73 27.53
N VAL A 327 20.12 -4.19 28.17
CA VAL A 327 19.99 -3.98 29.61
C VAL A 327 20.93 -4.89 30.41
N ALA A 328 21.09 -6.14 29.99
CA ALA A 328 22.03 -7.07 30.65
C ALA A 328 23.45 -6.48 30.65
N GLN A 329 23.82 -5.75 29.59
CA GLN A 329 25.19 -5.20 29.54
C GLN A 329 25.36 -4.10 30.59
N ALA A 330 24.27 -3.37 30.88
CA ALA A 330 24.31 -2.37 31.93
C ALA A 330 24.42 -3.03 33.32
N VAL A 331 23.76 -4.17 33.47
CA VAL A 331 23.83 -4.97 34.72
C VAL A 331 25.28 -5.44 34.91
N GLU A 332 25.89 -5.89 33.82
CA GLU A 332 27.31 -6.29 33.90
C GLU A 332 28.18 -5.11 34.33
N ALA A 333 28.01 -3.96 33.68
CA ALA A 333 28.83 -2.76 34.02
C ALA A 333 28.67 -2.36 35.49
N PHE A 334 27.44 -2.38 35.97
CA PHE A 334 27.10 -2.09 37.38
C PHE A 334 27.88 -3.04 38.30
N SER A 335 27.79 -4.34 38.04
CA SER A 335 28.46 -5.33 38.90
C SER A 335 29.97 -5.16 38.84
N GLN A 336 30.52 -4.95 37.64
CA GLN A 336 31.98 -4.82 37.50
C GLN A 336 32.49 -3.61 38.28
N ILE A 337 31.84 -2.45 38.11
CA ILE A 337 32.33 -1.19 38.71
C ILE A 337 32.16 -1.22 40.24
N ARG A 338 31.20 -1.99 40.71
CA ARG A 338 31.01 -2.19 42.16
C ARG A 338 31.86 -3.30 42.78
N ASN A 339 32.74 -3.92 41.97
CA ASN A 339 33.57 -5.03 42.45
C ASN A 339 32.71 -6.19 42.98
N GLU A 340 31.60 -6.46 42.28
CA GLU A 340 30.65 -7.52 42.64
C GLU A 340 30.55 -8.63 41.60
N ALA A 341 31.44 -8.63 40.60
CA ALA A 341 31.37 -9.64 39.56
C ALA A 341 32.07 -10.97 39.87
N GLY A 342 32.55 -11.14 41.10
CA GLY A 342 33.11 -12.45 41.55
C GLY A 342 34.30 -12.96 40.72
N ASN A 343 34.18 -14.19 40.22
CA ASN A 343 35.26 -14.81 39.45
C ASN A 343 35.52 -14.09 38.12
N ARG A 344 34.52 -13.35 37.65
CA ARG A 344 34.55 -12.60 36.36
C ARG A 344 35.04 -11.20 36.54
N GLN A 345 35.48 -10.84 37.76
CA GLN A 345 35.82 -9.46 38.08
C GLN A 345 37.00 -8.93 37.27
N VAL A 346 36.78 -7.78 36.62
CA VAL A 346 37.84 -7.04 35.97
C VAL A 346 38.58 -6.22 37.04
N LYS A 347 39.89 -6.46 37.11
CA LYS A 347 40.74 -5.78 38.12
C LYS A 347 40.66 -4.28 38.05
N ASN A 348 40.35 -3.67 39.20
CA ASN A 348 40.24 -2.21 39.38
C ASN A 348 39.37 -1.51 38.35
N ALA A 349 38.26 -2.13 38.03
CA ALA A 349 37.37 -1.59 37.02
C ALA A 349 36.72 -0.35 37.58
N ARG A 350 36.90 0.78 36.89
CA ARG A 350 36.26 2.01 37.31
C ARG A 350 35.41 2.65 36.21
N VAL A 351 35.75 2.39 34.94
CA VAL A 351 35.06 3.00 33.81
C VAL A 351 34.80 1.86 32.83
N GLY A 352 33.59 1.78 32.30
CA GLY A 352 33.24 0.72 31.34
C GLY A 352 32.39 1.22 30.19
N LEU A 353 32.21 0.39 29.17
CA LEU A 353 31.41 0.76 28.01
C LEU A 353 30.53 -0.42 27.63
N SER A 354 29.31 -0.14 27.16
CA SER A 354 28.51 -1.14 26.47
C SER A 354 28.05 -0.66 25.13
N LEU A 355 27.84 -1.62 24.23
CA LEU A 355 27.35 -1.36 22.87
C LEU A 355 26.14 -2.26 22.63
N SER A 356 25.01 -1.63 22.36
CA SER A 356 23.76 -2.33 22.01
C SER A 356 23.49 -1.98 20.52
N MSE A 357 23.35 -2.99 19.65
CA MSE A 357 23.32 -2.74 18.19
C MSE A 357 22.14 -3.44 17.56
O MSE A 357 21.87 -4.62 17.83
CB MSE A 357 24.65 -3.25 17.58
CG MSE A 357 24.61 -3.00 16.07
SE MSE A 357 26.35 -3.57 15.30
CE MSE A 357 25.87 -5.45 15.04
N ALA A 358 21.38 -2.71 16.71
CA ALA A 358 20.27 -3.29 15.96
C ALA A 358 20.75 -3.79 14.58
N GLY A 359 20.20 -4.92 14.12
CA GLY A 359 20.51 -5.47 12.81
C GLY A 359 22.00 -5.64 12.57
N TYR A 360 22.41 -5.36 11.34
CA TYR A 360 23.83 -5.50 11.01
C TYR A 360 24.39 -4.10 11.02
N GLY A 361 24.22 -3.44 12.14
CA GLY A 361 24.70 -2.09 12.28
C GLY A 361 23.71 -0.97 11.88
N ASN A 362 22.42 -1.29 11.79
N ASN A 362 22.42 -1.28 11.77
CA ASN A 362 21.39 -0.29 11.47
CA ASN A 362 21.47 -0.22 11.40
C ASN A 362 21.26 0.81 12.52
C ASN A 362 21.14 0.78 12.53
N SER A 363 21.50 0.45 13.77
CA SER A 363 21.40 1.42 14.85
C SER A 363 22.35 0.98 15.95
N ALA A 364 22.92 1.94 16.65
CA ALA A 364 23.83 1.61 17.74
C ALA A 364 23.69 2.62 18.86
N THR A 365 23.76 2.10 20.08
CA THR A 365 23.84 2.94 21.28
C THR A 365 25.04 2.51 22.10
N VAL A 366 25.87 3.48 22.44
CA VAL A 366 27.07 3.25 23.21
C VAL A 366 26.93 4.02 24.51
N ILE A 367 27.11 3.29 25.61
CA ILE A 367 26.96 3.88 26.96
C ILE A 367 28.27 3.74 27.70
N ILE A 368 28.71 4.83 28.33
CA ILE A 368 29.92 4.80 29.15
C ILE A 368 29.52 4.95 30.62
N TYR A 369 30.04 4.06 31.46
CA TYR A 369 29.67 3.99 32.89
C TYR A 369 30.90 4.30 33.71
N GLY A 370 30.71 4.84 34.91
CA GLY A 370 31.86 5.09 35.79
C GLY A 370 31.49 5.13 37.24
N ASP A 371 32.51 5.06 38.11
CA ASP A 371 32.26 5.18 39.55
C ASP A 371 32.11 6.63 40.00
N GLU A 372 32.31 7.58 39.09
CA GLU A 372 32.13 8.99 39.37
C GLU A 372 31.20 9.62 38.33
N PRO A 373 30.48 10.68 38.70
CA PRO A 373 29.53 11.32 37.78
C PRO A 373 30.19 11.86 36.50
N VAL B 2 -15.16 15.23 -29.53
CA VAL B 2 -15.32 14.21 -30.61
C VAL B 2 -16.81 14.08 -30.91
N ALA B 3 -17.13 13.47 -32.04
CA ALA B 3 -18.51 13.39 -32.51
C ALA B 3 -18.85 11.99 -32.97
N ILE B 4 -20.07 11.59 -32.65
CA ILE B 4 -20.70 10.41 -33.23
C ILE B 4 -21.36 10.86 -34.54
N VAL B 5 -20.95 10.28 -35.66
CA VAL B 5 -21.50 10.68 -36.96
C VAL B 5 -22.47 9.68 -37.57
N ASP B 6 -22.48 8.46 -37.06
CA ASP B 6 -23.41 7.45 -37.58
C ASP B 6 -23.49 6.31 -36.57
N VAL B 7 -24.57 5.53 -36.66
CA VAL B 7 -24.85 4.52 -35.63
C VAL B 7 -25.43 3.26 -36.26
N GLY B 8 -25.36 2.15 -35.51
CA GLY B 8 -26.07 0.91 -35.92
C GLY B 8 -26.68 0.33 -34.68
N ILE B 9 -27.80 -0.39 -34.82
CA ILE B 9 -28.39 -1.03 -33.65
C ILE B 9 -29.12 -2.28 -34.13
N THR B 10 -29.13 -3.32 -33.30
CA THR B 10 -29.93 -4.51 -33.61
C THR B 10 -31.11 -4.60 -32.64
N LYS B 11 -32.10 -5.43 -32.98
CA LYS B 11 -33.06 -5.89 -31.98
C LYS B 11 -32.32 -6.61 -30.85
N PHE B 12 -32.71 -6.32 -29.62
CA PHE B 12 -32.19 -7.05 -28.46
C PHE B 12 -33.18 -8.14 -28.12
N GLY B 13 -32.65 -9.29 -27.73
CA GLY B 13 -33.54 -10.37 -27.24
C GLY B 13 -32.78 -11.66 -27.14
N LYS B 14 -33.49 -12.77 -26.91
CA LYS B 14 -32.85 -14.07 -26.89
C LYS B 14 -32.93 -14.59 -28.31
N ARG B 15 -31.82 -14.44 -29.01
CA ARG B 15 -31.77 -14.57 -30.46
C ARG B 15 -30.97 -15.76 -30.95
N LYS B 16 -31.31 -16.24 -32.14
CA LYS B 16 -30.62 -17.42 -32.68
C LYS B 16 -29.26 -17.09 -33.27
N GLU B 17 -29.08 -15.84 -33.68
CA GLU B 17 -27.86 -15.43 -34.34
C GLU B 17 -26.67 -15.51 -33.40
N ASN B 18 -25.53 -15.84 -33.95
CA ASN B 18 -24.31 -15.87 -33.18
C ASN B 18 -23.72 -14.45 -33.15
N ILE B 19 -22.63 -14.31 -32.42
CA ILE B 19 -22.05 -13.00 -32.14
C ILE B 19 -21.57 -12.31 -33.44
N PHE B 20 -21.06 -13.11 -34.39
CA PHE B 20 -20.59 -12.60 -35.68
C PHE B 20 -21.73 -12.10 -36.57
N ASP B 21 -22.86 -12.83 -36.57
CA ASP B 21 -24.11 -12.43 -37.20
C ASP B 21 -24.55 -11.07 -36.65
N LEU B 22 -24.45 -10.90 -35.32
CA LEU B 22 -24.93 -9.67 -34.71
C LEU B 22 -24.04 -8.49 -35.11
N VAL B 23 -22.73 -8.71 -35.14
N VAL B 23 -22.74 -8.70 -35.16
CA VAL B 23 -21.80 -7.65 -35.53
CA VAL B 23 -21.83 -7.61 -35.53
C VAL B 23 -22.03 -7.28 -36.99
C VAL B 23 -21.89 -7.29 -37.03
N LYS B 24 -22.20 -8.29 -37.85
CA LYS B 24 -22.41 -8.05 -39.28
C LYS B 24 -23.66 -7.21 -39.48
N GLU B 25 -24.70 -7.53 -38.74
CA GLU B 25 -25.93 -6.80 -38.87
C GLU B 25 -25.78 -5.33 -38.41
N VAL B 26 -25.14 -5.12 -37.27
CA VAL B 26 -25.07 -3.80 -36.69
C VAL B 26 -24.16 -2.85 -37.48
N THR B 27 -23.22 -3.40 -38.24
CA THR B 27 -22.24 -2.57 -38.97
C THR B 27 -22.51 -2.49 -40.47
N GLU B 28 -23.60 -3.12 -40.92
CA GLU B 28 -23.83 -3.24 -42.36
C GLU B 28 -23.71 -1.90 -43.08
N LYS B 29 -24.32 -0.87 -42.52
CA LYS B 29 -24.33 0.46 -43.14
C LYS B 29 -23.15 1.35 -42.70
N LEU B 30 -22.25 0.79 -41.89
CA LEU B 30 -21.12 1.57 -41.36
C LEU B 30 -19.78 1.29 -42.05
N LEU B 31 -19.72 0.24 -42.84
CA LEU B 31 -18.46 -0.17 -43.45
C LEU B 31 -18.06 0.73 -44.62
N LYS B 32 -18.96 1.60 -45.05
CA LYS B 32 -18.65 2.61 -46.08
C LYS B 32 -17.63 3.66 -45.58
N TYR B 33 -17.53 3.83 -44.26
CA TYR B 33 -16.59 4.80 -43.66
C TYR B 33 -15.17 4.24 -43.66
N ASP B 34 -14.19 5.14 -43.69
CA ASP B 34 -12.79 4.75 -43.75
C ASP B 34 -12.29 4.47 -42.33
N ILE B 35 -12.79 3.39 -41.75
CA ILE B 35 -12.52 3.06 -40.35
C ILE B 35 -11.05 2.69 -40.17
N ASP B 36 -10.41 3.26 -39.15
CA ASP B 36 -9.00 2.94 -38.92
C ASP B 36 -8.70 2.42 -37.51
N TYR B 37 -9.73 2.23 -36.69
CA TYR B 37 -9.58 1.44 -35.45
C TYR B 37 -10.93 0.87 -35.11
N VAL B 38 -10.94 -0.36 -34.60
CA VAL B 38 -12.18 -0.93 -34.10
C VAL B 38 -12.02 -1.24 -32.61
N ILE B 39 -12.90 -0.68 -31.78
CA ILE B 39 -12.97 -1.03 -30.38
C ILE B 39 -14.20 -1.90 -30.12
N VAL B 40 -13.96 -3.08 -29.57
CA VAL B 40 -15.05 -4.01 -29.30
C VAL B 40 -15.34 -3.98 -27.82
N SER B 41 -16.57 -3.63 -27.48
CA SER B 41 -17.05 -3.65 -26.12
C SER B 41 -17.81 -4.98 -25.89
N ASN B 42 -17.22 -5.86 -25.09
CA ASN B 42 -17.75 -7.19 -24.91
C ASN B 42 -17.12 -7.78 -23.67
N SER B 43 -17.92 -8.43 -22.82
CA SER B 43 -17.40 -8.92 -21.55
C SER B 43 -17.09 -10.41 -21.54
N TYR B 44 -17.95 -11.22 -22.16
CA TYR B 44 -17.94 -12.67 -21.90
C TYR B 44 -17.69 -13.59 -23.08
N SER B 45 -17.21 -13.07 -24.22
CA SER B 45 -16.97 -13.94 -25.39
C SER B 45 -15.95 -15.04 -25.07
N GLY B 53 -8.62 -14.00 -30.71
CA GLY B 53 -9.57 -13.30 -29.84
C GLY B 53 -10.69 -12.64 -30.62
N LEU B 54 -11.78 -12.31 -29.93
CA LEU B 54 -12.96 -11.75 -30.58
C LEU B 54 -12.66 -10.53 -31.46
N SER B 55 -11.80 -9.64 -30.98
CA SER B 55 -11.57 -8.40 -31.75
C SER B 55 -10.91 -8.62 -33.13
N SER B 56 -9.98 -9.56 -33.21
CA SER B 56 -9.36 -9.95 -34.49
C SER B 56 -10.33 -10.71 -35.38
N LEU B 57 -11.14 -11.56 -34.77
CA LEU B 57 -12.13 -12.32 -35.53
C LEU B 57 -13.17 -11.37 -36.12
N ILE B 58 -13.54 -10.31 -35.38
CA ILE B 58 -14.48 -9.31 -35.88
C ILE B 58 -13.93 -8.55 -37.08
N THR B 59 -12.69 -8.06 -36.99
CA THR B 59 -12.14 -7.30 -38.12
C THR B 59 -12.03 -8.17 -39.39
N THR B 60 -11.67 -9.44 -39.21
CA THR B 60 -11.61 -10.41 -40.30
C THR B 60 -13.00 -10.69 -40.88
N TYR B 61 -13.96 -10.98 -40.00
CA TYR B 61 -15.34 -11.22 -40.43
C TYR B 61 -15.96 -10.06 -41.22
N LEU B 62 -15.56 -8.83 -40.89
CA LEU B 62 -16.09 -7.65 -41.55
C LEU B 62 -15.25 -7.19 -42.74
N ASN B 63 -14.27 -7.99 -43.12
CA ASN B 63 -13.35 -7.66 -44.23
C ASN B 63 -12.62 -6.34 -44.02
N LEU B 64 -12.29 -6.07 -42.75
CA LEU B 64 -11.51 -4.90 -42.37
C LEU B 64 -10.17 -5.44 -41.95
N ASP B 65 -9.59 -6.25 -42.83
CA ASP B 65 -8.55 -7.18 -42.40
C ASP B 65 -7.37 -6.51 -41.69
N TYR B 66 -6.92 -5.35 -42.20
CA TYR B 66 -5.72 -4.66 -41.67
C TYR B 66 -6.00 -3.67 -40.53
N VAL B 67 -7.27 -3.36 -40.30
CA VAL B 67 -7.65 -2.32 -39.33
C VAL B 67 -7.36 -2.83 -37.92
N PRO B 68 -6.56 -2.08 -37.13
CA PRO B 68 -6.26 -2.60 -35.78
C PRO B 68 -7.49 -2.62 -34.88
N SER B 69 -7.52 -3.54 -33.92
CA SER B 69 -8.66 -3.62 -33.01
C SER B 69 -8.21 -4.12 -31.66
N LEU B 70 -9.09 -3.94 -30.67
CA LEU B 70 -8.89 -4.48 -29.33
C LEU B 70 -10.24 -4.56 -28.67
N ARG B 71 -10.33 -5.34 -27.60
CA ARG B 71 -11.54 -5.48 -26.81
C ARG B 71 -11.39 -4.74 -25.50
N VAL B 72 -12.42 -4.00 -25.11
CA VAL B 72 -12.50 -3.32 -23.80
C VAL B 72 -13.55 -4.04 -22.97
N ASP B 73 -13.17 -4.48 -21.78
CA ASP B 73 -14.09 -5.12 -20.87
C ASP B 73 -14.09 -4.35 -19.56
N ASN B 74 -15.28 -3.90 -19.16
CA ASN B 74 -15.49 -3.34 -17.82
C ASN B 74 -16.88 -3.85 -17.42
N THR B 75 -17.05 -5.17 -17.62
CA THR B 75 -18.35 -5.88 -17.41
C THR B 75 -19.55 -5.00 -17.83
N SER B 76 -20.52 -4.75 -16.95
CA SER B 76 -21.70 -3.95 -17.37
C SER B 76 -21.40 -2.50 -17.73
N GLY B 77 -20.22 -2.03 -17.36
CA GLY B 77 -19.74 -0.70 -17.75
C GLY B 77 -18.88 -0.70 -19.00
N SER B 78 -18.85 -1.81 -19.75
CA SER B 78 -17.91 -1.91 -20.88
C SER B 78 -18.15 -0.86 -21.97
N GLY B 79 -19.41 -0.60 -22.30
CA GLY B 79 -19.73 0.29 -23.45
C GLY B 79 -19.22 1.71 -23.19
N GLY B 80 -19.44 2.19 -21.96
CA GLY B 80 -18.96 3.52 -21.55
C GLY B 80 -17.45 3.61 -21.63
N SER B 81 -16.76 2.61 -21.07
CA SER B 81 -15.30 2.58 -21.12
C SER B 81 -14.77 2.54 -22.56
N ALA B 82 -15.46 1.80 -23.43
CA ALA B 82 -15.02 1.64 -24.80
C ALA B 82 -15.11 2.98 -25.54
N ILE B 83 -16.18 3.70 -25.26
CA ILE B 83 -16.39 5.01 -25.86
C ILE B 83 -15.29 5.99 -25.42
N LEU B 84 -14.92 5.93 -24.14
CA LEU B 84 -13.81 6.77 -23.64
C LEU B 84 -12.52 6.44 -24.37
N VAL B 85 -12.22 5.15 -24.52
CA VAL B 85 -11.04 4.74 -25.28
C VAL B 85 -11.07 5.26 -26.71
N ALA B 86 -12.22 5.13 -27.37
CA ALA B 86 -12.34 5.66 -28.73
C ALA B 86 -12.07 7.19 -28.78
N LYS B 87 -12.67 7.91 -27.84
CA LYS B 87 -12.46 9.38 -27.73
C LYS B 87 -10.95 9.68 -27.60
N SER B 88 -10.27 8.93 -26.75
N SER B 88 -10.26 8.94 -26.74
CA SER B 88 -8.86 9.20 -26.50
CA SER B 88 -8.85 9.21 -26.50
C SER B 88 -8.03 8.88 -27.72
C SER B 88 -8.00 8.86 -27.71
N LEU B 89 -8.33 7.78 -28.42
CA LEU B 89 -7.57 7.44 -29.61
C LEU B 89 -7.69 8.54 -30.68
N LEU B 90 -8.89 9.11 -30.78
CA LEU B 90 -9.13 10.18 -31.75
C LEU B 90 -8.37 11.45 -31.35
N GLU B 91 -8.51 11.83 -30.10
CA GLU B 91 -7.94 13.11 -29.61
C GLU B 91 -6.40 13.07 -29.58
N SER B 92 -5.82 11.89 -29.35
CA SER B 92 -4.36 11.71 -29.36
C SER B 92 -3.81 11.59 -30.78
N LYS B 93 -4.71 11.57 -31.78
CA LYS B 93 -4.37 11.41 -33.20
C LYS B 93 -3.86 10.03 -33.58
N GLU B 94 -4.11 9.03 -32.73
CA GLU B 94 -3.72 7.68 -33.04
C GLU B 94 -4.67 7.12 -34.08
N ALA B 95 -5.88 7.65 -34.11
CA ALA B 95 -6.88 7.24 -35.10
C ALA B 95 -7.67 8.47 -35.59
N ASN B 96 -8.29 8.34 -36.75
CA ASN B 96 -9.17 9.38 -37.30
C ASN B 96 -10.64 8.99 -37.39
N THR B 97 -10.93 7.68 -37.50
CA THR B 97 -12.32 7.25 -37.68
C THR B 97 -12.52 5.92 -36.93
N VAL B 98 -13.07 6.00 -35.73
CA VAL B 98 -13.13 4.82 -34.85
C VAL B 98 -14.53 4.21 -34.87
N LEU B 99 -14.60 2.90 -35.08
CA LEU B 99 -15.86 2.19 -34.94
C LEU B 99 -15.85 1.53 -33.57
N VAL B 100 -16.86 1.82 -32.78
CA VAL B 100 -17.05 1.12 -31.51
C VAL B 100 -18.21 0.16 -31.71
N VAL B 101 -17.94 -1.13 -31.51
N VAL B 101 -17.98 -1.13 -31.49
CA VAL B 101 -19.02 -2.14 -31.54
CA VAL B 101 -19.08 -2.09 -31.58
C VAL B 101 -19.21 -2.69 -30.12
C VAL B 101 -19.27 -2.80 -30.23
N GLY B 102 -20.40 -2.54 -29.58
CA GLY B 102 -20.76 -3.17 -28.32
C GLY B 102 -21.63 -4.36 -28.68
N VAL B 103 -21.27 -5.52 -28.17
CA VAL B 103 -22.01 -6.74 -28.54
C VAL B 103 -21.91 -7.75 -27.41
N GLU B 104 -22.99 -8.47 -27.15
CA GLU B 104 -22.96 -9.55 -26.20
C GLU B 104 -23.94 -10.63 -26.63
N LYS B 105 -23.48 -11.87 -26.48
CA LYS B 105 -24.33 -13.03 -26.74
C LYS B 105 -24.38 -13.80 -25.42
N MSE B 106 -25.51 -13.71 -24.73
CA MSE B 106 -25.66 -14.26 -23.39
C MSE B 106 -26.56 -15.48 -23.38
O MSE B 106 -26.58 -16.24 -22.40
CB MSE B 106 -26.37 -13.20 -22.52
CG MSE B 106 -25.48 -11.96 -22.36
SE MSE B 106 -26.41 -10.66 -21.19
CE MSE B 106 -26.11 -11.58 -19.44
N SER B 107 -27.31 -15.63 -24.45
CA SER B 107 -28.42 -16.59 -24.56
C SER B 107 -28.07 -18.03 -24.19
N GLU B 108 -26.95 -18.54 -24.72
CA GLU B 108 -26.61 -19.98 -24.61
C GLU B 108 -25.75 -20.36 -23.40
N ILE B 117 -21.15 -11.51 -13.23
CA ILE B 117 -20.96 -10.50 -12.19
C ILE B 117 -21.64 -10.92 -10.88
N ILE B 118 -20.84 -11.03 -9.82
CA ILE B 118 -21.31 -11.35 -8.47
C ILE B 118 -20.54 -10.43 -7.53
N SER B 119 -20.98 -10.33 -6.28
CA SER B 119 -20.33 -9.43 -5.32
C SER B 119 -20.07 -10.10 -3.98
N SER B 120 -18.90 -9.82 -3.39
CA SER B 120 -18.59 -10.29 -2.05
C SER B 120 -19.19 -9.36 -0.99
N LEU B 121 -19.72 -9.98 0.07
CA LEU B 121 -20.13 -9.28 1.29
C LEU B 121 -19.13 -9.63 2.38
N LEU B 122 -18.50 -8.60 2.96
CA LEU B 122 -17.41 -8.80 3.91
C LEU B 122 -17.71 -8.09 5.23
N PRO B 123 -18.23 -8.86 6.18
CA PRO B 123 -18.63 -8.34 7.49
C PRO B 123 -17.58 -8.65 8.55
N ARG B 127 -19.37 -14.27 2.14
CA ARG B 127 -20.65 -14.48 1.47
C ARG B 127 -20.71 -13.80 0.10
N ILE B 128 -21.10 -14.58 -0.91
CA ILE B 128 -21.31 -14.08 -2.27
C ILE B 128 -22.79 -13.72 -2.45
N ALA B 129 -23.05 -12.53 -2.99
CA ALA B 129 -24.42 -12.08 -3.29
C ALA B 129 -24.55 -11.69 -4.75
N SER B 130 -25.70 -12.01 -5.35
CA SER B 130 -25.95 -11.67 -6.74
C SER B 130 -26.36 -10.19 -6.80
N LEU B 131 -26.21 -9.56 -7.97
CA LEU B 131 -26.68 -8.18 -8.14
C LEU B 131 -28.18 -8.00 -7.80
N PRO B 132 -29.05 -8.92 -8.26
CA PRO B 132 -30.46 -8.75 -7.90
C PRO B 132 -30.73 -8.72 -6.40
N SER B 133 -29.99 -9.53 -5.63
N SER B 133 -29.98 -9.52 -5.64
CA SER B 133 -30.09 -9.54 -4.17
CA SER B 133 -30.08 -9.55 -4.17
C SER B 133 -29.72 -8.18 -3.56
C SER B 133 -29.64 -8.24 -3.50
N LEU B 134 -28.67 -7.56 -4.07
CA LEU B 134 -28.24 -6.26 -3.54
C LEU B 134 -29.28 -5.20 -3.82
N ALA B 135 -29.90 -5.28 -4.99
CA ALA B 135 -30.93 -4.31 -5.36
C ALA B 135 -32.11 -4.35 -4.39
N SER B 136 -32.50 -5.55 -3.96
CA SER B 136 -33.63 -5.68 -3.03
C SER B 136 -33.26 -5.12 -1.66
N ILE B 137 -31.99 -5.25 -1.29
CA ILE B 137 -31.52 -4.64 -0.05
C ILE B 137 -31.63 -3.12 -0.14
N SER B 138 -31.24 -2.54 -1.28
CA SER B 138 -31.35 -1.10 -1.48
C SER B 138 -32.81 -0.65 -1.52
N ALA B 139 -33.68 -1.46 -2.13
CA ALA B 139 -35.09 -1.10 -2.20
C ALA B 139 -35.67 -1.00 -0.80
N ILE B 140 -35.38 -1.99 0.03
CA ILE B 140 -35.91 -2.02 1.41
C ILE B 140 -35.37 -0.83 2.21
N GLU B 141 -34.08 -0.57 2.05
CA GLU B 141 -33.43 0.48 2.83
C GLU B 141 -33.86 1.86 2.39
N TYR B 142 -34.00 2.05 1.08
CA TYR B 142 -34.51 3.31 0.52
C TYR B 142 -35.93 3.62 1.02
N MSE B 143 -36.80 2.61 1.04
CA MSE B 143 -38.16 2.77 1.54
C MSE B 143 -38.17 3.15 3.03
O MSE B 143 -38.91 4.03 3.43
CB MSE B 143 -38.97 1.50 1.32
CG MSE B 143 -39.36 1.39 -0.15
SE MSE B 143 -40.49 -0.23 -0.37
CE MSE B 143 -39.18 -1.69 -0.24
N ARG B 144 -37.37 2.44 3.83
CA ARG B 144 -37.34 2.67 5.29
C ARG B 144 -36.79 4.07 5.58
N LYS B 145 -35.65 4.38 4.98
CA LYS B 145 -34.97 5.65 5.23
C LYS B 145 -35.78 6.89 4.82
N PHE B 146 -36.42 6.84 3.65
CA PHE B 146 -36.99 8.04 3.06
C PHE B 146 -38.52 8.05 3.04
N ASN B 147 -39.12 7.05 3.67
CA ASN B 147 -40.58 6.84 3.64
C ASN B 147 -41.14 6.88 2.22
N ALA B 148 -40.41 6.24 1.31
CA ALA B 148 -40.83 6.11 -0.09
C ALA B 148 -41.81 4.96 -0.15
N PRO B 149 -42.94 5.14 -0.85
CA PRO B 149 -43.89 4.02 -0.99
C PRO B 149 -43.37 2.97 -2.00
N ARG B 150 -43.73 1.70 -1.76
CA ARG B 150 -43.40 0.59 -2.66
C ARG B 150 -43.74 0.92 -4.12
N GLU B 151 -44.83 1.65 -4.31
CA GLU B 151 -45.32 1.99 -5.64
C GLU B 151 -44.40 2.89 -6.44
N SER B 152 -43.66 3.77 -5.73
N SER B 152 -43.67 3.76 -5.74
CA SER B 152 -42.70 4.67 -6.39
CA SER B 152 -42.73 4.67 -6.39
C SER B 152 -41.61 3.88 -7.12
C SER B 152 -41.60 3.89 -7.10
N ILE B 153 -41.21 2.76 -6.53
CA ILE B 153 -40.19 1.87 -7.10
C ILE B 153 -40.77 1.07 -8.28
N ALA B 154 -41.94 0.48 -8.07
CA ALA B 154 -42.60 -0.24 -9.18
C ALA B 154 -42.96 0.65 -10.37
N GLN B 155 -43.28 1.92 -10.12
CA GLN B 155 -43.64 2.85 -11.18
C GLN B 155 -42.53 3.07 -12.20
N VAL B 156 -41.26 2.95 -11.77
CA VAL B 156 -40.16 3.02 -12.72
C VAL B 156 -40.35 1.99 -13.85
N ALA B 157 -40.78 0.78 -13.48
CA ALA B 157 -40.99 -0.30 -14.46
C ALA B 157 -42.18 -0.02 -15.38
N VAL B 158 -43.22 0.60 -14.82
CA VAL B 158 -44.38 1.02 -15.62
C VAL B 158 -43.94 2.01 -16.69
N LYS B 159 -43.23 3.06 -16.27
CA LYS B 159 -42.71 4.04 -17.21
C LYS B 159 -41.78 3.43 -18.25
N ASN B 160 -40.86 2.59 -17.80
CA ASN B 160 -39.90 2.04 -18.72
C ASN B 160 -40.50 1.01 -19.72
N HIS B 161 -41.43 0.20 -19.26
CA HIS B 161 -42.13 -0.70 -20.18
C HIS B 161 -42.95 0.12 -21.19
N TYR B 162 -43.54 1.24 -20.74
CA TYR B 162 -44.23 2.13 -21.68
C TYR B 162 -43.27 2.64 -22.77
N ASN B 163 -42.14 3.22 -22.35
CA ASN B 163 -41.18 3.72 -23.30
C ASN B 163 -40.67 2.62 -24.23
N GLY B 164 -40.39 1.44 -23.65
CA GLY B 164 -39.85 0.35 -24.46
C GLY B 164 -40.89 -0.19 -25.45
N SER B 165 -42.17 -0.04 -25.12
CA SER B 165 -43.24 -0.47 -26.06
C SER B 165 -43.22 0.39 -27.33
N LEU B 166 -42.53 1.53 -27.28
CA LEU B 166 -42.36 2.40 -28.44
C LEU B 166 -41.03 2.19 -29.17
N ASN B 167 -40.19 1.31 -28.63
CA ASN B 167 -38.84 1.07 -29.14
C ASN B 167 -38.83 -0.25 -29.90
N PRO B 168 -38.76 -0.22 -31.24
CA PRO B 168 -38.88 -1.49 -32.00
C PRO B 168 -37.66 -2.42 -31.84
N PHE B 169 -36.58 -1.92 -31.24
CA PHE B 169 -35.41 -2.74 -30.96
C PHE B 169 -35.42 -3.40 -29.57
N ALA B 170 -36.35 -3.02 -28.71
CA ALA B 170 -36.33 -3.48 -27.31
C ALA B 170 -36.67 -4.97 -27.13
N HIS B 171 -35.98 -5.60 -26.19
CA HIS B 171 -36.24 -6.99 -25.78
C HIS B 171 -37.70 -7.15 -25.36
N ILE B 172 -38.21 -6.18 -24.63
CA ILE B 172 -39.58 -6.22 -24.11
C ILE B 172 -40.32 -5.05 -24.73
N GLN B 173 -41.44 -5.35 -25.37
CA GLN B 173 -42.31 -4.32 -25.95
C GLN B 173 -43.74 -4.60 -25.53
N LYS B 174 -44.00 -4.39 -24.25
CA LYS B 174 -45.29 -4.74 -23.66
C LYS B 174 -45.56 -3.86 -22.45
N ARG B 175 -46.63 -3.05 -22.52
N ARG B 175 -46.63 -3.05 -22.51
CA ARG B 175 -47.05 -2.18 -21.42
CA ARG B 175 -47.00 -2.17 -21.41
C ARG B 175 -47.49 -3.01 -20.21
C ARG B 175 -47.54 -2.95 -20.21
N VAL B 176 -47.14 -2.52 -19.02
CA VAL B 176 -47.59 -3.14 -17.76
C VAL B 176 -48.09 -2.07 -16.82
N THR B 177 -49.08 -2.40 -16.01
CA THR B 177 -49.56 -1.50 -14.96
C THR B 177 -48.79 -1.68 -13.68
N LEU B 178 -48.97 -0.74 -12.74
CA LEU B 178 -48.42 -0.87 -11.41
C LEU B 178 -48.78 -2.19 -10.75
N GLU B 179 -50.06 -2.56 -10.80
CA GLU B 179 -50.56 -3.80 -10.23
C GLU B 179 -49.83 -5.02 -10.83
N GLU B 180 -49.63 -5.00 -12.14
CA GLU B 180 -48.94 -6.12 -12.82
C GLU B 180 -47.51 -6.23 -12.35
N VAL B 181 -46.81 -5.09 -12.28
CA VAL B 181 -45.45 -5.10 -11.77
C VAL B 181 -45.39 -5.68 -10.37
N LEU B 182 -46.28 -5.20 -9.50
CA LEU B 182 -46.27 -5.63 -8.11
C LEU B 182 -46.71 -7.07 -7.88
N ASN B 183 -47.35 -7.69 -8.87
CA ASN B 183 -47.78 -9.09 -8.72
C ASN B 183 -46.88 -10.05 -9.50
N SER B 184 -45.93 -9.52 -10.26
CA SER B 184 -45.06 -10.39 -11.10
C SER B 184 -44.12 -11.19 -10.18
N PRO B 185 -43.58 -12.32 -10.66
CA PRO B 185 -42.87 -13.25 -9.77
C PRO B 185 -41.76 -12.58 -8.95
N VAL B 186 -41.71 -12.90 -7.67
CA VAL B 186 -40.67 -12.36 -6.79
C VAL B 186 -39.31 -12.90 -7.27
N ILE B 187 -38.36 -11.99 -7.43
CA ILE B 187 -36.99 -12.37 -7.78
C ILE B 187 -36.11 -12.29 -6.52
N SER B 188 -36.21 -11.19 -5.80
CA SER B 188 -35.53 -11.01 -4.52
C SER B 188 -36.37 -10.05 -3.70
N GLU B 189 -37.06 -10.60 -2.70
CA GLU B 189 -38.06 -9.88 -1.95
C GLU B 189 -37.56 -8.49 -1.52
N PRO B 190 -38.32 -7.41 -1.81
CA PRO B 190 -39.64 -7.32 -2.42
C PRO B 190 -39.66 -7.17 -3.95
N LEU B 191 -38.49 -7.16 -4.60
CA LEU B 191 -38.44 -6.84 -6.02
C LEU B 191 -38.88 -7.98 -6.90
N ARG B 192 -39.58 -7.61 -7.97
CA ARG B 192 -40.24 -8.58 -8.82
C ARG B 192 -39.71 -8.56 -10.23
N LEU B 193 -40.09 -9.58 -11.00
N LEU B 193 -40.05 -9.60 -11.00
CA LEU B 193 -39.50 -9.88 -12.29
CA LEU B 193 -39.43 -9.84 -12.31
C LEU B 193 -39.56 -8.71 -13.31
C LEU B 193 -39.50 -8.61 -13.24
N TYR B 194 -40.68 -7.99 -13.31
CA TYR B 194 -40.85 -6.83 -14.19
C TYR B 194 -39.98 -5.63 -13.81
N GLU B 195 -39.32 -5.69 -12.65
CA GLU B 195 -38.45 -4.61 -12.18
C GLU B 195 -36.97 -4.83 -12.48
N TYR B 196 -36.64 -5.96 -13.10
CA TYR B 196 -35.23 -6.29 -13.42
C TYR B 196 -35.03 -6.38 -14.93
N THR B 197 -33.82 -6.08 -15.38
CA THR B 197 -33.46 -6.20 -16.80
C THR B 197 -33.25 -7.67 -17.16
N PRO B 198 -33.77 -8.11 -18.32
CA PRO B 198 -33.52 -9.50 -18.73
C PRO B 198 -32.13 -9.70 -19.31
N ILE B 199 -31.63 -10.93 -19.21
CA ILE B 199 -30.50 -11.48 -19.98
C ILE B 199 -30.81 -11.31 -21.46
N SER B 200 -29.87 -10.80 -22.24
N SER B 200 -29.90 -10.72 -22.23
CA SER B 200 -30.18 -10.44 -23.62
CA SER B 200 -30.18 -10.41 -23.64
C SER B 200 -28.99 -10.53 -24.57
C SER B 200 -28.99 -10.56 -24.56
N ASP B 201 -29.27 -10.78 -25.85
CA ASP B 201 -28.27 -10.73 -26.91
C ASP B 201 -28.54 -9.45 -27.72
N GLY B 202 -27.49 -8.85 -28.25
CA GLY B 202 -27.70 -7.69 -29.13
C GLY B 202 -26.40 -6.97 -29.41
N ALA B 203 -26.46 -5.98 -30.31
CA ALA B 203 -25.29 -5.20 -30.63
C ALA B 203 -25.69 -3.79 -30.97
N ALA B 204 -24.75 -2.87 -30.71
CA ALA B 204 -24.92 -1.45 -30.96
C ALA B 204 -23.58 -0.96 -31.46
N ALA B 205 -23.59 0.05 -32.34
CA ALA B 205 -22.33 0.54 -32.88
C ALA B 205 -22.38 2.04 -33.09
N VAL B 206 -21.23 2.69 -32.91
CA VAL B 206 -21.10 4.12 -33.28
C VAL B 206 -19.85 4.33 -34.09
N VAL B 207 -19.89 5.34 -34.99
CA VAL B 207 -18.71 5.77 -35.71
C VAL B 207 -18.37 7.16 -35.13
N MSE B 208 -17.11 7.31 -34.74
CA MSE B 208 -16.68 8.53 -34.03
C MSE B 208 -15.49 9.14 -34.72
O MSE B 208 -14.60 8.45 -35.20
CB MSE B 208 -16.29 8.18 -32.58
CG MSE B 208 -17.55 7.96 -31.75
SE MSE B 208 -17.15 7.09 -30.01
CE MSE B 208 -15.94 8.48 -29.24
N VAL B 209 -15.49 10.48 -34.78
CA VAL B 209 -14.39 11.23 -35.42
C VAL B 209 -14.13 12.50 -34.59
N ARG B 210 -13.01 13.15 -34.83
CA ARG B 210 -12.72 14.42 -34.12
C ARG B 210 -13.68 15.53 -34.59
N ASN B 211 -13.83 16.54 -33.73
CA ASN B 211 -14.80 17.61 -33.94
C ASN B 211 -14.65 18.26 -35.30
N GLU B 212 -13.40 18.47 -35.73
CA GLU B 212 -13.16 19.20 -36.97
C GLU B 212 -13.57 18.42 -38.22
N ASP B 213 -13.71 17.10 -38.08
CA ASP B 213 -14.15 16.23 -39.17
C ASP B 213 -15.66 16.03 -39.24
N ALA B 214 -16.37 16.33 -38.15
CA ALA B 214 -17.77 15.88 -37.97
C ALA B 214 -18.71 16.25 -39.11
N LEU B 215 -18.67 17.51 -39.53
CA LEU B 215 -19.63 18.01 -40.53
C LEU B 215 -19.39 17.49 -41.94
N SER B 216 -18.23 16.90 -42.21
CA SER B 216 -17.99 16.28 -43.50
C SER B 216 -18.67 14.91 -43.64
N TYR B 217 -19.26 14.42 -42.53
CA TYR B 217 -19.93 13.13 -42.51
C TYR B 217 -21.45 13.26 -42.49
N THR B 218 -21.92 14.23 -41.73
CA THR B 218 -23.35 14.47 -41.52
C THR B 218 -23.56 15.93 -41.08
N SER B 219 -24.68 16.52 -41.49
CA SER B 219 -25.01 17.89 -41.07
C SER B 219 -25.46 17.97 -39.61
N LYS B 220 -25.70 16.81 -39.00
CA LYS B 220 -26.17 16.79 -37.62
C LYS B 220 -25.35 15.78 -36.78
N PRO B 221 -24.06 16.06 -36.57
CA PRO B 221 -23.28 15.22 -35.65
C PRO B 221 -23.76 15.36 -34.22
N VAL B 222 -23.48 14.37 -33.37
CA VAL B 222 -23.84 14.47 -31.97
C VAL B 222 -22.54 14.34 -31.22
N TYR B 223 -22.22 15.41 -30.49
CA TYR B 223 -20.91 15.51 -29.85
C TYR B 223 -20.89 14.93 -28.46
N ILE B 224 -19.72 14.37 -28.10
CA ILE B 224 -19.48 14.02 -26.72
C ILE B 224 -18.83 15.25 -26.10
N LYS B 225 -19.57 15.90 -25.22
CA LYS B 225 -19.07 17.13 -24.59
C LYS B 225 -18.13 16.82 -23.43
N GLY B 226 -18.32 15.66 -22.80
CA GLY B 226 -17.46 15.31 -21.68
C GLY B 226 -17.78 13.92 -21.15
N ILE B 227 -16.75 13.29 -20.60
CA ILE B 227 -16.87 11.98 -19.97
C ILE B 227 -16.27 12.06 -18.57
N GLY B 228 -16.96 11.49 -17.57
CA GLY B 228 -16.42 11.30 -16.23
C GLY B 228 -16.38 9.82 -15.88
N SER B 229 -15.33 9.42 -15.17
CA SER B 229 -15.01 8.01 -14.89
C SER B 229 -14.58 7.85 -13.44
N SER B 230 -15.13 6.86 -12.77
CA SER B 230 -14.74 6.57 -11.41
C SER B 230 -15.03 5.12 -11.09
N ASN B 231 -14.20 4.53 -10.25
CA ASN B 231 -14.53 3.24 -9.62
C ASN B 231 -15.01 3.48 -8.19
N TYR B 232 -15.44 2.41 -7.53
CA TYR B 232 -15.69 2.43 -6.08
C TYR B 232 -15.44 1.03 -5.55
N THR B 233 -15.23 0.91 -4.23
CA THR B 233 -15.01 -0.39 -3.59
C THR B 233 -15.92 -1.51 -4.13
N ALA B 234 -15.30 -2.59 -4.59
CA ALA B 234 -16.01 -3.67 -5.30
C ALA B 234 -16.56 -4.77 -4.40
N TYR B 235 -16.61 -4.54 -3.09
CA TYR B 235 -17.30 -5.46 -2.19
C TYR B 235 -18.19 -4.63 -1.27
N VAL B 236 -19.16 -5.29 -0.65
CA VAL B 236 -20.06 -4.65 0.29
C VAL B 236 -19.60 -4.98 1.70
N SER B 237 -19.51 -3.95 2.53
CA SER B 237 -19.27 -4.14 3.96
C SER B 237 -20.38 -3.45 4.75
N GLU B 238 -20.31 -3.52 6.08
CA GLU B 238 -21.33 -2.95 6.97
C GLU B 238 -21.50 -1.42 6.82
N LYS B 239 -20.46 -0.75 6.30
CA LYS B 239 -20.47 0.70 6.17
C LYS B 239 -21.16 1.26 4.90
N GLU B 240 -21.54 0.39 3.96
CA GLU B 240 -22.28 0.88 2.80
C GLU B 240 -23.70 1.23 3.24
N ASP B 241 -24.19 2.40 2.82
CA ASP B 241 -25.55 2.84 3.17
C ASP B 241 -26.66 2.20 2.30
N PHE B 242 -26.26 1.61 1.17
CA PHE B 242 -27.18 0.99 0.18
C PHE B 242 -28.14 1.92 -0.53
N VAL B 243 -27.95 3.24 -0.39
CA VAL B 243 -28.84 4.19 -1.06
C VAL B 243 -28.11 5.21 -1.90
N THR B 244 -26.78 5.08 -1.92
CA THR B 244 -25.90 5.94 -2.71
C THR B 244 -24.88 5.08 -3.46
N LEU B 245 -24.59 5.48 -4.70
CA LEU B 245 -23.54 4.86 -5.50
C LEU B 245 -22.38 5.86 -5.66
N PRO B 246 -21.36 5.78 -4.78
CA PRO B 246 -20.35 6.83 -4.85
C PRO B 246 -19.59 6.96 -6.18
N ALA B 247 -19.41 5.85 -6.92
CA ALA B 247 -18.74 5.95 -8.22
C ALA B 247 -19.57 6.81 -9.19
N VAL B 248 -20.90 6.67 -9.10
CA VAL B 248 -21.79 7.46 -9.96
C VAL B 248 -21.75 8.96 -9.57
N VAL B 249 -21.78 9.24 -8.27
CA VAL B 249 -21.67 10.63 -7.78
C VAL B 249 -20.39 11.28 -8.35
N GLU B 250 -19.25 10.59 -8.22
N GLU B 250 -19.25 10.58 -8.22
CA GLU B 250 -17.97 11.15 -8.64
CA GLU B 250 -17.97 11.14 -8.63
C GLU B 250 -17.79 11.21 -10.16
C GLU B 250 -17.78 11.21 -10.16
N ALA B 251 -18.19 10.16 -10.87
CA ALA B 251 -18.16 10.20 -12.35
C ALA B 251 -19.03 11.35 -12.91
N SER B 252 -20.20 11.55 -12.32
N SER B 252 -20.21 11.55 -12.34
CA SER B 252 -21.12 12.61 -12.76
CA SER B 252 -21.09 12.63 -12.82
C SER B 252 -20.53 14.00 -12.49
C SER B 252 -20.47 13.99 -12.52
N ARG B 253 -19.96 14.17 -11.29
CA ARG B 253 -19.27 15.43 -10.93
C ARG B 253 -18.23 15.79 -12.00
N LYS B 254 -17.36 14.82 -12.33
CA LYS B 254 -16.34 15.05 -13.36
C LYS B 254 -16.91 15.28 -14.75
N ALA B 255 -17.94 14.52 -15.11
CA ALA B 255 -18.54 14.69 -16.44
C ALA B 255 -19.09 16.10 -16.63
N PHE B 256 -19.88 16.56 -15.68
CA PHE B 256 -20.48 17.90 -15.79
C PHE B 256 -19.39 18.98 -15.81
N LYS B 257 -18.39 18.82 -14.95
CA LYS B 257 -17.29 19.80 -14.89
C LYS B 257 -16.60 19.85 -16.26
N LYS B 258 -16.28 18.68 -16.82
CA LYS B 258 -15.54 18.64 -18.09
C LYS B 258 -16.37 19.06 -19.31
N ALA B 259 -17.67 18.78 -19.27
CA ALA B 259 -18.58 19.11 -20.38
C ALA B 259 -18.99 20.58 -20.36
N LYS B 260 -18.80 21.22 -19.21
CA LYS B 260 -19.23 22.62 -19.05
C LYS B 260 -20.74 22.78 -19.26
N VAL B 261 -21.52 21.92 -18.59
CA VAL B 261 -22.98 22.05 -18.62
C VAL B 261 -23.45 21.91 -17.20
N GLU B 262 -24.62 22.49 -16.91
CA GLU B 262 -25.19 22.39 -15.58
C GLU B 262 -26.55 21.71 -15.61
N ARG B 263 -27.08 21.50 -16.81
CA ARG B 263 -28.43 20.96 -17.04
C ARG B 263 -28.48 19.99 -18.22
N ILE B 264 -29.38 19.01 -18.13
CA ILE B 264 -29.58 18.05 -19.22
C ILE B 264 -31.06 17.95 -19.59
N ASP B 265 -31.32 17.50 -20.81
CA ASP B 265 -32.68 17.33 -21.31
C ASP B 265 -33.23 15.91 -21.16
N PHE B 266 -32.34 14.92 -21.09
CA PHE B 266 -32.73 13.52 -20.87
C PHE B 266 -31.53 12.74 -20.35
N ALA B 267 -31.79 11.60 -19.69
CA ALA B 267 -30.70 10.72 -19.25
C ALA B 267 -31.05 9.28 -19.58
N GLU B 268 -30.07 8.55 -20.09
CA GLU B 268 -30.13 7.08 -20.18
C GLU B 268 -29.34 6.54 -19.00
N LEU B 269 -29.99 5.80 -18.11
CA LEU B 269 -29.34 5.36 -16.88
C LEU B 269 -29.15 3.85 -16.89
N HIS B 270 -28.47 3.33 -15.86
CA HIS B 270 -28.15 1.90 -15.77
C HIS B 270 -29.06 1.16 -14.81
N ASP B 271 -30.34 1.06 -15.20
CA ASP B 271 -31.37 0.55 -14.31
C ASP B 271 -31.47 -0.97 -14.37
N MSE B 272 -30.47 -1.66 -13.81
CA MSE B 272 -30.51 -3.13 -13.74
C MSE B 272 -31.73 -3.55 -12.94
O MSE B 272 -32.34 -4.61 -13.21
CB MSE B 272 -29.19 -3.59 -13.13
CG MSE B 272 -29.11 -5.10 -12.91
SE MSE B 272 -29.75 -5.61 -11.10
CE MSE B 272 -28.48 -4.52 -10.06
N ALA B 273 -32.07 -2.73 -11.96
CA ALA B 273 -33.30 -2.86 -11.20
C ALA B 273 -33.92 -1.47 -11.08
N THR B 274 -35.24 -1.43 -10.90
CA THR B 274 -35.98 -0.15 -10.85
C THR B 274 -35.41 0.81 -9.80
N ILE B 275 -35.14 0.27 -8.60
CA ILE B 275 -34.59 1.07 -7.48
C ILE B 275 -33.32 1.80 -7.91
N LEU B 276 -32.49 1.16 -8.76
CA LEU B 276 -31.25 1.80 -9.23
C LEU B 276 -31.48 3.02 -10.09
N GLU B 277 -32.57 3.06 -10.87
CA GLU B 277 -32.85 4.27 -11.63
C GLU B 277 -33.10 5.48 -10.68
N ILE B 278 -33.85 5.24 -9.62
CA ILE B 278 -34.15 6.30 -8.65
C ILE B 278 -32.84 6.78 -7.99
N ILE B 279 -32.07 5.83 -7.45
CA ILE B 279 -30.79 6.16 -6.80
C ILE B 279 -29.86 6.87 -7.77
N GLN B 280 -29.76 6.34 -9.00
CA GLN B 280 -28.91 6.97 -9.99
C GLN B 280 -29.35 8.38 -10.39
N SER B 281 -30.66 8.63 -10.45
CA SER B 281 -31.14 9.96 -10.80
C SER B 281 -30.68 10.98 -9.74
N GLU B 282 -30.59 10.55 -8.48
CA GLU B 282 -30.11 11.43 -7.38
C GLU B 282 -28.60 11.58 -7.51
N ASP B 283 -27.92 10.46 -7.74
CA ASP B 283 -26.45 10.45 -7.73
C ASP B 283 -25.85 11.23 -8.88
N ILE B 284 -26.56 11.35 -10.00
CA ILE B 284 -26.02 12.14 -11.12
C ILE B 284 -26.27 13.63 -10.89
N GLY B 285 -27.12 13.94 -9.91
CA GLY B 285 -27.33 15.33 -9.49
C GLY B 285 -28.67 15.93 -9.87
N LEU B 286 -29.62 15.12 -10.33
CA LEU B 286 -30.92 15.68 -10.71
C LEU B 286 -31.79 16.02 -9.51
N PHE B 287 -31.79 15.14 -8.52
CA PHE B 287 -32.67 15.25 -7.38
C PHE B 287 -31.86 15.01 -6.12
N LYS B 288 -32.31 15.62 -5.02
CA LYS B 288 -31.68 15.43 -3.73
C LYS B 288 -31.85 14.00 -3.30
N LYS B 289 -30.87 13.50 -2.57
CA LYS B 289 -30.89 12.15 -2.00
C LYS B 289 -32.15 11.89 -1.19
N GLY B 290 -32.94 10.91 -1.62
CA GLY B 290 -34.20 10.58 -0.97
C GLY B 290 -35.43 11.25 -1.55
N GLU B 291 -35.23 12.08 -2.58
CA GLU B 291 -36.31 12.79 -3.27
C GLU B 291 -36.55 12.24 -4.68
N GLY B 292 -35.66 11.34 -5.14
CA GLY B 292 -35.77 10.80 -6.50
C GLY B 292 -37.12 10.11 -6.70
N TRP B 293 -37.60 9.46 -5.65
CA TRP B 293 -38.87 8.74 -5.74
C TRP B 293 -40.03 9.68 -5.99
N LYS B 294 -39.95 10.90 -5.43
CA LYS B 294 -40.98 11.91 -5.67
C LYS B 294 -41.05 12.35 -7.13
N ALA B 295 -39.89 12.49 -7.77
CA ALA B 295 -39.85 12.85 -9.20
C ALA B 295 -40.54 11.79 -10.08
N VAL B 296 -40.44 10.52 -9.69
CA VAL B 296 -41.11 9.42 -10.41
C VAL B 296 -42.63 9.58 -10.26
N MSE B 297 -43.09 9.73 -9.03
CA MSE B 297 -44.52 9.82 -8.69
C MSE B 297 -45.18 11.03 -9.31
O MSE B 297 -46.35 10.99 -9.68
CB MSE B 297 -44.77 9.88 -7.19
CG MSE B 297 -44.45 8.59 -6.46
SE MSE B 297 -45.34 7.06 -7.32
CE MSE B 297 -46.52 6.70 -5.78
N GLU B 298 -44.43 12.12 -9.44
CA GLU B 298 -44.93 13.37 -10.02
C GLU B 298 -44.83 13.39 -11.54
N GLY B 299 -44.26 12.34 -12.12
CA GLY B 299 -44.19 12.21 -13.56
C GLY B 299 -43.12 13.05 -14.22
N LEU B 300 -42.17 13.56 -13.44
CA LEU B 300 -41.14 14.44 -13.98
C LEU B 300 -40.22 13.71 -14.96
N THR B 301 -40.08 12.40 -14.74
CA THR B 301 -39.08 11.61 -15.49
C THR B 301 -39.69 10.79 -16.62
N SER B 302 -41.01 10.97 -16.83
N SER B 302 -41.00 10.97 -16.84
CA SER B 302 -41.72 10.35 -17.95
CA SER B 302 -41.70 10.32 -17.95
C SER B 302 -41.33 10.99 -19.27
C SER B 302 -41.33 10.99 -19.26
N LEU B 303 -41.73 10.37 -20.37
CA LEU B 303 -41.42 10.85 -21.71
C LEU B 303 -41.90 12.28 -22.00
N ASP B 304 -43.04 12.66 -21.41
CA ASP B 304 -43.57 14.01 -21.56
C ASP B 304 -43.22 14.90 -20.35
N GLY B 305 -42.30 14.42 -19.50
CA GLY B 305 -41.90 15.16 -18.30
C GLY B 305 -40.80 16.18 -18.58
N GLU B 306 -40.46 16.95 -17.55
CA GLU B 306 -39.41 17.96 -17.66
C GLU B 306 -38.01 17.37 -17.86
N ILE B 307 -37.82 16.13 -17.40
CA ILE B 307 -36.49 15.51 -17.45
C ILE B 307 -36.65 13.99 -17.66
N PRO B 308 -36.93 13.59 -18.91
CA PRO B 308 -37.23 12.18 -19.19
C PRO B 308 -36.01 11.32 -18.91
N ILE B 309 -36.22 10.25 -18.16
CA ILE B 309 -35.14 9.31 -17.86
C ILE B 309 -35.47 8.00 -18.60
N ASN B 310 -34.47 7.43 -19.24
CA ASN B 310 -34.68 6.17 -19.98
C ASN B 310 -35.82 6.21 -21.01
N PRO B 311 -35.78 7.20 -21.93
CA PRO B 311 -36.75 7.21 -23.00
C PRO B 311 -36.64 5.99 -23.92
N SER B 312 -35.49 5.31 -23.91
CA SER B 312 -35.31 4.06 -24.68
C SER B 312 -36.19 2.93 -24.13
N GLY B 313 -36.60 3.03 -22.86
CA GLY B 313 -37.12 1.86 -22.13
C GLY B 313 -36.15 1.42 -21.03
N GLY B 314 -34.93 1.98 -21.08
CA GLY B 314 -33.89 1.66 -20.09
C GLY B 314 -33.49 0.18 -20.19
N LEU B 315 -32.61 -0.26 -19.28
CA LEU B 315 -32.27 -1.68 -19.26
C LEU B 315 -33.54 -2.47 -18.97
N ASN B 316 -34.45 -1.87 -18.21
CA ASN B 316 -35.69 -2.51 -17.78
C ASN B 316 -36.44 -3.14 -18.96
N SER B 317 -36.55 -2.39 -20.05
N SER B 317 -36.58 -2.41 -20.05
CA SER B 317 -37.32 -2.85 -21.23
CA SER B 317 -37.27 -2.99 -21.20
C SER B 317 -36.50 -3.09 -22.50
C SER B 317 -36.37 -3.28 -22.38
N LYS B 318 -35.31 -2.49 -22.59
CA LYS B 318 -34.40 -2.79 -23.72
C LYS B 318 -33.84 -4.19 -23.63
N GLY B 319 -33.64 -4.67 -22.39
CA GLY B 319 -32.74 -5.79 -22.11
C GLY B 319 -31.29 -5.32 -22.03
N HIS B 320 -30.40 -6.21 -21.57
CA HIS B 320 -29.05 -5.78 -21.20
C HIS B 320 -28.04 -6.80 -21.68
N PRO B 321 -27.69 -6.71 -22.98
CA PRO B 321 -26.55 -7.46 -23.48
C PRO B 321 -25.32 -6.75 -22.94
N ILE B 322 -24.62 -7.36 -21.97
CA ILE B 322 -23.63 -6.68 -21.12
C ILE B 322 -22.78 -5.62 -21.85
N GLY B 323 -22.02 -6.06 -22.86
CA GLY B 323 -21.09 -5.19 -23.60
C GLY B 323 -21.76 -4.18 -24.53
N ALA B 324 -22.98 -4.47 -24.94
CA ALA B 324 -23.71 -3.60 -25.88
C ALA B 324 -24.37 -2.39 -25.23
N SER B 325 -24.80 -2.53 -23.98
CA SER B 325 -25.68 -1.52 -23.35
C SER B 325 -25.11 -0.10 -23.34
N GLY B 326 -23.84 0.04 -22.96
CA GLY B 326 -23.19 1.37 -22.91
C GLY B 326 -23.13 2.04 -24.27
N VAL B 327 -22.99 1.23 -25.31
CA VAL B 327 -22.93 1.74 -26.67
C VAL B 327 -24.36 2.05 -27.15
N ALA B 328 -25.33 1.20 -26.81
CA ALA B 328 -26.74 1.48 -27.13
C ALA B 328 -27.24 2.81 -26.55
N GLN B 329 -26.75 3.17 -25.36
CA GLN B 329 -27.12 4.46 -24.75
C GLN B 329 -26.64 5.62 -25.63
N ALA B 330 -25.46 5.48 -26.23
CA ALA B 330 -24.93 6.52 -27.13
C ALA B 330 -25.76 6.59 -28.40
N VAL B 331 -26.17 5.41 -28.89
CA VAL B 331 -27.07 5.34 -30.03
C VAL B 331 -28.39 6.09 -29.74
N GLU B 332 -28.97 5.90 -28.56
CA GLU B 332 -30.18 6.58 -28.14
C GLU B 332 -29.93 8.09 -28.09
N ALA B 333 -28.83 8.50 -27.46
CA ALA B 333 -28.55 9.94 -27.38
C ALA B 333 -28.38 10.57 -28.78
N PHE B 334 -27.70 9.87 -29.68
CA PHE B 334 -27.55 10.27 -31.08
C PHE B 334 -28.93 10.48 -31.72
N SER B 335 -29.79 9.48 -31.61
N SER B 335 -29.78 9.47 -31.60
CA SER B 335 -31.13 9.59 -32.21
CA SER B 335 -31.13 9.53 -32.16
C SER B 335 -31.99 10.69 -31.61
C SER B 335 -31.93 10.71 -31.61
N GLN B 336 -31.94 10.84 -30.29
CA GLN B 336 -32.73 11.86 -29.58
C GLN B 336 -32.32 13.26 -29.96
N ILE B 337 -31.01 13.48 -30.01
CA ILE B 337 -30.47 14.83 -30.25
C ILE B 337 -30.65 15.22 -31.71
N ARG B 338 -30.78 14.22 -32.60
CA ARG B 338 -31.06 14.45 -34.02
C ARG B 338 -32.55 14.46 -34.36
N ASN B 339 -33.41 14.41 -33.34
CA ASN B 339 -34.87 14.38 -33.56
C ASN B 339 -35.28 13.19 -34.46
N GLU B 340 -34.60 12.05 -34.26
CA GLU B 340 -34.86 10.84 -35.03
C GLU B 340 -35.44 9.69 -34.20
N ALA B 341 -35.89 9.97 -32.97
CA ALA B 341 -36.35 8.92 -32.06
C ALA B 341 -37.87 8.59 -32.21
N GLY B 342 -38.53 9.21 -33.17
CA GLY B 342 -39.97 8.96 -33.46
C GLY B 342 -40.92 9.11 -32.27
N ASN B 343 -41.63 8.03 -31.96
CA ASN B 343 -42.62 8.05 -30.91
C ASN B 343 -42.06 8.27 -29.52
N ARG B 344 -40.80 7.92 -29.28
CA ARG B 344 -40.20 8.16 -27.96
C ARG B 344 -39.29 9.40 -27.95
N GLN B 345 -39.48 10.29 -28.92
CA GLN B 345 -38.73 11.56 -28.98
C GLN B 345 -38.93 12.42 -27.76
N VAL B 346 -37.82 12.87 -27.17
CA VAL B 346 -37.86 13.85 -26.10
C VAL B 346 -37.93 15.21 -26.81
N LYS B 347 -38.99 15.95 -26.55
CA LYS B 347 -39.26 17.17 -27.32
C LYS B 347 -38.13 18.17 -27.14
N ASN B 348 -37.55 18.60 -28.26
CA ASN B 348 -36.49 19.64 -28.31
C ASN B 348 -35.19 19.30 -27.59
N ALA B 349 -34.91 18.02 -27.41
CA ALA B 349 -33.69 17.57 -26.74
C ALA B 349 -32.43 18.08 -27.43
N ARG B 350 -31.54 18.70 -26.66
CA ARG B 350 -30.26 19.19 -27.17
C ARG B 350 -29.06 18.61 -26.42
N VAL B 351 -29.25 18.29 -25.14
CA VAL B 351 -28.17 17.83 -24.27
C VAL B 351 -28.65 16.60 -23.51
N GLY B 352 -27.87 15.52 -23.58
CA GLY B 352 -28.25 14.29 -22.88
C GLY B 352 -27.09 13.69 -22.08
N LEU B 353 -27.41 12.72 -21.22
CA LEU B 353 -26.44 12.02 -20.40
C LEU B 353 -26.67 10.50 -20.53
N SER B 354 -25.60 9.73 -20.58
CA SER B 354 -25.71 8.27 -20.34
C SER B 354 -24.83 7.84 -19.19
N LEU B 355 -25.25 6.79 -18.49
CA LEU B 355 -24.45 6.21 -17.43
C LEU B 355 -24.30 4.72 -17.72
N SER B 356 -23.05 4.29 -17.81
CA SER B 356 -22.67 2.89 -18.02
C SER B 356 -21.98 2.40 -16.74
N MSE B 357 -22.55 1.39 -16.08
CA MSE B 357 -22.09 1.01 -14.74
C MSE B 357 -21.74 -0.45 -14.65
O MSE B 357 -22.55 -1.31 -15.01
CB MSE B 357 -23.22 1.32 -13.74
CG MSE B 357 -22.81 0.99 -12.30
SE MSE B 357 -24.17 1.60 -10.99
CE MSE B 357 -25.39 0.04 -11.10
N ALA B 358 -20.55 -0.76 -14.14
CA ALA B 358 -20.15 -2.13 -13.77
C ALA B 358 -20.58 -2.53 -12.35
N GLY B 359 -21.04 -3.77 -12.21
CA GLY B 359 -21.35 -4.33 -10.88
C GLY B 359 -22.40 -3.53 -10.15
N TYR B 360 -22.34 -3.58 -8.83
CA TYR B 360 -23.24 -2.77 -8.01
C TYR B 360 -22.58 -1.42 -7.72
N GLY B 361 -22.22 -0.71 -8.78
CA GLY B 361 -21.57 0.57 -8.70
C GLY B 361 -20.05 0.53 -8.59
N ASN B 362 -19.45 -0.60 -8.95
N ASN B 362 -19.43 -0.59 -8.93
CA ASN B 362 -17.99 -0.70 -8.82
CA ASN B 362 -17.97 -0.62 -8.77
C ASN B 362 -17.21 0.17 -9.82
C ASN B 362 -17.17 0.07 -9.87
N SER B 363 -17.84 0.50 -10.95
CA SER B 363 -17.25 1.39 -11.94
C SER B 363 -18.37 2.12 -12.65
N ALA B 364 -18.15 3.39 -12.97
CA ALA B 364 -19.17 4.20 -13.61
C ALA B 364 -18.50 5.09 -14.65
N THR B 365 -19.12 5.18 -15.82
CA THR B 365 -18.71 6.12 -16.85
C THR B 365 -19.96 6.92 -17.19
N VAL B 366 -19.86 8.23 -17.03
CA VAL B 366 -20.97 9.13 -17.32
C VAL B 366 -20.55 9.95 -18.54
N ILE B 367 -21.39 9.93 -19.58
CA ILE B 367 -21.10 10.64 -20.83
C ILE B 367 -22.19 11.68 -21.09
N ILE B 368 -21.77 12.89 -21.43
CA ILE B 368 -22.70 13.96 -21.72
C ILE B 368 -22.59 14.27 -23.19
N TYR B 369 -23.75 14.29 -23.84
CA TYR B 369 -23.83 14.49 -25.28
C TYR B 369 -24.53 15.79 -25.58
N GLY B 370 -24.24 16.34 -26.75
CA GLY B 370 -24.95 17.55 -27.21
C GLY B 370 -24.93 17.79 -28.70
N ASP B 371 -25.67 18.81 -29.15
CA ASP B 371 -25.64 19.15 -30.57
C ASP B 371 -24.50 20.12 -30.88
N GLU B 372 -23.76 20.48 -29.84
CA GLU B 372 -22.52 21.27 -30.00
C GLU B 372 -21.38 20.59 -29.24
N PRO B 373 -20.12 20.82 -29.68
CA PRO B 373 -18.91 20.28 -29.07
C PRO B 373 -18.79 20.57 -27.58
N VAL C 2 9.08 22.93 25.82
CA VAL C 2 9.33 22.49 24.40
C VAL C 2 8.13 22.90 23.57
N ALA C 3 8.31 23.00 22.26
CA ALA C 3 7.25 23.47 21.38
C ALA C 3 7.20 22.64 20.11
N ILE C 4 5.99 22.50 19.59
CA ILE C 4 5.79 21.96 18.26
C ILE C 4 5.93 23.17 17.30
N VAL C 5 6.82 23.03 16.32
CA VAL C 5 7.10 24.11 15.39
C VAL C 5 6.64 23.87 13.95
N ASP C 6 6.36 22.60 13.60
CA ASP C 6 5.83 22.28 12.30
C ASP C 6 5.23 20.89 12.38
N VAL C 7 4.37 20.58 11.41
CA VAL C 7 3.59 19.35 11.42
C VAL C 7 3.40 18.80 10.03
N GLY C 8 2.95 17.55 9.97
CA GLY C 8 2.57 16.88 8.73
C GLY C 8 1.40 15.99 9.03
N ILE C 9 0.52 15.83 8.05
CA ILE C 9 -0.62 14.97 8.25
C ILE C 9 -1.06 14.42 6.90
N THR C 10 -1.62 13.24 6.86
N THR C 10 -1.53 13.17 6.92
CA THR C 10 -2.24 12.87 5.61
CA THR C 10 -2.08 12.44 5.74
C THR C 10 -3.58 12.24 5.85
C THR C 10 -3.60 12.23 5.88
N LYS C 11 -4.32 12.04 4.77
CA LYS C 11 -5.68 11.55 4.86
C LYS C 11 -5.69 10.12 5.47
N PHE C 12 -6.57 9.87 6.41
CA PHE C 12 -6.68 8.55 7.01
C PHE C 12 -7.70 7.77 6.22
N GLY C 13 -7.52 6.47 6.16
CA GLY C 13 -8.55 5.61 5.55
C GLY C 13 -7.95 4.36 4.96
N LYS C 14 -8.55 3.91 3.85
CA LYS C 14 -8.11 2.70 3.17
C LYS C 14 -7.07 3.14 2.14
N ARG C 15 -5.78 3.18 2.54
CA ARG C 15 -4.80 3.93 1.73
C ARG C 15 -4.01 3.04 0.78
N LYS C 16 -3.69 3.58 -0.39
CA LYS C 16 -2.90 2.81 -1.38
C LYS C 16 -1.45 2.60 -0.94
N GLU C 17 -0.93 3.54 -0.15
CA GLU C 17 0.49 3.57 0.16
C GLU C 17 0.88 2.53 1.19
N ASN C 18 2.07 1.97 1.05
CA ASN C 18 2.59 1.13 2.12
C ASN C 18 3.02 2.00 3.30
N ILE C 19 3.43 1.36 4.41
CA ILE C 19 3.83 2.11 5.61
C ILE C 19 4.93 3.14 5.34
N PHE C 20 5.93 2.78 4.52
CA PHE C 20 7.06 3.68 4.26
C PHE C 20 6.65 4.90 3.46
N ASP C 21 5.77 4.69 2.49
CA ASP C 21 5.30 5.83 1.75
C ASP C 21 4.33 6.74 2.52
N LEU C 22 3.60 6.19 3.50
CA LEU C 22 2.83 7.04 4.41
C LEU C 22 3.74 7.92 5.19
N VAL C 23 4.85 7.34 5.68
CA VAL C 23 5.83 8.12 6.44
C VAL C 23 6.50 9.15 5.55
N LYS C 24 6.89 8.77 4.34
CA LYS C 24 7.55 9.74 3.45
C LYS C 24 6.60 10.90 3.13
N GLU C 25 5.33 10.60 2.90
CA GLU C 25 4.37 11.66 2.62
C GLU C 25 4.25 12.66 3.77
N VAL C 26 4.14 12.15 5.00
CA VAL C 26 3.86 13.00 6.13
C VAL C 26 5.08 13.80 6.54
N THR C 27 6.27 13.32 6.19
CA THR C 27 7.49 13.97 6.64
C THR C 27 8.21 14.74 5.54
N GLU C 28 7.66 14.69 4.33
CA GLU C 28 8.34 15.22 3.11
C GLU C 28 8.82 16.65 3.34
N LYS C 29 7.96 17.45 3.94
CA LYS C 29 8.22 18.87 4.17
C LYS C 29 8.90 19.19 5.50
N LEU C 30 9.21 18.16 6.29
CA LEU C 30 9.80 18.36 7.60
C LEU C 30 11.26 17.99 7.63
N LEU C 31 11.79 17.52 6.50
CA LEU C 31 13.19 17.10 6.49
C LEU C 31 14.15 18.24 6.16
N LYS C 32 13.57 19.41 5.91
CA LYS C 32 14.34 20.66 5.73
C LYS C 32 15.03 21.13 7.00
N TYR C 33 14.59 20.60 8.17
CA TYR C 33 15.23 20.97 9.43
C TYR C 33 16.35 20.02 9.80
N ASP C 34 17.18 20.42 10.76
CA ASP C 34 18.32 19.57 11.18
C ASP C 34 17.83 18.52 12.20
N ILE C 35 17.00 17.60 11.73
CA ILE C 35 16.42 16.56 12.60
C ILE C 35 17.56 15.74 13.20
N ASP C 36 17.55 15.57 14.52
CA ASP C 36 18.63 14.80 15.16
C ASP C 36 18.17 13.59 16.00
N TYR C 37 16.85 13.33 16.02
CA TYR C 37 16.32 12.06 16.53
C TYR C 37 14.98 11.87 15.87
N VAL C 38 14.67 10.65 15.50
CA VAL C 38 13.34 10.30 15.01
C VAL C 38 12.70 9.32 15.98
N ILE C 39 11.51 9.66 16.47
CA ILE C 39 10.75 8.75 17.34
C ILE C 39 9.55 8.26 16.54
N VAL C 40 9.46 6.96 16.34
CA VAL C 40 8.37 6.38 15.56
C VAL C 40 7.32 5.77 16.49
N SER C 41 6.09 6.26 16.37
CA SER C 41 4.98 5.75 17.17
C SER C 41 4.21 4.77 16.27
N ASN C 42 4.25 3.50 16.64
CA ASN C 42 3.71 2.45 15.77
C ASN C 42 3.55 1.20 16.62
N SER C 43 2.42 0.54 16.47
CA SER C 43 2.15 -0.58 17.34
C SER C 43 2.30 -1.94 16.67
N TYR C 44 1.94 -2.06 15.40
CA TYR C 44 1.77 -3.38 14.78
C TYR C 44 2.87 -3.87 13.88
N SER C 45 3.78 -3.00 13.44
CA SER C 45 4.85 -3.45 12.54
C SER C 45 5.59 -4.62 13.18
N THR C 51 7.50 -6.67 8.64
CA THR C 51 8.39 -5.54 8.90
C THR C 51 8.97 -5.53 10.33
N SER C 52 10.28 -5.46 10.39
CA SER C 52 11.01 -5.50 11.64
C SER C 52 12.00 -4.36 11.55
N GLY C 53 12.29 -3.74 12.68
CA GLY C 53 13.23 -2.64 12.67
C GLY C 53 12.66 -1.48 11.87
N LEU C 54 11.37 -1.25 12.03
CA LEU C 54 10.72 -0.15 11.33
C LEU C 54 11.45 1.17 11.52
N SER C 55 11.94 1.44 12.73
CA SER C 55 12.53 2.76 12.98
C SER C 55 13.80 3.03 12.14
N SER C 56 14.61 1.99 11.92
N SER C 56 14.66 2.03 11.92
CA SER C 56 15.82 2.18 11.11
CA SER C 56 15.84 2.31 11.05
C SER C 56 15.51 2.12 9.63
C SER C 56 15.48 2.18 9.58
N LEU C 57 14.53 1.31 9.25
CA LEU C 57 14.03 1.27 7.85
C LEU C 57 13.50 2.67 7.50
N ILE C 58 12.83 3.32 8.45
CA ILE C 58 12.32 4.67 8.19
C ILE C 58 13.41 5.72 8.00
N THR C 59 14.43 5.73 8.86
CA THR C 59 15.45 6.76 8.70
C THR C 59 16.21 6.56 7.37
N THR C 60 16.41 5.31 6.97
CA THR C 60 17.06 5.05 5.66
C THR C 60 16.16 5.46 4.51
N TYR C 61 14.87 5.11 4.60
CA TYR C 61 13.91 5.49 3.54
C TYR C 61 13.79 7.00 3.34
N LEU C 62 13.96 7.76 4.43
CA LEU C 62 13.91 9.23 4.41
C LEU C 62 15.24 9.95 4.09
N ASN C 63 16.26 9.16 3.80
N ASN C 63 16.25 9.15 3.75
CA ASN C 63 17.59 9.72 3.57
CA ASN C 63 17.65 9.59 3.59
C ASN C 63 18.13 10.45 4.80
C ASN C 63 18.27 10.28 4.79
N LEU C 64 17.82 9.89 5.98
CA LEU C 64 18.36 10.37 7.25
C LEU C 64 19.17 9.22 7.85
N ASP C 65 20.03 8.61 7.03
CA ASP C 65 20.58 7.28 7.32
C ASP C 65 21.26 7.22 8.69
N TYR C 66 21.95 8.28 9.08
CA TYR C 66 22.69 8.27 10.35
C TYR C 66 21.88 8.76 11.55
N VAL C 67 20.75 9.40 11.30
CA VAL C 67 19.99 10.00 12.43
C VAL C 67 19.46 8.84 13.31
N PRO C 68 19.72 8.89 14.64
CA PRO C 68 19.24 7.81 15.50
C PRO C 68 17.71 7.78 15.59
N SER C 69 17.17 6.59 15.76
CA SER C 69 15.72 6.50 15.89
C SER C 69 15.40 5.33 16.80
N LEU C 70 14.16 5.32 17.27
CA LEU C 70 13.62 4.15 17.98
C LEU C 70 12.10 4.15 17.82
N ARG C 71 11.48 3.02 18.14
CA ARG C 71 10.01 2.90 18.08
C ARG C 71 9.48 2.92 19.51
N VAL C 72 8.44 3.71 19.73
CA VAL C 72 7.68 3.71 20.99
C VAL C 72 6.34 3.04 20.74
N ASP C 73 5.99 2.06 21.58
CA ASP C 73 4.75 1.34 21.44
C ASP C 73 4.03 1.39 22.79
N ASN C 74 2.83 1.96 22.79
CA ASN C 74 1.95 1.86 23.94
C ASN C 74 0.55 1.67 23.35
N THR C 75 0.47 0.73 22.37
CA THR C 75 -0.75 0.40 21.59
C THR C 75 -1.50 1.69 21.22
N SER C 76 -2.79 1.82 21.57
CA SER C 76 -3.50 3.02 21.11
C SER C 76 -3.06 4.29 21.83
N GLY C 77 -2.26 4.16 22.88
CA GLY C 77 -1.64 5.32 23.51
C GLY C 77 -0.21 5.66 23.02
N SER C 78 0.23 5.03 21.93
CA SER C 78 1.61 5.17 21.50
C SER C 78 1.96 6.61 21.15
N GLY C 79 1.06 7.32 20.49
CA GLY C 79 1.39 8.68 20.03
C GLY C 79 1.69 9.62 21.18
N GLY C 80 0.90 9.54 22.25
CA GLY C 80 1.16 10.41 23.39
C GLY C 80 2.44 10.04 24.07
N SER C 81 2.68 8.74 24.25
N SER C 81 2.66 8.74 24.22
CA SER C 81 3.94 8.31 24.87
CA SER C 81 3.90 8.26 24.82
C SER C 81 5.15 8.79 24.03
C SER C 81 5.15 8.70 24.02
N ALA C 82 5.02 8.70 22.70
CA ALA C 82 6.12 9.12 21.82
C ALA C 82 6.42 10.61 21.97
N ILE C 83 5.37 11.44 22.10
CA ILE C 83 5.57 12.86 22.32
C ILE C 83 6.28 13.10 23.65
N LEU C 84 5.88 12.36 24.68
CA LEU C 84 6.57 12.48 25.98
C LEU C 84 8.06 12.19 25.82
N VAL C 85 8.40 11.10 25.13
CA VAL C 85 9.81 10.72 24.95
C VAL C 85 10.56 11.84 24.21
N ALA C 86 9.93 12.37 23.16
CA ALA C 86 10.54 13.50 22.40
C ALA C 86 10.78 14.72 23.30
N LYS C 87 9.77 15.11 24.07
CA LYS C 87 9.95 16.20 25.04
C LYS C 87 11.14 15.96 25.98
N SER C 88 11.27 14.75 26.53
N SER C 88 11.27 14.74 26.54
CA SER C 88 12.35 14.45 27.47
CA SER C 88 12.35 14.44 27.48
C SER C 88 13.72 14.48 26.79
C SER C 88 13.72 14.49 26.78
N LEU C 89 13.79 13.97 25.56
CA LEU C 89 15.06 14.02 24.78
C LEU C 89 15.52 15.47 24.59
N LEU C 90 14.57 16.35 24.28
CA LEU C 90 14.87 17.78 24.11
C LEU C 90 15.29 18.39 25.43
N GLU C 91 14.51 18.16 26.48
CA GLU C 91 14.82 18.88 27.73
C GLU C 91 16.10 18.43 28.40
N SER C 92 16.44 17.15 28.23
CA SER C 92 17.68 16.58 28.75
C SER C 92 18.88 17.02 27.89
N LYS C 93 18.61 17.65 26.75
CA LYS C 93 19.65 18.06 25.78
C LYS C 93 20.30 16.92 25.06
N GLU C 94 19.72 15.73 25.13
CA GLU C 94 20.17 14.62 24.29
C GLU C 94 19.91 14.91 22.81
N ALA C 95 18.86 15.68 22.51
CA ALA C 95 18.52 16.06 21.14
C ALA C 95 18.14 17.52 21.08
N ASN C 96 18.23 18.10 19.87
CA ASN C 96 17.81 19.48 19.66
C ASN C 96 16.60 19.66 18.75
N THR C 97 16.34 18.70 17.86
CA THR C 97 15.27 18.86 16.89
C THR C 97 14.70 17.47 16.65
N VAL C 98 13.57 17.13 17.29
CA VAL C 98 13.07 15.78 17.23
C VAL C 98 11.89 15.70 16.27
N LEU C 99 11.93 14.70 15.40
CA LEU C 99 10.81 14.40 14.55
C LEU C 99 10.06 13.20 15.18
N VAL C 100 8.78 13.40 15.47
CA VAL C 100 7.95 12.30 15.92
C VAL C 100 7.01 11.96 14.77
N VAL C 101 7.04 10.71 14.34
N VAL C 101 7.04 10.72 14.31
CA VAL C 101 6.09 10.25 13.32
CA VAL C 101 6.07 10.28 13.32
C VAL C 101 5.25 9.13 13.90
C VAL C 101 5.25 9.13 13.87
N GLY C 102 3.93 9.32 13.89
CA GLY C 102 2.99 8.23 14.20
C GLY C 102 2.43 7.68 12.90
N VAL C 103 2.35 6.36 12.81
CA VAL C 103 1.91 5.73 11.59
C VAL C 103 1.37 4.35 11.90
N GLU C 104 0.30 3.97 11.20
CA GLU C 104 -0.17 2.60 11.28
C GLU C 104 -0.76 2.24 9.92
N LYS C 105 -0.45 1.03 9.48
CA LYS C 105 -1.00 0.48 8.28
C LYS C 105 -1.84 -0.73 8.68
N MSE C 106 -3.15 -0.62 8.63
CA MSE C 106 -4.04 -1.64 9.22
C MSE C 106 -4.78 -2.38 8.12
O MSE C 106 -5.41 -3.40 8.40
CB MSE C 106 -5.05 -1.00 10.21
CG MSE C 106 -4.34 -0.18 11.29
SE MSE C 106 -5.66 0.47 12.59
CE MSE C 106 -6.14 -1.22 13.53
N SER C 107 -4.68 -1.85 6.90
CA SER C 107 -5.36 -2.33 5.67
C SER C 107 -4.95 -3.69 5.12
N GLU C 108 -3.67 -4.04 5.27
CA GLU C 108 -3.09 -5.24 4.68
C GLU C 108 -3.26 -6.44 5.61
N ALA C 129 -12.31 -10.05 27.02
CA ALA C 129 -13.19 -8.90 26.92
C ALA C 129 -12.66 -7.85 25.94
N SER C 130 -13.21 -7.87 24.72
CA SER C 130 -12.81 -6.97 23.64
C SER C 130 -13.12 -5.50 23.99
N LEU C 131 -12.43 -4.56 23.34
CA LEU C 131 -12.74 -3.14 23.52
C LEU C 131 -14.20 -2.78 23.15
N PRO C 132 -14.71 -3.24 21.99
CA PRO C 132 -16.11 -2.92 21.69
C PRO C 132 -17.09 -3.38 22.77
N SER C 133 -16.84 -4.56 23.32
N SER C 133 -16.86 -4.55 23.35
CA SER C 133 -17.66 -5.14 24.39
CA SER C 133 -17.72 -5.09 24.40
C SER C 133 -17.60 -4.33 25.66
C SER C 133 -17.61 -4.31 25.69
N LEU C 134 -16.41 -3.86 26.04
CA LEU C 134 -16.25 -3.07 27.25
C LEU C 134 -16.95 -1.72 27.10
N ALA C 135 -16.93 -1.18 25.87
CA ALA C 135 -17.59 0.10 25.59
C ALA C 135 -19.11 -0.04 25.81
N SER C 136 -19.72 -1.14 25.35
CA SER C 136 -21.16 -1.31 25.59
C SER C 136 -21.50 -1.51 27.06
N ILE C 137 -20.65 -2.23 27.80
CA ILE C 137 -20.80 -2.34 29.24
C ILE C 137 -20.77 -0.97 29.90
N SER C 138 -19.81 -0.10 29.50
CA SER C 138 -19.82 1.26 30.03
C SER C 138 -21.09 2.02 29.69
N ALA C 139 -21.57 1.90 28.45
CA ALA C 139 -22.78 2.65 28.04
C ALA C 139 -23.97 2.19 28.89
N ILE C 140 -24.13 0.88 29.06
CA ILE C 140 -25.24 0.37 29.89
C ILE C 140 -25.18 0.87 31.32
N GLU C 141 -23.99 0.85 31.92
CA GLU C 141 -23.80 1.23 33.31
C GLU C 141 -23.94 2.72 33.51
N TYR C 142 -23.44 3.48 32.55
CA TYR C 142 -23.56 4.93 32.59
C TYR C 142 -25.05 5.35 32.51
N MSE C 143 -25.78 4.78 31.56
CA MSE C 143 -27.23 5.07 31.43
C MSE C 143 -27.94 4.68 32.70
O MSE C 143 -28.79 5.43 33.19
CB MSE C 143 -27.87 4.30 30.29
CG MSE C 143 -27.36 4.93 29.00
SE MSE C 143 -28.27 4.12 27.47
CE MSE C 143 -27.58 2.28 27.62
N ARG C 144 -27.58 3.54 33.27
CA ARG C 144 -28.23 3.07 34.50
C ARG C 144 -27.94 3.95 35.72
N LYS C 145 -26.65 4.21 35.96
CA LYS C 145 -26.25 4.97 37.14
C LYS C 145 -26.69 6.44 37.10
N PHE C 146 -26.69 7.03 35.91
CA PHE C 146 -26.87 8.47 35.78
C PHE C 146 -28.17 8.92 35.10
N ASN C 147 -28.99 7.94 34.71
CA ASN C 147 -30.26 8.17 34.01
C ASN C 147 -30.08 8.98 32.74
N ALA C 148 -29.00 8.70 32.02
CA ALA C 148 -28.72 9.36 30.77
C ALA C 148 -29.52 8.73 29.66
N PRO C 149 -30.21 9.56 28.85
CA PRO C 149 -30.95 9.02 27.72
C PRO C 149 -29.99 8.41 26.72
N ARG C 150 -30.44 7.34 26.06
CA ARG C 150 -29.66 6.71 24.97
C ARG C 150 -29.19 7.69 23.91
N GLU C 151 -30.03 8.67 23.57
CA GLU C 151 -29.71 9.59 22.50
C GLU C 151 -28.56 10.53 22.83
N SER C 152 -28.27 10.76 24.11
CA SER C 152 -27.16 11.64 24.48
C SER C 152 -25.83 11.01 24.08
N ILE C 153 -25.79 9.67 24.09
CA ILE C 153 -24.58 8.91 23.69
C ILE C 153 -24.44 8.91 22.18
N ALA C 154 -25.55 8.67 21.48
CA ALA C 154 -25.53 8.71 20.05
C ALA C 154 -25.25 10.11 19.50
N GLN C 155 -25.67 11.15 20.23
CA GLN C 155 -25.50 12.53 19.79
C GLN C 155 -24.02 12.88 19.64
N VAL C 156 -23.18 12.20 20.42
CA VAL C 156 -21.73 12.37 20.29
C VAL C 156 -21.28 12.03 18.85
N ALA C 157 -21.84 10.97 18.25
CA ALA C 157 -21.50 10.60 16.88
C ALA C 157 -22.04 11.59 15.87
N VAL C 158 -23.22 12.15 16.14
CA VAL C 158 -23.74 13.23 15.26
C VAL C 158 -22.76 14.41 15.24
N LYS C 159 -22.38 14.87 16.41
CA LYS C 159 -21.47 16.00 16.55
C LYS C 159 -20.15 15.69 15.83
N ASN C 160 -19.60 14.49 16.09
CA ASN C 160 -18.30 14.16 15.55
C ASN C 160 -18.29 13.90 14.07
N HIS C 161 -19.37 13.33 13.54
CA HIS C 161 -19.49 13.23 12.08
C HIS C 161 -19.63 14.59 11.43
N TYR C 162 -20.31 15.53 12.09
CA TYR C 162 -20.38 16.89 11.56
C TYR C 162 -18.97 17.49 11.50
N ASN C 163 -18.23 17.39 12.61
CA ASN C 163 -16.87 17.94 12.62
C ASN C 163 -15.97 17.26 11.59
N GLY C 164 -16.06 15.93 11.48
CA GLY C 164 -15.24 15.17 10.54
C GLY C 164 -15.55 15.54 9.10
N SER C 165 -16.81 15.91 8.83
CA SER C 165 -17.18 16.34 7.47
C SER C 165 -16.45 17.63 7.08
N LEU C 166 -15.99 18.38 8.06
CA LEU C 166 -15.22 19.57 7.81
C LEU C 166 -13.70 19.31 7.78
N ASN C 167 -13.30 18.07 8.01
CA ASN C 167 -11.87 17.72 8.13
C ASN C 167 -11.45 16.96 6.87
N PRO C 168 -10.67 17.62 5.99
CA PRO C 168 -10.31 16.96 4.72
C PRO C 168 -9.42 15.71 4.88
N PHE C 169 -8.90 15.49 6.08
CA PHE C 169 -8.06 14.30 6.33
C PHE C 169 -8.81 13.16 6.96
N ALA C 170 -10.08 13.35 7.34
CA ALA C 170 -10.80 12.34 8.11
C ALA C 170 -11.18 11.12 7.25
N HIS C 171 -11.15 9.94 7.85
CA HIS C 171 -11.55 8.70 7.15
C HIS C 171 -13.02 8.80 6.73
N ILE C 172 -13.85 9.33 7.63
CA ILE C 172 -15.27 9.47 7.37
C ILE C 172 -15.60 10.94 7.27
N GLN C 173 -16.22 11.34 6.16
CA GLN C 173 -16.61 12.72 5.93
C GLN C 173 -18.06 12.71 5.47
N LYS C 174 -18.94 12.37 6.40
CA LYS C 174 -20.35 12.12 6.11
C LYS C 174 -21.21 12.52 7.31
N ARG C 175 -22.05 13.53 7.15
CA ARG C 175 -22.97 13.92 8.22
C ARG C 175 -24.05 12.89 8.42
N VAL C 176 -24.40 12.63 9.68
CA VAL C 176 -25.43 11.66 10.01
C VAL C 176 -26.38 12.24 11.04
N THR C 177 -27.64 11.83 11.01
CA THR C 177 -28.61 12.26 12.01
C THR C 177 -28.57 11.28 13.16
N LEU C 178 -29.19 11.65 14.28
CA LEU C 178 -29.37 10.76 15.41
C LEU C 178 -30.02 9.43 15.00
N GLU C 179 -31.04 9.51 14.15
CA GLU C 179 -31.76 8.34 13.67
C GLU C 179 -30.84 7.41 12.89
N GLU C 180 -30.02 7.97 12.01
CA GLU C 180 -29.03 7.19 11.25
C GLU C 180 -28.01 6.49 12.16
N VAL C 181 -27.54 7.19 13.19
CA VAL C 181 -26.63 6.58 14.18
C VAL C 181 -27.32 5.40 14.90
N LEU C 182 -28.53 5.65 15.39
CA LEU C 182 -29.26 4.67 16.19
C LEU C 182 -29.80 3.53 15.32
N ASN C 183 -29.88 3.73 14.02
CA ASN C 183 -30.29 2.65 13.12
C ASN C 183 -29.12 1.87 12.54
N SER C 184 -27.88 2.39 12.69
CA SER C 184 -26.71 1.73 12.07
C SER C 184 -26.51 0.35 12.70
N PRO C 185 -25.80 -0.58 11.99
CA PRO C 185 -25.73 -1.96 12.49
C PRO C 185 -25.20 -2.08 13.93
N VAL C 186 -25.81 -2.96 14.72
CA VAL C 186 -25.36 -3.25 16.09
C VAL C 186 -23.96 -3.86 16.07
N ILE C 187 -23.08 -3.36 16.95
CA ILE C 187 -21.76 -3.94 17.14
C ILE C 187 -21.77 -4.71 18.43
N SER C 188 -22.13 -4.04 19.52
CA SER C 188 -22.26 -4.68 20.83
C SER C 188 -23.38 -3.95 21.56
N GLU C 189 -24.54 -4.60 21.64
CA GLU C 189 -25.75 -4.02 22.23
C GLU C 189 -25.47 -3.18 23.50
N PRO C 190 -25.90 -1.89 23.52
CA PRO C 190 -26.69 -1.14 22.54
C PRO C 190 -25.92 -0.35 21.48
N LEU C 191 -24.58 -0.41 21.53
CA LEU C 191 -23.82 0.48 20.67
C LEU C 191 -23.76 0.02 19.23
N ARG C 192 -23.87 0.99 18.33
CA ARG C 192 -23.99 0.72 16.92
C ARG C 192 -22.77 1.16 16.13
N LEU C 193 -22.71 0.73 14.86
CA LEU C 193 -21.53 0.99 14.00
C LEU C 193 -21.03 2.43 13.97
N TYR C 194 -21.95 3.39 13.83
CA TYR C 194 -21.57 4.76 13.68
C TYR C 194 -21.03 5.37 14.97
N GLU C 195 -21.06 4.60 16.06
CA GLU C 195 -20.58 5.09 17.35
C GLU C 195 -19.16 4.63 17.66
N TYR C 196 -18.59 3.84 16.76
CA TYR C 196 -17.24 3.30 16.96
C TYR C 196 -16.27 3.82 15.94
N THR C 197 -14.99 3.85 16.30
CA THR C 197 -13.98 4.32 15.34
C THR C 197 -13.63 3.22 14.31
N PRO C 198 -13.47 3.59 13.03
CA PRO C 198 -13.09 2.53 12.07
C PRO C 198 -11.61 2.16 12.11
N ILE C 199 -11.28 0.97 11.58
CA ILE C 199 -9.90 0.60 11.30
C ILE C 199 -9.38 1.48 10.16
N SER C 200 -8.19 2.07 10.32
N SER C 200 -8.16 2.02 10.30
CA SER C 200 -7.69 3.07 9.36
CA SER C 200 -7.68 3.03 9.36
C SER C 200 -6.19 2.96 9.14
C SER C 200 -6.18 2.96 9.14
N ASP C 201 -5.74 3.34 7.95
CA ASP C 201 -4.31 3.59 7.68
C ASP C 201 -4.08 5.09 7.84
N GLY C 202 -2.89 5.51 8.28
CA GLY C 202 -2.62 6.93 8.23
C GLY C 202 -1.34 7.27 8.95
N ALA C 203 -0.93 8.53 8.84
CA ALA C 203 0.29 8.98 9.50
C ALA C 203 0.17 10.45 9.85
N ALA C 204 0.91 10.83 10.89
CA ALA C 204 0.96 12.21 11.36
C ALA C 204 2.33 12.46 11.92
N ALA C 205 2.77 13.70 11.89
CA ALA C 205 4.11 14.03 12.34
C ALA C 205 4.21 15.40 12.95
N VAL C 206 5.09 15.53 13.94
CA VAL C 206 5.44 16.85 14.49
C VAL C 206 6.95 17.01 14.59
N VAL C 207 7.37 18.27 14.47
CA VAL C 207 8.75 18.64 14.78
C VAL C 207 8.76 19.41 16.08
N MSE C 208 9.59 18.96 17.03
CA MSE C 208 9.62 19.59 18.37
C MSE C 208 11.01 20.10 18.68
O MSE C 208 12.01 19.42 18.36
CB MSE C 208 9.18 18.56 19.43
CG MSE C 208 7.69 18.34 19.26
SE MSE C 208 7.08 16.72 20.23
CE MSE C 208 7.79 17.23 22.03
N VAL C 209 11.09 21.24 19.36
CA VAL C 209 12.38 21.82 19.78
C VAL C 209 12.22 22.43 21.17
N ARG C 210 13.34 22.75 21.82
CA ARG C 210 13.27 23.46 23.11
C ARG C 210 12.71 24.87 22.92
N ASN C 211 12.13 25.41 24.00
CA ASN C 211 11.54 26.74 23.91
C ASN C 211 12.53 27.80 23.40
N GLU C 212 13.78 27.73 23.81
CA GLU C 212 14.79 28.72 23.38
C GLU C 212 15.02 28.76 21.86
N ASP C 213 14.70 27.65 21.18
CA ASP C 213 14.85 27.54 19.73
C ASP C 213 13.58 27.85 18.98
N ALA C 214 12.44 27.87 19.67
CA ALA C 214 11.16 27.80 18.98
C ALA C 214 10.89 28.96 18.00
N LEU C 215 11.23 30.18 18.41
CA LEU C 215 10.90 31.35 17.58
C LEU C 215 11.76 31.43 16.32
N SER C 216 12.86 30.69 16.26
N SER C 216 12.86 30.66 16.31
CA SER C 216 13.60 30.67 14.98
CA SER C 216 13.71 30.51 15.11
C SER C 216 12.85 29.90 13.89
C SER C 216 13.07 29.68 14.00
N TYR C 217 11.97 28.99 14.32
CA TYR C 217 11.22 28.19 13.36
C TYR C 217 9.94 28.87 12.89
N THR C 218 9.26 29.53 13.83
CA THR C 218 7.97 30.15 13.53
C THR C 218 7.69 31.20 14.58
N SER C 219 6.96 32.25 14.19
CA SER C 219 6.59 33.29 15.14
C SER C 219 5.40 32.85 16.00
N LYS C 220 4.78 31.72 15.64
CA LYS C 220 3.69 31.14 16.46
C LYS C 220 3.94 29.67 16.84
N PRO C 221 4.96 29.39 17.65
CA PRO C 221 5.15 28.00 18.12
C PRO C 221 3.99 27.58 19.03
N VAL C 222 3.74 26.27 19.15
CA VAL C 222 2.67 25.77 20.05
C VAL C 222 3.38 25.00 21.11
N TYR C 223 3.38 25.58 22.30
CA TYR C 223 4.16 25.04 23.39
C TYR C 223 3.42 23.89 24.05
N ILE C 224 4.19 22.87 24.45
CA ILE C 224 3.68 21.86 25.38
C ILE C 224 3.80 22.45 26.78
N LYS C 225 2.65 22.71 27.41
CA LYS C 225 2.66 23.27 28.77
C LYS C 225 2.88 22.21 29.82
N GLY C 226 2.36 21.03 29.59
CA GLY C 226 2.53 19.95 30.57
C GLY C 226 2.06 18.63 30.01
N ILE C 227 2.68 17.54 30.46
CA ILE C 227 2.23 16.20 30.07
C ILE C 227 2.01 15.41 31.37
N GLY C 228 0.98 14.57 31.39
CA GLY C 228 0.78 13.62 32.51
C GLY C 228 0.59 12.24 31.97
N SER C 229 1.10 11.23 32.70
CA SER C 229 1.03 9.85 32.22
C SER C 229 0.65 8.98 33.40
N SER C 230 -0.20 8.00 33.13
CA SER C 230 -0.60 7.05 34.16
C SER C 230 -1.04 5.76 33.56
N ASN C 231 -0.83 4.66 34.28
CA ASN C 231 -1.45 3.42 33.88
C ASN C 231 -2.60 3.11 34.87
N TYR C 232 -3.33 2.03 34.63
CA TYR C 232 -4.29 1.51 35.61
C TYR C 232 -4.45 0.03 35.34
N THR C 233 -4.93 -0.73 36.34
CA THR C 233 -5.04 -2.17 36.16
C THR C 233 -5.65 -2.62 34.86
N ALA C 234 -4.96 -3.50 34.15
CA ALA C 234 -5.45 -4.00 32.87
C ALA C 234 -6.40 -5.17 33.03
N TYR C 235 -6.44 -5.76 34.21
CA TYR C 235 -7.36 -6.87 34.49
C TYR C 235 -8.78 -6.36 34.49
N VAL C 236 -9.52 -6.68 33.43
CA VAL C 236 -10.96 -6.33 33.34
C VAL C 236 -11.67 -6.61 34.67
N SER C 237 -11.43 -7.81 35.23
N SER C 237 -11.42 -7.80 35.23
CA SER C 237 -12.09 -8.22 36.48
CA SER C 237 -12.07 -8.25 36.46
C SER C 237 -11.72 -7.34 37.67
C SER C 237 -11.61 -7.51 37.71
N GLU C 238 -10.57 -6.67 37.60
CA GLU C 238 -10.09 -5.90 38.74
C GLU C 238 -10.36 -4.37 38.61
N LYS C 239 -10.79 -3.93 37.42
CA LYS C 239 -11.17 -2.53 37.20
C LYS C 239 -12.33 -2.18 38.14
N GLU C 240 -12.23 -1.07 38.87
CA GLU C 240 -13.23 -0.76 39.93
C GLU C 240 -14.67 -0.61 39.37
N ASP C 241 -14.81 0.10 38.25
CA ASP C 241 -16.09 0.18 37.57
C ASP C 241 -15.84 0.54 36.11
N PHE C 242 -16.95 0.74 35.38
CA PHE C 242 -16.89 1.02 33.96
C PHE C 242 -17.46 2.38 33.59
N VAL C 243 -17.59 3.28 34.55
CA VAL C 243 -18.02 4.62 34.20
C VAL C 243 -16.93 5.67 34.43
N THR C 244 -15.78 5.22 34.91
N THR C 244 -15.78 5.24 34.95
CA THR C 244 -14.62 6.06 35.17
CA THR C 244 -14.61 6.12 35.18
C THR C 244 -13.40 5.36 34.56
C THR C 244 -13.32 5.40 34.80
N LEU C 245 -12.40 6.16 34.18
CA LEU C 245 -11.12 5.61 33.70
C LEU C 245 -10.05 6.22 34.59
N PRO C 246 -9.64 5.54 35.66
CA PRO C 246 -8.74 6.15 36.63
C PRO C 246 -7.39 6.55 36.01
N ALA C 247 -6.91 5.81 34.99
CA ALA C 247 -5.67 6.25 34.30
C ALA C 247 -5.84 7.64 33.66
N VAL C 248 -7.03 7.91 33.12
CA VAL C 248 -7.28 9.24 32.51
C VAL C 248 -7.39 10.32 33.57
N VAL C 249 -8.10 9.99 34.66
CA VAL C 249 -8.13 10.89 35.79
C VAL C 249 -6.74 11.27 36.30
N GLU C 250 -5.90 10.27 36.54
N GLU C 250 -5.90 10.26 36.53
CA GLU C 250 -4.59 10.51 37.11
CA GLU C 250 -4.58 10.47 37.11
C GLU C 250 -3.72 11.29 36.11
C GLU C 250 -3.64 11.20 36.14
N ALA C 251 -3.70 10.82 34.86
CA ALA C 251 -2.88 11.47 33.83
C ALA C 251 -3.26 12.95 33.68
N SER C 252 -4.56 13.22 33.64
N SER C 252 -4.56 13.22 33.65
CA SER C 252 -5.05 14.60 33.57
CA SER C 252 -5.01 14.61 33.57
C SER C 252 -4.62 15.42 34.78
C SER C 252 -4.60 15.42 34.78
N ARG C 253 -4.78 14.86 35.98
CA ARG C 253 -4.37 15.58 37.19
C ARG C 253 -2.90 15.98 37.12
N LYS C 254 -2.05 15.05 36.69
CA LYS C 254 -0.60 15.31 36.58
C LYS C 254 -0.33 16.40 35.53
N ALA C 255 -1.00 16.31 34.38
CA ALA C 255 -0.77 17.27 33.28
C ALA C 255 -1.14 18.68 33.72
N PHE C 256 -2.30 18.83 34.35
CA PHE C 256 -2.77 20.18 34.73
C PHE C 256 -1.89 20.79 35.79
N LYS C 257 -1.39 19.94 36.69
CA LYS C 257 -0.48 20.39 37.74
C LYS C 257 0.80 20.95 37.13
N LYS C 258 1.38 20.19 36.21
CA LYS C 258 2.60 20.61 35.56
C LYS C 258 2.40 21.80 34.62
N ALA C 259 1.26 21.88 33.96
CA ALA C 259 0.96 22.95 33.00
C ALA C 259 0.65 24.27 33.67
N LYS C 260 0.27 24.21 34.95
CA LYS C 260 -0.16 25.39 35.70
C LYS C 260 -1.25 26.16 35.01
N VAL C 261 -2.21 25.44 34.45
CA VAL C 261 -3.47 26.04 34.03
C VAL C 261 -4.58 25.20 34.66
N GLU C 262 -5.79 25.75 34.64
CA GLU C 262 -6.99 24.99 35.05
C GLU C 262 -8.10 25.07 34.01
N ARG C 263 -7.84 25.75 32.90
CA ARG C 263 -8.83 25.97 31.85
C ARG C 263 -8.24 25.63 30.49
N ILE C 264 -9.08 25.04 29.63
CA ILE C 264 -8.68 24.78 28.24
C ILE C 264 -9.76 25.30 27.30
N ASP C 265 -9.41 25.50 26.03
CA ASP C 265 -10.34 25.99 25.02
C ASP C 265 -10.93 24.88 24.15
N PHE C 266 -10.26 23.73 24.10
CA PHE C 266 -10.75 22.57 23.34
C PHE C 266 -10.00 21.33 23.81
N ALA C 267 -10.57 20.16 23.53
CA ALA C 267 -9.90 18.90 23.88
C ALA C 267 -10.07 17.90 22.76
N GLU C 268 -9.00 17.17 22.42
CA GLU C 268 -9.08 16.06 21.50
C GLU C 268 -9.00 14.84 22.40
N LEU C 269 -10.03 14.00 22.35
CA LEU C 269 -10.13 12.87 23.26
C LEU C 269 -9.98 11.53 22.52
N HIS C 270 -9.99 10.43 23.27
CA HIS C 270 -9.69 9.13 22.69
C HIS C 270 -10.99 8.33 22.59
N ASP C 271 -11.86 8.77 21.69
CA ASP C 271 -13.25 8.30 21.69
C ASP C 271 -13.37 7.08 20.78
N MSE C 272 -12.84 5.95 21.25
CA MSE C 272 -12.93 4.72 20.46
C MSE C 272 -14.40 4.35 20.28
O MSE C 272 -14.79 3.78 19.23
CB MSE C 272 -12.11 3.63 21.19
CG MSE C 272 -12.25 2.25 20.57
SE MSE C 272 -13.72 1.28 21.50
CE MSE C 272 -12.90 1.00 23.28
N ALA C 273 -15.22 4.68 21.27
CA ALA C 273 -16.70 4.60 21.21
C ALA C 273 -17.23 5.94 21.75
N THR C 274 -18.44 6.32 21.31
CA THR C 274 -19.04 7.57 21.77
C THR C 274 -19.08 7.69 23.29
N ILE C 275 -19.42 6.59 23.97
CA ILE C 275 -19.53 6.63 25.43
C ILE C 275 -18.20 7.05 26.05
N LEU C 276 -17.09 6.67 25.41
CA LEU C 276 -15.79 7.07 25.94
C LEU C 276 -15.55 8.56 25.89
N GLU C 277 -16.06 9.25 24.86
CA GLU C 277 -15.87 10.71 24.85
C GLU C 277 -16.53 11.31 26.10
N ILE C 278 -17.73 10.84 26.40
CA ILE C 278 -18.46 11.36 27.57
C ILE C 278 -17.69 11.11 28.88
N ILE C 279 -17.31 9.85 29.09
CA ILE C 279 -16.60 9.47 30.29
C ILE C 279 -15.29 10.25 30.34
N GLN C 280 -14.56 10.33 29.22
CA GLN C 280 -13.27 11.03 29.27
C GLN C 280 -13.43 12.51 29.53
N SER C 281 -14.51 13.10 29.02
CA SER C 281 -14.72 14.54 29.27
C SER C 281 -14.90 14.81 30.77
N GLU C 282 -15.46 13.85 31.49
CA GLU C 282 -15.59 13.96 32.95
C GLU C 282 -14.25 13.72 33.60
N ASP C 283 -13.58 12.66 33.16
CA ASP C 283 -12.35 12.25 33.83
C ASP C 283 -11.20 13.27 33.68
N ILE C 284 -11.18 14.05 32.60
CA ILE C 284 -10.15 15.10 32.45
C ILE C 284 -10.48 16.30 33.31
N GLY C 285 -11.72 16.36 33.82
CA GLY C 285 -12.08 17.42 34.74
C GLY C 285 -13.04 18.46 34.20
N LEU C 286 -13.56 18.28 32.99
CA LEU C 286 -14.47 19.31 32.42
C LEU C 286 -15.84 19.31 33.08
N PHE C 287 -16.35 18.11 33.36
CA PHE C 287 -17.71 17.97 33.86
C PHE C 287 -17.68 17.01 35.00
N LYS C 288 -18.64 17.17 35.92
CA LYS C 288 -18.76 16.22 37.01
C LYS C 288 -19.17 14.84 36.52
N LYS C 289 -18.79 13.81 37.29
CA LYS C 289 -19.09 12.43 36.95
C LYS C 289 -20.61 12.27 36.80
N GLY C 290 -21.03 11.74 35.65
CA GLY C 290 -22.46 11.59 35.33
C GLY C 290 -23.13 12.81 34.73
N GLU C 291 -22.40 13.91 34.52
CA GLU C 291 -22.98 15.12 33.92
C GLU C 291 -22.45 15.39 32.50
N GLY C 292 -21.48 14.58 32.04
CA GLY C 292 -20.93 14.76 30.68
C GLY C 292 -21.98 14.65 29.59
N TRP C 293 -22.96 13.78 29.79
CA TRP C 293 -24.00 13.62 28.81
C TRP C 293 -24.84 14.88 28.65
N LYS C 294 -24.96 15.65 29.73
CA LYS C 294 -25.76 16.87 29.72
C LYS C 294 -25.07 17.93 28.88
N ALA C 295 -23.74 17.99 29.01
CA ALA C 295 -22.94 18.89 28.15
C ALA C 295 -23.10 18.57 26.68
N VAL C 296 -23.21 17.29 26.34
CA VAL C 296 -23.45 16.91 24.96
C VAL C 296 -24.79 17.47 24.46
N MSE C 297 -25.84 17.23 25.23
CA MSE C 297 -27.17 17.64 24.75
C MSE C 297 -27.31 19.15 24.75
O MSE C 297 -28.01 19.70 23.91
CB MSE C 297 -28.24 16.89 25.55
CG MSE C 297 -28.39 15.49 24.95
SE MSE C 297 -29.91 14.72 25.95
CE MSE C 297 -31.12 15.03 24.41
N GLU C 298 -26.61 19.82 25.66
CA GLU C 298 -26.66 21.28 25.77
C GLU C 298 -25.94 21.95 24.60
N GLY C 299 -25.01 21.22 23.97
CA GLY C 299 -24.21 21.73 22.85
C GLY C 299 -22.93 22.37 23.31
N LEU C 300 -22.57 22.18 24.58
CA LEU C 300 -21.39 22.84 25.15
C LEU C 300 -20.14 22.35 24.40
N THR C 301 -20.20 21.12 23.92
CA THR C 301 -19.00 20.46 23.37
C THR C 301 -18.94 20.49 21.84
N SER C 302 -19.92 21.15 21.21
N SER C 302 -19.93 21.13 21.22
CA SER C 302 -19.91 21.29 19.76
CA SER C 302 -19.97 21.28 19.78
C SER C 302 -18.93 22.34 19.33
C SER C 302 -18.95 22.34 19.33
N LEU C 303 -18.69 22.41 18.03
CA LEU C 303 -17.67 23.32 17.49
C LEU C 303 -17.90 24.77 17.86
N ASP C 304 -19.17 25.17 17.97
N ASP C 304 -19.16 25.21 17.96
CA ASP C 304 -19.53 26.54 18.35
CA ASP C 304 -19.45 26.60 18.37
C ASP C 304 -19.92 26.68 19.83
C ASP C 304 -19.73 26.76 19.88
N GLY C 305 -19.57 25.68 20.63
CA GLY C 305 -19.85 25.68 22.07
C GLY C 305 -18.75 26.26 22.93
N GLU C 306 -19.03 26.41 24.21
CA GLU C 306 -18.06 26.97 25.12
C GLU C 306 -16.78 26.12 25.24
N ILE C 307 -16.89 24.81 25.01
CA ILE C 307 -15.71 23.93 25.16
C ILE C 307 -15.75 22.78 24.12
N PRO C 308 -15.35 23.09 22.87
CA PRO C 308 -15.41 22.07 21.80
C PRO C 308 -14.55 20.85 22.12
N ILE C 309 -15.15 19.68 21.99
CA ILE C 309 -14.43 18.45 22.18
C ILE C 309 -14.40 17.79 20.81
N ASN C 310 -13.23 17.28 20.45
CA ASN C 310 -13.03 16.60 19.17
C ASN C 310 -13.45 17.44 17.95
N PRO C 311 -12.95 18.68 17.87
CA PRO C 311 -13.20 19.49 16.66
C PRO C 311 -12.64 18.80 15.38
N SER C 312 -11.68 17.90 15.53
CA SER C 312 -11.18 17.10 14.39
C SER C 312 -12.22 16.15 13.80
N GLY C 313 -13.26 15.83 14.56
CA GLY C 313 -14.13 14.67 14.27
C GLY C 313 -13.92 13.51 15.24
N GLY C 314 -12.86 13.62 16.06
CA GLY C 314 -12.48 12.56 17.02
C GLY C 314 -12.07 11.28 16.32
N LEU C 315 -11.77 10.23 17.08
CA LEU C 315 -11.54 8.92 16.48
C LEU C 315 -12.80 8.51 15.73
N ASN C 316 -13.96 8.91 16.26
CA ASN C 316 -15.26 8.57 15.63
C ASN C 316 -15.29 8.80 14.11
N SER C 317 -14.81 9.96 13.67
CA SER C 317 -14.87 10.31 12.28
C SER C 317 -13.48 10.37 11.61
N LYS C 318 -12.41 10.64 12.39
CA LYS C 318 -11.08 10.63 11.78
C LYS C 318 -10.70 9.24 11.33
N GLY C 319 -11.14 8.21 12.07
CA GLY C 319 -10.55 6.88 12.01
C GLY C 319 -9.39 6.79 12.98
N HIS C 320 -8.87 5.59 13.19
CA HIS C 320 -7.91 5.36 14.27
C HIS C 320 -6.76 4.44 13.82
N PRO C 321 -5.79 4.98 13.07
CA PRO C 321 -4.56 4.21 12.79
C PRO C 321 -3.80 4.21 14.11
N ILE C 322 -3.75 3.05 14.77
CA ILE C 322 -3.31 2.93 16.18
C ILE C 322 -2.17 3.87 16.55
N GLY C 323 -0.99 3.71 15.93
CA GLY C 323 0.18 4.55 16.31
C GLY C 323 0.08 6.00 15.88
N ALA C 324 -0.78 6.31 14.91
CA ALA C 324 -0.84 7.69 14.41
C ALA C 324 -1.68 8.62 15.29
N SER C 325 -2.70 8.06 15.91
CA SER C 325 -3.76 8.91 16.50
C SER C 325 -3.26 9.93 17.50
N GLY C 326 -2.41 9.47 18.44
CA GLY C 326 -1.88 10.36 19.49
C GLY C 326 -1.07 11.52 18.91
N VAL C 327 -0.40 11.26 17.78
CA VAL C 327 0.37 12.32 17.09
C VAL C 327 -0.58 13.25 16.32
N ALA C 328 -1.60 12.68 15.67
CA ALA C 328 -2.60 13.49 14.92
C ALA C 328 -3.29 14.50 15.84
N GLN C 329 -3.48 14.12 17.10
CA GLN C 329 -4.13 15.05 18.04
C GLN C 329 -3.25 16.25 18.31
N ALA C 330 -1.93 16.04 18.34
CA ALA C 330 -1.02 17.16 18.53
C ALA C 330 -1.03 18.03 17.26
N VAL C 331 -1.16 17.41 16.08
CA VAL C 331 -1.28 18.19 14.83
C VAL C 331 -2.53 19.08 14.89
N GLU C 332 -3.62 18.50 15.37
CA GLU C 332 -4.86 19.27 15.57
C GLU C 332 -4.64 20.44 16.52
N ALA C 333 -4.03 20.18 17.68
CA ALA C 333 -3.84 21.24 18.67
C ALA C 333 -2.97 22.39 18.08
N PHE C 334 -1.93 22.01 17.34
CA PHE C 334 -1.02 22.97 16.66
C PHE C 334 -1.84 23.84 15.70
N SER C 335 -2.70 23.21 14.89
CA SER C 335 -3.47 23.93 13.85
C SER C 335 -4.50 24.82 14.52
N GLN C 336 -5.16 24.30 15.55
CA GLN C 336 -6.19 25.09 16.24
C GLN C 336 -5.59 26.33 16.92
N ILE C 337 -4.49 26.16 17.65
CA ILE C 337 -3.91 27.28 18.42
C ILE C 337 -3.35 28.35 17.46
N ARG C 338 -2.92 27.92 16.29
CA ARG C 338 -2.39 28.85 15.30
C ARG C 338 -3.46 29.50 14.44
N ASN C 339 -4.73 29.19 14.69
CA ASN C 339 -5.86 29.70 13.88
C ASN C 339 -5.77 29.25 12.42
N GLU C 340 -5.38 27.99 12.23
CA GLU C 340 -5.16 27.44 10.90
C GLU C 340 -6.11 26.29 10.61
N ALA C 341 -7.12 26.10 11.46
CA ALA C 341 -7.99 24.94 11.26
C ALA C 341 -9.22 25.21 10.36
N GLY C 342 -9.29 26.38 9.74
CA GLY C 342 -10.29 26.58 8.68
C GLY C 342 -11.72 26.48 9.17
N ASN C 343 -12.54 25.69 8.48
CA ASN C 343 -13.94 25.59 8.86
C ASN C 343 -14.15 24.89 10.20
N ARG C 344 -13.15 24.13 10.66
CA ARG C 344 -13.19 23.43 11.97
C ARG C 344 -12.60 24.26 13.07
N GLN C 345 -12.27 25.52 12.79
CA GLN C 345 -11.58 26.37 13.75
C GLN C 345 -12.37 26.58 15.04
N VAL C 346 -11.70 26.32 16.18
CA VAL C 346 -12.25 26.68 17.49
C VAL C 346 -11.97 28.14 17.75
N LYS C 347 -13.03 28.94 17.88
CA LYS C 347 -12.83 30.37 18.03
C LYS C 347 -11.96 30.73 19.22
N ASN C 348 -10.95 31.56 18.97
CA ASN C 348 -10.05 32.11 19.98
C ASN C 348 -9.31 31.03 20.79
N ALA C 349 -8.97 29.93 20.14
CA ALA C 349 -8.27 28.85 20.84
C ALA C 349 -6.86 29.27 21.20
N ARG C 350 -6.52 29.19 22.48
CA ARG C 350 -5.18 29.51 22.96
C ARG C 350 -4.56 28.34 23.73
N VAL C 351 -5.39 27.50 24.35
CA VAL C 351 -4.90 26.40 25.19
C VAL C 351 -5.75 25.21 24.83
N GLY C 352 -5.10 24.05 24.63
CA GLY C 352 -5.83 22.83 24.28
C GLY C 352 -5.29 21.62 25.00
N LEU C 353 -6.02 20.53 24.89
CA LEU C 353 -5.61 19.29 25.56
C LEU C 353 -5.78 18.12 24.59
N SER C 354 -4.88 17.15 24.64
CA SER C 354 -5.17 15.85 23.99
C SER C 354 -5.04 14.68 24.97
N LEU C 355 -5.79 13.62 24.68
CA LEU C 355 -5.68 12.37 25.45
C LEU C 355 -5.45 11.22 24.50
N SER C 356 -4.37 10.47 24.75
CA SER C 356 -3.99 9.26 24.02
C SER C 356 -4.12 8.10 25.02
N MSE C 357 -4.87 7.04 24.68
CA MSE C 357 -5.17 5.98 25.67
C MSE C 357 -4.95 4.60 25.10
O MSE C 357 -5.42 4.30 23.97
CB MSE C 357 -6.68 6.13 25.99
CG MSE C 357 -7.03 5.13 27.06
SE MSE C 357 -8.91 5.42 27.67
CE MSE C 357 -9.86 4.46 26.26
N ALA C 358 -4.22 3.76 25.85
CA ALA C 358 -4.06 2.33 25.51
C ALA C 358 -5.17 1.48 26.14
N GLY C 359 -5.68 0.52 25.38
CA GLY C 359 -6.71 -0.41 25.89
C GLY C 359 -7.90 0.29 26.50
N TYR C 360 -8.56 -0.38 27.42
CA TYR C 360 -9.71 0.28 28.03
C TYR C 360 -9.25 1.06 29.27
N GLY C 361 -8.50 2.13 29.05
CA GLY C 361 -7.92 2.88 30.14
C GLY C 361 -6.72 2.21 30.81
N ASN C 362 -6.00 1.33 30.10
CA ASN C 362 -4.83 0.66 30.71
C ASN C 362 -3.64 1.60 30.85
N SER C 363 -3.57 2.58 29.92
CA SER C 363 -2.55 3.63 29.98
C SER C 363 -3.10 4.89 29.32
N ALA C 364 -2.71 6.04 29.84
CA ALA C 364 -3.20 7.33 29.37
C ALA C 364 -2.10 8.37 29.44
N THR C 365 -2.01 9.18 28.37
CA THR C 365 -1.15 10.34 28.37
C THR C 365 -2.01 11.54 27.99
N VAL C 366 -1.92 12.58 28.79
CA VAL C 366 -2.66 13.81 28.58
C VAL C 366 -1.65 14.90 28.34
N ILE C 367 -1.84 15.65 27.25
CA ILE C 367 -0.89 16.71 26.88
C ILE C 367 -1.65 18.02 26.82
N ILE C 368 -1.10 19.06 27.43
CA ILE C 368 -1.71 20.40 27.38
C ILE C 368 -0.80 21.30 26.54
N TYR C 369 -1.42 21.96 25.56
CA TYR C 369 -0.73 22.83 24.59
C TYR C 369 -1.16 24.27 24.77
N GLY C 370 -0.29 25.24 24.49
CA GLY C 370 -0.71 26.62 24.54
C GLY C 370 0.10 27.51 23.64
N ASP C 371 -0.35 28.75 23.50
CA ASP C 371 0.41 29.72 22.71
C ASP C 371 1.49 30.45 23.52
N GLU C 372 1.59 30.11 24.79
CA GLU C 372 2.67 30.56 25.68
C GLU C 372 3.27 29.36 26.40
N PRO C 373 4.55 29.43 26.73
CA PRO C 373 5.24 28.34 27.41
C PRO C 373 4.57 27.89 28.71
N VAL D 2 4.91 10.59 -24.55
CA VAL D 2 4.63 10.05 -23.17
C VAL D 2 5.85 9.25 -22.75
N ALA D 3 5.98 9.01 -21.45
CA ALA D 3 7.16 8.35 -20.92
C ALA D 3 6.79 7.35 -19.83
N ILE D 4 7.55 6.27 -19.76
CA ILE D 4 7.49 5.35 -18.64
C ILE D 4 8.44 5.91 -17.58
N VAL D 5 7.96 6.09 -16.35
CA VAL D 5 8.79 6.71 -15.30
C VAL D 5 9.12 5.72 -14.19
N ASP D 6 8.42 4.59 -14.14
CA ASP D 6 8.73 3.55 -13.16
C ASP D 6 8.06 2.26 -13.61
N VAL D 7 8.49 1.15 -13.03
CA VAL D 7 8.06 -0.19 -13.51
C VAL D 7 8.01 -1.16 -12.34
N GLY D 8 7.36 -2.30 -12.55
CA GLY D 8 7.35 -3.40 -11.58
C GLY D 8 7.36 -4.71 -12.37
N ILE D 9 7.94 -5.76 -11.80
CA ILE D 9 7.96 -7.05 -12.50
C ILE D 9 7.98 -8.18 -11.46
N THR D 10 7.28 -9.27 -11.73
CA THR D 10 7.33 -10.44 -10.86
C THR D 10 8.11 -11.55 -11.54
N LYS D 11 8.57 -12.53 -10.77
CA LYS D 11 9.06 -13.75 -11.36
C LYS D 11 7.88 -14.42 -12.11
N PHE D 12 8.17 -14.96 -13.29
CA PHE D 12 7.18 -15.67 -14.07
C PHE D 12 7.37 -17.15 -13.78
N GLY D 13 6.29 -17.90 -13.75
CA GLY D 13 6.43 -19.35 -13.60
C GLY D 13 5.16 -20.01 -13.17
N LYS D 14 5.26 -21.21 -12.60
CA LYS D 14 4.09 -21.83 -11.99
C LYS D 14 4.00 -21.27 -10.58
N ARG D 15 3.18 -20.25 -10.39
CA ARG D 15 3.14 -19.50 -9.13
C ARG D 15 2.01 -20.02 -8.25
N LYS D 16 2.26 -20.08 -6.95
CA LYS D 16 1.24 -20.48 -5.99
C LYS D 16 0.24 -19.35 -5.73
N GLU D 17 0.68 -18.11 -5.91
CA GLU D 17 -0.14 -16.94 -5.62
C GLU D 17 -1.30 -16.82 -6.61
N ASN D 18 -2.42 -16.29 -6.12
CA ASN D 18 -3.54 -15.97 -6.97
C ASN D 18 -3.26 -14.68 -7.73
N ILE D 19 -4.16 -14.33 -8.64
CA ILE D 19 -3.95 -13.22 -9.57
C ILE D 19 -3.85 -11.88 -8.81
N PHE D 20 -4.63 -11.75 -7.74
CA PHE D 20 -4.60 -10.53 -6.94
C PHE D 20 -3.28 -10.34 -6.24
N ASP D 21 -2.73 -11.43 -5.74
CA ASP D 21 -1.45 -11.29 -5.07
C ASP D 21 -0.28 -11.02 -6.03
N LEU D 22 -0.37 -11.54 -7.25
CA LEU D 22 0.61 -11.17 -8.28
C LEU D 22 0.53 -9.66 -8.58
N VAL D 23 -0.69 -9.13 -8.63
CA VAL D 23 -0.86 -7.69 -8.91
C VAL D 23 -0.36 -6.85 -7.71
N LYS D 24 -0.65 -7.32 -6.50
CA LYS D 24 -0.15 -6.62 -5.32
C LYS D 24 1.37 -6.59 -5.34
N GLU D 25 1.99 -7.72 -5.66
CA GLU D 25 3.45 -7.79 -5.70
C GLU D 25 4.04 -6.84 -6.73
N VAL D 26 3.46 -6.85 -7.93
CA VAL D 26 4.08 -6.09 -9.00
C VAL D 26 3.90 -4.58 -8.83
N THR D 27 2.92 -4.17 -8.03
CA THR D 27 2.64 -2.74 -7.86
C THR D 27 3.13 -2.18 -6.52
N GLU D 28 3.82 -3.02 -5.76
CA GLU D 28 4.13 -2.62 -4.38
C GLU D 28 5.00 -1.36 -4.28
N LYS D 29 5.85 -1.08 -5.26
CA LYS D 29 6.64 0.16 -5.28
C LYS D 29 6.00 1.27 -6.12
N LEU D 30 4.83 1.00 -6.71
CA LEU D 30 4.26 1.95 -7.67
C LEU D 30 3.07 2.73 -7.13
N LEU D 31 2.49 2.28 -6.03
CA LEU D 31 1.32 2.95 -5.49
C LEU D 31 1.62 4.26 -4.77
N LYS D 32 2.90 4.61 -4.64
CA LYS D 32 3.24 5.94 -4.14
C LYS D 32 2.81 7.05 -5.09
N TYR D 33 2.64 6.74 -6.37
CA TYR D 33 2.27 7.75 -7.35
C TYR D 33 0.78 8.07 -7.33
N ASP D 34 0.43 9.25 -7.83
CA ASP D 34 -0.97 9.69 -7.83
C ASP D 34 -1.67 9.14 -9.07
N ILE D 35 -1.84 7.83 -9.06
CA ILE D 35 -2.46 7.14 -10.20
C ILE D 35 -3.90 7.57 -10.44
N ASP D 36 -4.24 7.91 -11.69
CA ASP D 36 -5.63 8.32 -11.94
C ASP D 36 -6.36 7.48 -13.02
N TYR D 37 -5.66 6.49 -13.58
CA TYR D 37 -6.35 5.43 -14.40
C TYR D 37 -5.54 4.16 -14.31
N VAL D 38 -6.23 3.01 -14.24
CA VAL D 38 -5.52 1.72 -14.27
C VAL D 38 -6.02 0.98 -15.50
N ILE D 39 -5.08 0.55 -16.33
CA ILE D 39 -5.40 -0.26 -17.51
C ILE D 39 -4.87 -1.64 -17.22
N VAL D 40 -5.77 -2.64 -17.23
CA VAL D 40 -5.38 -4.01 -16.93
C VAL D 40 -5.32 -4.79 -18.24
N SER D 41 -4.16 -5.35 -18.53
CA SER D 41 -3.93 -6.19 -19.71
C SER D 41 -4.04 -7.63 -19.22
N ASN D 42 -5.11 -8.31 -19.64
CA ASN D 42 -5.38 -9.66 -19.15
C ASN D 42 -6.37 -10.27 -20.13
N SER D 43 -6.14 -11.54 -20.48
N SER D 43 -6.17 -11.54 -20.46
CA SER D 43 -6.98 -12.17 -21.50
CA SER D 43 -7.04 -12.15 -21.45
C SER D 43 -7.98 -13.21 -20.99
C SER D 43 -8.06 -13.12 -20.89
N TYR D 44 -7.64 -13.93 -19.92
CA TYR D 44 -8.42 -15.12 -19.51
C TYR D 44 -9.22 -15.07 -18.22
N SER D 45 -9.08 -14.01 -17.43
CA SER D 45 -9.84 -13.94 -16.17
C SER D 45 -11.35 -14.15 -16.41
N THR D 51 -13.12 -15.36 -12.71
CA THR D 51 -12.91 -14.10 -11.99
C THR D 51 -13.38 -12.84 -12.74
N SER D 52 -14.70 -12.72 -12.88
CA SER D 52 -15.36 -11.59 -13.53
C SER D 52 -15.02 -10.21 -12.90
N GLY D 53 -15.01 -9.16 -13.72
CA GLY D 53 -14.83 -7.79 -13.23
C GLY D 53 -13.46 -7.55 -12.65
N LEU D 54 -12.45 -8.18 -13.27
CA LEU D 54 -11.09 -8.15 -12.76
C LEU D 54 -10.57 -6.73 -12.55
N SER D 55 -10.82 -5.83 -13.50
CA SER D 55 -10.24 -4.50 -13.36
C SER D 55 -10.74 -3.75 -12.08
N SER D 56 -12.00 -3.92 -11.70
CA SER D 56 -12.54 -3.30 -10.46
C SER D 56 -12.09 -4.04 -9.23
N LEU D 57 -11.98 -5.35 -9.34
CA LEU D 57 -11.45 -6.13 -8.23
C LEU D 57 -10.02 -5.72 -7.90
N ILE D 58 -9.22 -5.44 -8.94
CA ILE D 58 -7.83 -5.00 -8.77
C ILE D 58 -7.72 -3.61 -8.11
N THR D 59 -8.50 -2.64 -8.57
CA THR D 59 -8.45 -1.29 -7.96
C THR D 59 -8.86 -1.37 -6.47
N THR D 60 -9.85 -2.19 -6.15
CA THR D 60 -10.27 -2.39 -4.76
C THR D 60 -9.17 -3.08 -3.94
N TYR D 61 -8.59 -4.15 -4.49
CA TYR D 61 -7.56 -4.92 -3.80
C TYR D 61 -6.35 -4.05 -3.49
N LEU D 62 -6.02 -3.12 -4.40
CA LEU D 62 -4.86 -2.25 -4.24
C LEU D 62 -5.17 -0.97 -3.42
N ASN D 63 -6.40 -0.84 -2.90
CA ASN D 63 -6.82 0.41 -2.22
C ASN D 63 -6.73 1.62 -3.15
N LEU D 64 -6.97 1.37 -4.45
CA LEU D 64 -7.15 2.43 -5.43
C LEU D 64 -8.65 2.48 -5.71
N ASP D 65 -9.46 2.38 -4.65
CA ASP D 65 -10.88 2.05 -4.76
C ASP D 65 -11.64 2.98 -5.71
N TYR D 66 -11.28 4.25 -5.73
CA TYR D 66 -12.01 5.19 -6.57
C TYR D 66 -11.43 5.37 -7.96
N VAL D 67 -10.23 4.87 -8.21
CA VAL D 67 -9.51 5.14 -9.47
C VAL D 67 -10.19 4.31 -10.59
N PRO D 68 -10.60 4.97 -11.68
CA PRO D 68 -11.27 4.25 -12.77
C PRO D 68 -10.34 3.26 -13.45
N SER D 69 -10.91 2.14 -13.91
CA SER D 69 -10.10 1.14 -14.58
C SER D 69 -10.91 0.42 -15.63
N LEU D 70 -10.21 -0.28 -16.50
CA LEU D 70 -10.86 -1.15 -17.48
C LEU D 70 -9.84 -2.19 -17.89
N ARG D 71 -10.31 -3.24 -18.55
CA ARG D 71 -9.42 -4.30 -19.02
C ARG D 71 -9.30 -4.20 -20.53
N VAL D 72 -8.08 -4.33 -21.05
CA VAL D 72 -7.85 -4.42 -22.49
C VAL D 72 -7.45 -5.85 -22.79
N ASP D 73 -8.14 -6.44 -23.76
CA ASP D 73 -7.86 -7.79 -24.22
C ASP D 73 -7.60 -7.74 -25.71
N ASN D 74 -6.41 -8.19 -26.10
CA ASN D 74 -6.11 -8.45 -27.49
C ASN D 74 -5.27 -9.74 -27.49
N THR D 75 -5.77 -10.72 -26.74
CA THR D 75 -5.11 -12.02 -26.47
C THR D 75 -3.60 -11.85 -26.28
N SER D 76 -2.72 -12.52 -27.04
CA SER D 76 -1.28 -12.38 -26.77
C SER D 76 -0.72 -10.99 -27.09
N GLY D 77 -1.49 -10.18 -27.81
CA GLY D 77 -1.09 -8.79 -28.03
C GLY D 77 -1.68 -7.82 -27.01
N SER D 78 -2.23 -8.31 -25.90
CA SER D 78 -2.94 -7.43 -24.94
C SER D 78 -2.03 -6.34 -24.37
N GLY D 79 -0.80 -6.71 -24.05
CA GLY D 79 0.11 -5.78 -23.37
C GLY D 79 0.43 -4.55 -24.23
N GLY D 80 0.75 -4.77 -25.50
CA GLY D 80 1.02 -3.66 -26.45
C GLY D 80 -0.21 -2.77 -26.61
N SER D 81 -1.37 -3.39 -26.80
CA SER D 81 -2.63 -2.64 -26.94
C SER D 81 -2.93 -1.81 -25.69
N ALA D 82 -2.68 -2.38 -24.52
CA ALA D 82 -2.93 -1.66 -23.26
C ALA D 82 -2.03 -0.42 -23.15
N ILE D 83 -0.77 -0.54 -23.55
CA ILE D 83 0.20 0.61 -23.50
C ILE D 83 -0.27 1.68 -24.50
N LEU D 84 -0.78 1.26 -25.67
CA LEU D 84 -1.41 2.22 -26.62
C LEU D 84 -2.57 2.99 -26.01
N VAL D 85 -3.46 2.29 -25.33
CA VAL D 85 -4.59 2.90 -24.67
C VAL D 85 -4.09 3.89 -23.60
N ALA D 86 -3.11 3.46 -22.82
CA ALA D 86 -2.51 4.37 -21.80
C ALA D 86 -1.95 5.64 -22.43
N LYS D 87 -1.16 5.47 -23.47
CA LYS D 87 -0.57 6.59 -24.18
C LYS D 87 -1.67 7.57 -24.65
N SER D 88 -2.75 7.04 -25.22
N SER D 88 -2.75 7.04 -25.23
CA SER D 88 -3.83 7.90 -25.69
CA SER D 88 -3.83 7.88 -25.72
C SER D 88 -4.60 8.62 -24.60
C SER D 88 -4.59 8.61 -24.61
N LEU D 89 -4.85 7.92 -23.49
CA LEU D 89 -5.49 8.53 -22.34
C LEU D 89 -4.63 9.71 -21.83
N LEU D 90 -3.32 9.57 -21.85
CA LEU D 90 -2.40 10.66 -21.40
C LEU D 90 -2.40 11.82 -22.39
N GLU D 91 -2.24 11.50 -23.66
CA GLU D 91 -2.15 12.56 -24.69
C GLU D 91 -3.43 13.34 -24.89
N SER D 92 -4.57 12.68 -24.70
CA SER D 92 -5.88 13.33 -24.82
C SER D 92 -6.18 14.17 -23.57
N LYS D 93 -5.32 14.03 -22.55
CA LYS D 93 -5.49 14.65 -21.23
C LYS D 93 -6.67 14.12 -20.41
N GLU D 94 -7.20 12.96 -20.80
CA GLU D 94 -8.21 12.30 -19.98
C GLU D 94 -7.59 11.84 -18.66
N ALA D 95 -6.32 11.49 -18.69
CA ALA D 95 -5.61 11.05 -17.50
C ALA D 95 -4.23 11.72 -17.45
N ASN D 96 -3.62 11.71 -16.25
CA ASN D 96 -2.29 12.29 -16.05
C ASN D 96 -1.22 11.29 -15.60
N THR D 97 -1.63 10.19 -14.95
CA THR D 97 -0.69 9.23 -14.40
C THR D 97 -1.33 7.86 -14.51
N VAL D 98 -0.96 7.12 -15.55
CA VAL D 98 -1.62 5.83 -15.82
C VAL D 98 -0.75 4.65 -15.38
N LEU D 99 -1.36 3.72 -14.66
CA LEU D 99 -0.71 2.49 -14.27
C LEU D 99 -1.23 1.44 -15.23
N VAL D 100 -0.33 0.80 -15.97
CA VAL D 100 -0.73 -0.34 -16.78
C VAL D 100 -0.25 -1.61 -16.06
N VAL D 101 -1.17 -2.53 -15.78
CA VAL D 101 -0.77 -3.79 -15.15
C VAL D 101 -1.10 -4.92 -16.13
N GLY D 102 -0.08 -5.64 -16.58
CA GLY D 102 -0.34 -6.87 -17.38
C GLY D 102 -0.19 -8.04 -16.42
N VAL D 103 -1.12 -8.98 -16.47
CA VAL D 103 -1.08 -10.09 -15.54
C VAL D 103 -1.82 -11.26 -16.15
N GLU D 104 -1.34 -12.47 -15.93
CA GLU D 104 -2.11 -13.66 -16.32
C GLU D 104 -1.80 -14.77 -15.33
N LYS D 105 -2.83 -15.54 -15.00
CA LYS D 105 -2.70 -16.70 -14.13
C LYS D 105 -3.18 -17.89 -14.97
N MSE D 106 -2.24 -18.71 -15.44
CA MSE D 106 -2.55 -19.77 -16.41
C MSE D 106 -2.44 -21.13 -15.76
O MSE D 106 -2.92 -22.11 -16.30
CB MSE D 106 -1.58 -19.72 -17.58
CG MSE D 106 -1.76 -18.38 -18.30
SE MSE D 106 -0.50 -18.32 -19.80
CE MSE D 106 -1.58 -19.38 -21.10
N SER D 107 -1.76 -21.17 -14.61
CA SER D 107 -1.82 -22.31 -13.71
C SER D 107 -3.25 -22.60 -13.21
N GLU D 108 -4.12 -21.58 -13.28
CA GLU D 108 -5.54 -21.72 -12.90
C GLU D 108 -6.44 -21.91 -14.12
N ALA D 129 -6.75 -25.36 -36.36
CA ALA D 129 -5.29 -25.29 -36.41
C ALA D 129 -4.71 -24.50 -35.23
N SER D 130 -3.92 -25.18 -34.39
CA SER D 130 -3.35 -24.58 -33.19
C SER D 130 -2.15 -23.65 -33.54
N LEU D 131 -1.84 -22.73 -32.65
CA LEU D 131 -0.69 -21.85 -32.85
C LEU D 131 0.62 -22.65 -32.99
N PRO D 132 0.83 -23.69 -32.14
CA PRO D 132 2.07 -24.45 -32.34
C PRO D 132 2.20 -25.09 -33.72
N SER D 133 1.09 -25.60 -34.25
N SER D 133 1.10 -25.58 -34.29
CA SER D 133 1.06 -26.19 -35.57
CA SER D 133 1.14 -26.22 -35.61
C SER D 133 1.46 -25.17 -36.62
C SER D 133 1.36 -25.20 -36.73
N LEU D 134 0.81 -24.00 -36.56
CA LEU D 134 1.06 -22.92 -37.49
C LEU D 134 2.54 -22.51 -37.48
N ALA D 135 3.15 -22.43 -36.29
CA ALA D 135 4.59 -22.18 -36.18
C ALA D 135 5.41 -23.23 -36.92
N SER D 136 5.03 -24.50 -36.78
N SER D 136 5.04 -24.50 -36.78
CA SER D 136 5.75 -25.55 -37.46
CA SER D 136 5.79 -25.55 -37.47
C SER D 136 5.65 -25.42 -38.98
C SER D 136 5.66 -25.41 -38.99
N ILE D 137 4.48 -25.00 -39.47
CA ILE D 137 4.27 -24.74 -40.92
C ILE D 137 5.21 -23.62 -41.39
N SER D 138 5.29 -22.53 -40.60
CA SER D 138 6.27 -21.47 -40.91
C SER D 138 7.70 -21.97 -40.96
N ALA D 139 8.09 -22.80 -39.99
CA ALA D 139 9.43 -23.40 -39.98
C ALA D 139 9.70 -24.20 -41.26
N ILE D 140 8.73 -25.04 -41.63
CA ILE D 140 8.83 -25.89 -42.84
C ILE D 140 8.98 -25.00 -44.08
N GLU D 141 8.09 -24.02 -44.19
CA GLU D 141 8.08 -23.16 -45.37
C GLU D 141 9.37 -22.30 -45.46
N TYR D 142 9.82 -21.79 -44.31
CA TYR D 142 11.07 -21.03 -44.26
C TYR D 142 12.27 -21.85 -44.78
N MSE D 143 12.44 -23.09 -44.29
CA MSE D 143 13.53 -23.95 -44.76
C MSE D 143 13.36 -24.31 -46.23
O MSE D 143 14.35 -24.30 -46.97
CB MSE D 143 13.61 -25.20 -43.87
CG MSE D 143 14.18 -24.81 -42.50
SE MSE D 143 14.51 -26.44 -41.44
CE MSE D 143 12.73 -26.62 -40.66
N ARG D 144 12.13 -24.58 -46.68
CA ARG D 144 11.92 -24.82 -48.13
C ARG D 144 12.30 -23.64 -49.02
N LYS D 145 11.88 -22.45 -48.60
CA LYS D 145 12.04 -21.25 -49.43
C LYS D 145 13.47 -20.69 -49.41
N PHE D 146 14.15 -20.80 -48.27
CA PHE D 146 15.41 -20.10 -48.09
C PHE D 146 16.59 -21.02 -47.84
N ASN D 147 16.34 -22.32 -47.68
CA ASN D 147 17.40 -23.28 -47.30
C ASN D 147 18.15 -22.94 -46.01
N ALA D 148 17.45 -22.35 -45.04
CA ALA D 148 18.04 -22.13 -43.74
C ALA D 148 18.24 -23.50 -43.10
N PRO D 149 19.43 -23.75 -42.51
CA PRO D 149 19.66 -25.02 -41.85
C PRO D 149 18.80 -25.12 -40.59
N ARG D 150 18.38 -26.33 -40.27
CA ARG D 150 17.53 -26.58 -39.09
C ARG D 150 18.15 -25.95 -37.83
N GLU D 151 19.47 -26.06 -37.74
CA GLU D 151 20.20 -25.57 -36.58
C GLU D 151 20.03 -24.06 -36.33
N SER D 152 19.83 -23.29 -37.39
CA SER D 152 19.65 -21.82 -37.28
C SER D 152 18.36 -21.48 -36.50
N ILE D 153 17.35 -22.33 -36.65
CA ILE D 153 16.05 -22.14 -35.99
C ILE D 153 16.20 -22.57 -34.51
N ALA D 154 16.84 -23.71 -34.26
CA ALA D 154 17.02 -24.19 -32.90
C ALA D 154 17.97 -23.30 -32.12
N GLN D 155 18.92 -22.68 -32.83
CA GLN D 155 19.88 -21.76 -32.20
C GLN D 155 19.23 -20.56 -31.52
N VAL D 156 18.05 -20.15 -32.02
CA VAL D 156 17.29 -19.08 -31.35
C VAL D 156 17.01 -19.47 -29.89
N ALA D 157 16.66 -20.74 -29.66
CA ALA D 157 16.32 -21.20 -28.33
C ALA D 157 17.59 -21.33 -27.49
N VAL D 158 18.73 -21.63 -28.12
CA VAL D 158 19.98 -21.68 -27.38
C VAL D 158 20.32 -20.30 -26.85
N LYS D 159 20.29 -19.31 -27.75
CA LYS D 159 20.51 -17.90 -27.43
C LYS D 159 19.53 -17.44 -26.32
N ASN D 160 18.26 -17.75 -26.50
CA ASN D 160 17.24 -17.22 -25.57
C ASN D 160 17.30 -17.87 -24.20
N HIS D 161 17.60 -19.17 -24.14
CA HIS D 161 17.81 -19.83 -22.84
C HIS D 161 19.06 -19.29 -22.16
N TYR D 162 20.09 -18.94 -22.93
CA TYR D 162 21.28 -18.30 -22.36
C TYR D 162 20.87 -16.97 -21.72
N ASN D 163 20.18 -16.11 -22.47
CA ASN D 163 19.79 -14.81 -21.94
C ASN D 163 18.87 -15.00 -20.75
N GLY D 164 17.93 -15.94 -20.86
CA GLY D 164 17.01 -16.20 -19.76
C GLY D 164 17.71 -16.68 -18.49
N SER D 165 18.83 -17.40 -18.65
CA SER D 165 19.61 -17.89 -17.47
C SER D 165 20.18 -16.74 -16.67
N LEU D 166 20.25 -15.56 -17.28
CA LEU D 166 20.74 -14.33 -16.63
C LEU D 166 19.62 -13.43 -16.11
N ASN D 167 18.37 -13.86 -16.33
CA ASN D 167 17.18 -13.08 -15.98
C ASN D 167 16.50 -13.69 -14.75
N PRO D 168 16.66 -13.08 -13.56
CA PRO D 168 16.11 -13.72 -12.35
C PRO D 168 14.58 -13.81 -12.30
N PHE D 169 13.89 -13.15 -13.23
CA PHE D 169 12.45 -13.20 -13.30
C PHE D 169 11.91 -14.25 -14.27
N ALA D 170 12.80 -14.83 -15.08
CA ALA D 170 12.36 -15.77 -16.13
C ALA D 170 11.81 -17.10 -15.61
N HIS D 171 10.79 -17.62 -16.28
CA HIS D 171 10.24 -18.93 -15.96
C HIS D 171 11.33 -20.01 -16.06
N ILE D 172 12.11 -19.95 -17.13
CA ILE D 172 13.17 -20.94 -17.39
C ILE D 172 14.52 -20.23 -17.25
N GLN D 173 15.35 -20.76 -16.37
CA GLN D 173 16.68 -20.19 -16.16
C GLN D 173 17.64 -21.36 -16.21
N LYS D 174 17.79 -21.93 -17.39
CA LYS D 174 18.60 -23.14 -17.59
C LYS D 174 19.15 -23.10 -19.00
N ARG D 175 20.47 -23.06 -19.11
N ARG D 175 20.47 -23.06 -19.12
CA ARG D 175 21.11 -23.09 -20.41
CA ARG D 175 21.07 -23.06 -20.44
C ARG D 175 20.85 -24.46 -21.06
C ARG D 175 20.90 -24.43 -21.06
N VAL D 176 20.59 -24.44 -22.35
CA VAL D 176 20.43 -25.66 -23.12
C VAL D 176 21.34 -25.60 -24.35
N THR D 177 21.84 -26.77 -24.76
CA THR D 177 22.63 -26.84 -25.98
C THR D 177 21.71 -27.06 -27.19
N LEU D 178 22.28 -26.87 -28.38
CA LEU D 178 21.58 -27.17 -29.61
C LEU D 178 21.05 -28.60 -29.59
N GLU D 179 21.88 -29.52 -29.09
CA GLU D 179 21.53 -30.93 -29.03
C GLU D 179 20.31 -31.20 -28.12
N GLU D 180 20.30 -30.55 -26.95
CA GLU D 180 19.18 -30.63 -26.02
C GLU D 180 17.90 -30.06 -26.62
N VAL D 181 18.02 -28.95 -27.34
CA VAL D 181 16.85 -28.36 -28.00
C VAL D 181 16.30 -29.34 -29.03
N LEU D 182 17.18 -29.88 -29.86
CA LEU D 182 16.76 -30.70 -31.01
C LEU D 182 16.33 -32.08 -30.60
N ASN D 183 16.65 -32.45 -29.37
CA ASN D 183 16.20 -33.73 -28.84
C ASN D 183 15.11 -33.63 -27.80
N SER D 184 14.62 -32.41 -27.56
CA SER D 184 13.50 -32.25 -26.65
C SER D 184 12.25 -32.80 -27.36
N PRO D 185 11.18 -33.11 -26.61
CA PRO D 185 10.02 -33.78 -27.23
C PRO D 185 9.44 -33.01 -28.42
N VAL D 186 9.10 -33.73 -29.51
CA VAL D 186 8.49 -33.10 -30.67
C VAL D 186 7.11 -32.59 -30.29
N ILE D 187 6.80 -31.36 -30.69
CA ILE D 187 5.45 -30.82 -30.45
C ILE D 187 4.69 -30.93 -31.75
N SER D 188 5.28 -30.40 -32.81
CA SER D 188 4.71 -30.42 -34.14
C SER D 188 5.91 -30.37 -35.04
N GLU D 189 6.24 -31.49 -35.67
CA GLU D 189 7.42 -31.59 -36.52
C GLU D 189 7.49 -30.42 -37.50
N PRO D 190 8.64 -29.73 -37.59
CA PRO D 190 9.93 -30.07 -36.98
C PRO D 190 10.20 -29.50 -35.58
N LEU D 191 9.30 -28.66 -35.08
CA LEU D 191 9.62 -27.89 -33.85
C LEU D 191 9.47 -28.72 -32.57
N ARG D 192 10.38 -28.46 -31.63
CA ARG D 192 10.49 -29.24 -30.40
C ARG D 192 10.10 -28.42 -29.19
N LEU D 193 9.91 -29.10 -28.06
CA LEU D 193 9.41 -28.45 -26.84
C LEU D 193 10.18 -27.19 -26.46
N TYR D 194 11.51 -27.25 -26.50
CA TYR D 194 12.33 -26.14 -26.02
C TYR D 194 12.33 -24.94 -26.97
N GLU D 195 11.64 -25.08 -28.12
CA GLU D 195 11.50 -23.97 -29.06
C GLU D 195 10.22 -23.16 -28.88
N TYR D 196 9.38 -23.58 -27.93
CA TYR D 196 8.11 -22.92 -27.68
C TYR D 196 8.09 -22.30 -26.31
N THR D 197 7.28 -21.25 -26.17
CA THR D 197 7.15 -20.59 -24.87
C THR D 197 6.26 -21.41 -23.92
N PRO D 198 6.66 -21.52 -22.64
CA PRO D 198 5.75 -22.22 -21.71
C PRO D 198 4.55 -21.39 -21.25
N ILE D 199 3.49 -22.10 -20.87
CA ILE D 199 2.38 -21.56 -20.09
C ILE D 199 2.96 -21.02 -18.80
N SER D 200 2.63 -19.77 -18.44
N SER D 200 2.59 -19.79 -18.42
CA SER D 200 3.23 -19.12 -17.27
CA SER D 200 3.22 -19.15 -17.26
C SER D 200 2.25 -18.22 -16.53
C SER D 200 2.28 -18.20 -16.55
N ASP D 201 2.54 -17.99 -15.25
CA ASP D 201 1.83 -16.99 -14.47
C ASP D 201 2.84 -15.87 -14.25
N GLY D 202 2.35 -14.65 -14.21
CA GLY D 202 3.23 -13.53 -13.85
C GLY D 202 2.55 -12.20 -14.10
N ALA D 203 3.21 -11.12 -13.69
CA ALA D 203 2.68 -9.78 -13.86
C ALA D 203 3.81 -8.81 -14.14
N ALA D 204 3.49 -7.73 -14.84
CA ALA D 204 4.43 -6.69 -15.14
C ALA D 204 3.65 -5.40 -15.10
N ALA D 205 4.32 -4.30 -14.73
CA ALA D 205 3.60 -3.03 -14.62
C ALA D 205 4.49 -1.85 -15.01
N VAL D 206 3.87 -0.82 -15.61
CA VAL D 206 4.56 0.46 -15.93
C VAL D 206 3.69 1.62 -15.47
N VAL D 207 4.36 2.71 -15.07
CA VAL D 207 3.68 3.95 -14.75
C VAL D 207 4.06 4.94 -15.84
N MSE D 208 3.07 5.53 -16.51
CA MSE D 208 3.27 6.40 -17.68
C MSE D 208 2.68 7.78 -17.42
O MSE D 208 1.59 7.91 -16.85
CB MSE D 208 2.56 5.77 -18.91
CG MSE D 208 3.43 4.60 -19.37
SE MSE D 208 2.42 3.42 -20.62
CE MSE D 208 2.17 4.76 -22.05
N VAL D 209 3.37 8.80 -17.90
CA VAL D 209 2.89 10.20 -17.77
C VAL D 209 3.22 10.92 -19.06
N ARG D 210 2.66 12.12 -19.24
CA ARG D 210 3.04 12.91 -20.41
C ARG D 210 4.50 13.41 -20.29
N ASN D 211 5.11 13.71 -21.42
CA ASN D 211 6.50 14.13 -21.43
C ASN D 211 6.72 15.35 -20.52
N GLU D 212 5.76 16.27 -20.49
CA GLU D 212 5.87 17.51 -19.70
C GLU D 212 5.93 17.23 -18.20
N ASP D 213 5.59 16.02 -17.78
CA ASP D 213 5.56 15.65 -16.37
C ASP D 213 6.72 14.72 -16.00
N ALA D 214 7.35 14.13 -17.01
CA ALA D 214 8.24 12.98 -16.78
C ALA D 214 9.45 13.28 -15.87
N LEU D 215 10.09 14.42 -16.10
CA LEU D 215 11.31 14.76 -15.34
C LEU D 215 11.06 15.04 -13.86
N SER D 216 9.81 15.26 -13.49
N SER D 216 9.81 15.29 -13.50
CA SER D 216 9.47 15.46 -12.09
CA SER D 216 9.46 15.45 -12.08
C SER D 216 9.37 14.16 -11.32
C SER D 216 9.65 14.14 -11.34
N TYR D 217 9.43 13.03 -12.05
CA TYR D 217 9.44 11.69 -11.47
C TYR D 217 10.83 11.08 -11.43
N THR D 218 11.60 11.26 -12.51
CA THR D 218 12.91 10.63 -12.65
C THR D 218 13.75 11.44 -13.60
N SER D 219 15.06 11.40 -13.40
CA SER D 219 16.00 12.07 -14.30
C SER D 219 16.21 11.27 -15.58
N LYS D 220 15.73 10.02 -15.60
CA LYS D 220 15.95 9.13 -16.76
C LYS D 220 14.62 8.49 -17.25
N PRO D 221 13.65 9.32 -17.67
CA PRO D 221 12.42 8.69 -18.18
C PRO D 221 12.74 7.93 -19.48
N VAL D 222 11.93 6.92 -19.78
CA VAL D 222 12.08 6.20 -21.07
C VAL D 222 10.85 6.55 -21.90
N TYR D 223 11.06 7.28 -22.99
CA TYR D 223 10.01 7.86 -23.78
C TYR D 223 9.48 6.85 -24.79
N ILE D 224 8.18 6.82 -24.98
CA ILE D 224 7.63 6.12 -26.12
C ILE D 224 7.74 7.07 -27.31
N LYS D 225 8.60 6.72 -28.27
CA LYS D 225 8.82 7.55 -29.47
C LYS D 225 7.72 7.41 -30.52
N GLY D 226 7.13 6.20 -30.60
CA GLY D 226 6.08 5.94 -31.59
C GLY D 226 5.47 4.56 -31.37
N ILE D 227 4.18 4.44 -31.71
CA ILE D 227 3.50 3.14 -31.67
C ILE D 227 2.86 2.89 -33.04
N GLY D 228 2.96 1.68 -33.52
CA GLY D 228 2.24 1.30 -34.73
C GLY D 228 1.36 0.10 -34.43
N SER D 229 0.15 0.08 -35.00
N SER D 229 0.20 0.08 -35.06
CA SER D 229 -0.89 -0.93 -34.69
CA SER D 229 -0.77 -0.93 -34.81
C SER D 229 -1.58 -1.42 -35.97
C SER D 229 -1.29 -1.44 -36.14
N SER D 230 -1.58 -2.73 -36.20
CA SER D 230 -2.18 -3.31 -37.39
C SER D 230 -2.77 -4.70 -37.11
N ASN D 231 -3.90 -4.99 -37.74
CA ASN D 231 -4.41 -6.38 -37.80
C ASN D 231 -4.05 -7.02 -39.15
N TYR D 232 -4.29 -8.32 -39.25
CA TYR D 232 -4.25 -8.98 -40.56
C TYR D 232 -5.23 -10.14 -40.53
N THR D 233 -5.73 -10.58 -41.69
CA THR D 233 -6.74 -11.64 -41.74
C THR D 233 -6.45 -12.78 -40.80
N ALA D 234 -7.42 -13.12 -39.97
CA ALA D 234 -7.31 -14.24 -39.02
C ALA D 234 -7.55 -15.59 -39.73
N TYR D 235 -8.15 -15.56 -40.92
CA TYR D 235 -8.41 -16.80 -41.66
C TYR D 235 -7.12 -17.39 -42.16
N VAL D 236 -6.77 -18.56 -41.63
CA VAL D 236 -5.57 -19.32 -42.02
C VAL D 236 -5.56 -19.63 -43.51
N SER D 237 -6.71 -20.03 -44.05
CA SER D 237 -6.84 -20.33 -45.47
C SER D 237 -6.59 -19.12 -46.38
N GLU D 238 -6.64 -17.92 -45.78
CA GLU D 238 -6.45 -16.67 -46.52
C GLU D 238 -5.14 -15.93 -46.20
N LYS D 239 -4.45 -16.34 -45.14
CA LYS D 239 -3.11 -15.82 -44.84
C LYS D 239 -2.16 -16.24 -45.98
N GLU D 240 -1.62 -15.25 -46.70
CA GLU D 240 -0.91 -15.52 -47.97
C GLU D 240 0.16 -16.62 -47.86
N ASP D 241 1.30 -16.27 -47.29
CA ASP D 241 2.34 -17.24 -47.06
C ASP D 241 2.58 -17.34 -45.54
N PHE D 242 3.47 -18.22 -45.18
CA PHE D 242 3.74 -18.50 -43.79
C PHE D 242 5.11 -18.02 -43.37
N VAL D 243 5.79 -17.23 -44.22
CA VAL D 243 7.11 -16.72 -43.84
C VAL D 243 7.15 -15.22 -43.62
N THR D 244 5.99 -14.56 -43.77
CA THR D 244 5.86 -13.11 -43.49
C THR D 244 4.60 -12.88 -42.67
N LEU D 245 4.70 -11.95 -41.71
CA LEU D 245 3.56 -11.55 -40.90
C LEU D 245 3.16 -10.13 -41.31
N PRO D 246 2.18 -9.98 -42.23
CA PRO D 246 1.86 -8.63 -42.74
C PRO D 246 1.45 -7.61 -41.66
N ALA D 247 0.80 -8.06 -40.59
CA ALA D 247 0.45 -7.15 -39.49
C ALA D 247 1.70 -6.58 -38.84
N VAL D 248 2.73 -7.40 -38.71
CA VAL D 248 4.02 -6.95 -38.14
C VAL D 248 4.72 -5.96 -39.08
N VAL D 249 4.75 -6.30 -40.36
CA VAL D 249 5.29 -5.39 -41.37
C VAL D 249 4.60 -4.03 -41.28
N GLU D 250 3.28 -4.00 -41.25
CA GLU D 250 2.55 -2.74 -41.30
C GLU D 250 2.64 -2.00 -39.95
N ALA D 251 2.55 -2.71 -38.83
CA ALA D 251 2.66 -2.03 -37.53
C ALA D 251 4.05 -1.40 -37.40
N SER D 252 5.08 -2.11 -37.87
CA SER D 252 6.46 -1.61 -37.78
C SER D 252 6.61 -0.38 -38.67
N ARG D 253 6.08 -0.45 -39.88
CA ARG D 253 6.17 0.69 -40.80
C ARG D 253 5.61 1.95 -40.13
N LYS D 254 4.42 1.82 -39.55
CA LYS D 254 3.73 2.92 -38.87
C LYS D 254 4.52 3.41 -37.65
N ALA D 255 5.01 2.47 -36.83
CA ALA D 255 5.80 2.83 -35.65
C ALA D 255 7.03 3.65 -36.01
N PHE D 256 7.80 3.18 -37.00
CA PHE D 256 9.04 3.86 -37.36
C PHE D 256 8.78 5.21 -38.00
N LYS D 257 7.71 5.32 -38.79
CA LYS D 257 7.29 6.59 -39.39
C LYS D 257 6.92 7.60 -38.30
N LYS D 258 6.18 7.15 -37.29
CA LYS D 258 5.77 8.04 -36.20
C LYS D 258 6.92 8.40 -35.26
N ALA D 259 7.85 7.47 -35.07
CA ALA D 259 8.99 7.67 -34.15
C ALA D 259 10.10 8.53 -34.75
N LYS D 260 10.11 8.64 -36.08
CA LYS D 260 11.17 9.32 -36.82
C LYS D 260 12.55 8.81 -36.43
N VAL D 261 12.69 7.50 -36.35
CA VAL D 261 13.99 6.89 -36.19
C VAL D 261 14.18 5.90 -37.34
N GLU D 262 15.43 5.59 -37.62
CA GLU D 262 15.83 4.70 -38.70
C GLU D 262 16.45 3.43 -38.14
N ARG D 263 16.97 3.51 -36.91
CA ARG D 263 17.67 2.39 -36.30
C ARG D 263 17.31 2.19 -34.83
N ILE D 264 17.52 0.96 -34.36
CA ILE D 264 17.26 0.58 -32.98
C ILE D 264 18.49 -0.15 -32.45
N ASP D 265 18.61 -0.21 -31.12
CA ASP D 265 19.75 -0.83 -30.47
C ASP D 265 19.47 -2.25 -29.96
N PHE D 266 18.19 -2.57 -29.75
CA PHE D 266 17.77 -3.91 -29.29
C PHE D 266 16.28 -4.10 -29.60
N ALA D 267 15.81 -5.35 -29.65
CA ALA D 267 14.39 -5.55 -29.83
C ALA D 267 13.90 -6.68 -28.94
N GLU D 268 12.72 -6.47 -28.35
CA GLU D 268 12.00 -7.56 -27.69
C GLU D 268 10.88 -8.00 -28.65
N LEU D 269 10.91 -9.27 -29.02
CA LEU D 269 10.01 -9.75 -30.03
C LEU D 269 9.05 -10.80 -29.45
N HIS D 270 8.07 -11.22 -30.25
CA HIS D 270 7.01 -12.10 -29.75
C HIS D 270 7.26 -13.55 -30.24
N ASP D 271 8.28 -14.16 -29.67
CA ASP D 271 8.79 -15.46 -30.14
C ASP D 271 8.04 -16.60 -29.46
N MSE D 272 6.77 -16.75 -29.80
CA MSE D 272 5.98 -17.88 -29.28
C MSE D 272 6.68 -19.17 -29.69
O MSE D 272 6.62 -20.18 -28.99
CB MSE D 272 4.57 -17.81 -29.89
CG MSE D 272 3.68 -18.93 -29.41
SE MSE D 272 3.69 -20.28 -30.88
CE MSE D 272 2.72 -19.32 -32.32
N ALA D 273 7.31 -19.12 -30.87
CA ALA D 273 8.18 -20.21 -31.33
C ALA D 273 9.45 -19.58 -31.87
N THR D 274 10.55 -20.34 -31.83
CA THR D 274 11.82 -19.84 -32.35
C THR D 274 11.72 -19.25 -33.77
N ILE D 275 11.00 -19.93 -34.66
CA ILE D 275 10.94 -19.48 -36.06
C ILE D 275 10.35 -18.08 -36.13
N LEU D 276 9.45 -17.77 -35.20
CA LEU D 276 8.81 -16.48 -35.17
C LEU D 276 9.79 -15.35 -34.85
N GLU D 277 10.81 -15.61 -34.03
CA GLU D 277 11.82 -14.56 -33.79
C GLU D 277 12.50 -14.19 -35.12
N ILE D 278 12.83 -15.22 -35.90
CA ILE D 278 13.53 -15.00 -37.18
C ILE D 278 12.62 -14.21 -38.12
N ILE D 279 11.38 -14.67 -38.32
CA ILE D 279 10.45 -14.01 -39.20
C ILE D 279 10.14 -12.55 -38.78
N GLN D 280 9.92 -12.35 -37.48
CA GLN D 280 9.66 -11.00 -36.96
C GLN D 280 10.87 -10.07 -37.12
N SER D 281 12.08 -10.61 -36.98
CA SER D 281 13.31 -9.80 -37.12
C SER D 281 13.38 -9.24 -38.55
N GLU D 282 12.90 -10.02 -39.51
CA GLU D 282 12.81 -9.53 -40.89
C GLU D 282 11.67 -8.54 -41.05
N ASP D 283 10.51 -8.85 -40.46
CA ASP D 283 9.32 -8.06 -40.73
C ASP D 283 9.37 -6.69 -40.05
N ILE D 284 10.10 -6.57 -38.95
CA ILE D 284 10.27 -5.23 -38.36
C ILE D 284 11.25 -4.40 -39.15
N GLY D 285 12.01 -5.05 -40.03
CA GLY D 285 12.89 -4.33 -40.96
C GLY D 285 14.37 -4.45 -40.71
N LEU D 286 14.79 -5.27 -39.76
CA LEU D 286 16.21 -5.44 -39.46
C LEU D 286 16.97 -6.19 -40.55
N PHE D 287 16.35 -7.25 -41.07
CA PHE D 287 17.02 -8.13 -42.02
C PHE D 287 16.12 -8.39 -43.22
N LYS D 288 16.74 -8.69 -44.36
CA LYS D 288 15.97 -8.95 -45.57
C LYS D 288 15.25 -10.28 -45.36
N LYS D 289 14.09 -10.41 -46.00
CA LYS D 289 13.26 -11.61 -45.93
C LYS D 289 14.10 -12.81 -46.38
N GLY D 290 14.19 -13.81 -45.51
CA GLY D 290 14.95 -15.02 -45.78
C GLY D 290 16.39 -14.94 -45.38
N GLU D 291 16.81 -13.83 -44.76
CA GLU D 291 18.18 -13.68 -44.28
C GLU D 291 18.29 -13.53 -42.75
N GLY D 292 17.15 -13.45 -42.07
CA GLY D 292 17.15 -13.36 -40.61
C GLY D 292 17.86 -14.52 -39.96
N TRP D 293 17.78 -15.71 -40.57
CA TRP D 293 18.48 -16.86 -40.01
C TRP D 293 20.02 -16.69 -40.03
N LYS D 294 20.51 -15.92 -40.98
CA LYS D 294 21.95 -15.70 -41.09
C LYS D 294 22.44 -14.83 -39.95
N ALA D 295 21.58 -13.89 -39.56
CA ALA D 295 21.90 -13.01 -38.42
C ALA D 295 22.06 -13.86 -37.15
N VAL D 296 21.23 -14.90 -37.02
CA VAL D 296 21.34 -15.79 -35.87
C VAL D 296 22.70 -16.52 -35.87
N MSE D 297 23.05 -17.11 -37.02
CA MSE D 297 24.27 -17.92 -37.09
C MSE D 297 25.50 -17.06 -36.93
O MSE D 297 26.48 -17.51 -36.34
CB MSE D 297 24.30 -18.72 -38.40
CG MSE D 297 23.14 -19.72 -38.50
SE MSE D 297 23.19 -21.01 -37.00
CE MSE D 297 24.75 -22.03 -37.68
N GLU D 298 25.46 -15.84 -37.45
CA GLU D 298 26.57 -14.86 -37.29
C GLU D 298 26.65 -14.20 -35.91
N GLY D 299 25.66 -14.45 -35.05
CA GLY D 299 25.69 -13.96 -33.68
C GLY D 299 25.32 -12.51 -33.55
N LEU D 300 24.77 -11.92 -34.62
CA LEU D 300 24.39 -10.49 -34.64
C LEU D 300 23.34 -10.18 -33.59
N THR D 301 22.53 -11.17 -33.25
CA THR D 301 21.36 -10.95 -32.38
C THR D 301 21.55 -11.45 -30.94
N SER D 302 22.76 -11.95 -30.65
N SER D 302 22.74 -11.97 -30.64
CA SER D 302 23.13 -12.36 -29.29
CA SER D 302 23.07 -12.38 -29.27
C SER D 302 23.36 -11.12 -28.43
C SER D 302 23.33 -11.13 -28.43
N LEU D 303 23.50 -11.35 -27.13
CA LEU D 303 23.62 -10.27 -26.15
C LEU D 303 24.78 -9.32 -26.47
N ASP D 304 25.88 -9.88 -26.96
CA ASP D 304 27.05 -9.08 -27.29
C ASP D 304 27.14 -8.72 -28.78
N GLY D 305 26.05 -8.96 -29.52
CA GLY D 305 26.01 -8.69 -30.95
C GLY D 305 25.64 -7.26 -31.29
N GLU D 306 25.70 -6.94 -32.57
CA GLU D 306 25.37 -5.64 -33.10
C GLU D 306 23.92 -5.22 -32.82
N ILE D 307 23.02 -6.20 -32.79
CA ILE D 307 21.58 -5.91 -32.63
C ILE D 307 20.91 -7.01 -31.77
N PRO D 308 21.14 -6.97 -30.44
CA PRO D 308 20.55 -7.98 -29.56
C PRO D 308 19.03 -8.07 -29.68
N ILE D 309 18.52 -9.29 -29.89
CA ILE D 309 17.09 -9.53 -29.93
C ILE D 309 16.75 -10.41 -28.73
N ASN D 310 15.70 -10.02 -28.03
CA ASN D 310 15.27 -10.76 -26.84
C ASN D 310 16.37 -10.94 -25.80
N PRO D 311 17.03 -9.83 -25.43
CA PRO D 311 17.95 -9.90 -24.31
C PRO D 311 17.32 -10.39 -22.99
N SER D 312 15.99 -10.26 -22.86
CA SER D 312 15.24 -10.83 -21.73
C SER D 312 15.27 -12.34 -21.63
N GLY D 313 15.53 -13.00 -22.76
CA GLY D 313 15.31 -14.45 -22.90
C GLY D 313 14.12 -14.70 -23.83
N GLY D 314 13.40 -13.64 -24.20
CA GLY D 314 12.23 -13.79 -25.06
C GLY D 314 11.08 -14.55 -24.43
N LEU D 315 9.98 -14.73 -25.16
CA LEU D 315 8.93 -15.61 -24.65
C LEU D 315 9.52 -17.01 -24.39
N ASN D 316 10.48 -17.40 -25.23
CA ASN D 316 11.11 -18.72 -25.15
C ASN D 316 11.56 -19.09 -23.75
N SER D 317 12.24 -18.16 -23.08
CA SER D 317 12.76 -18.43 -21.73
C SER D 317 12.02 -17.68 -20.61
N LYS D 318 11.46 -16.51 -20.91
CA LYS D 318 10.68 -15.76 -19.90
C LYS D 318 9.45 -16.53 -19.48
N GLY D 319 8.86 -17.26 -20.41
CA GLY D 319 7.49 -17.73 -20.26
C GLY D 319 6.53 -16.69 -20.81
N HIS D 320 5.26 -17.07 -20.95
CA HIS D 320 4.29 -16.20 -21.61
C HIS D 320 2.97 -16.17 -20.86
N PRO D 321 2.88 -15.37 -19.76
CA PRO D 321 1.58 -15.09 -19.13
C PRO D 321 0.88 -14.11 -20.06
N ILE D 322 -0.13 -14.60 -20.78
CA ILE D 322 -0.68 -13.93 -21.98
C ILE D 322 -0.72 -12.41 -21.86
N GLY D 323 -1.46 -11.91 -20.88
CA GLY D 323 -1.64 -10.47 -20.73
C GLY D 323 -0.43 -9.72 -20.22
N ALA D 324 0.51 -10.43 -19.59
CA ALA D 324 1.68 -9.76 -18.96
C ALA D 324 2.78 -9.46 -19.99
N SER D 325 2.91 -10.32 -20.99
CA SER D 325 4.09 -10.29 -21.84
C SER D 325 4.36 -8.94 -22.53
N GLY D 326 3.32 -8.31 -23.09
CA GLY D 326 3.55 -7.03 -23.83
C GLY D 326 3.98 -5.92 -22.86
N VAL D 327 3.55 -6.03 -21.62
CA VAL D 327 3.96 -5.05 -20.57
C VAL D 327 5.37 -5.38 -20.10
N ALA D 328 5.67 -6.67 -19.94
CA ALA D 328 7.02 -7.08 -19.56
C ALA D 328 8.07 -6.58 -20.56
N GLN D 329 7.73 -6.52 -21.85
CA GLN D 329 8.67 -6.04 -22.85
C GLN D 329 9.02 -4.55 -22.64
N ALA D 330 8.02 -3.77 -22.23
CA ALA D 330 8.20 -2.34 -21.93
C ALA D 330 9.08 -2.21 -20.68
N VAL D 331 8.88 -3.11 -19.71
CA VAL D 331 9.77 -3.13 -18.53
C VAL D 331 11.21 -3.41 -18.92
N GLU D 332 11.41 -4.35 -19.84
CA GLU D 332 12.73 -4.64 -20.36
C GLU D 332 13.35 -3.42 -21.05
N ALA D 333 12.58 -2.75 -21.91
CA ALA D 333 13.11 -1.59 -22.66
C ALA D 333 13.52 -0.49 -21.66
N PHE D 334 12.67 -0.24 -20.67
CA PHE D 334 12.94 0.73 -19.59
C PHE D 334 14.26 0.42 -18.92
N SER D 335 14.43 -0.82 -18.48
N SER D 335 14.45 -0.84 -18.51
CA SER D 335 15.65 -1.24 -17.81
CA SER D 335 15.66 -1.26 -17.82
C SER D 335 16.86 -1.04 -18.73
C SER D 335 16.92 -1.20 -18.68
N GLN D 336 16.79 -1.57 -19.96
CA GLN D 336 17.91 -1.44 -20.93
C GLN D 336 18.35 0.01 -21.18
N ILE D 337 17.39 0.89 -21.46
CA ILE D 337 17.69 2.28 -21.83
C ILE D 337 18.23 3.05 -20.61
N ARG D 338 17.83 2.65 -19.41
CA ARG D 338 18.39 3.25 -18.18
C ARG D 338 19.69 2.64 -17.67
N ASN D 339 20.25 1.70 -18.42
CA ASN D 339 21.50 1.01 -18.03
C ASN D 339 21.30 0.26 -16.71
N GLU D 340 20.14 -0.38 -16.57
CA GLU D 340 19.77 -1.05 -15.33
C GLU D 340 19.48 -2.54 -15.52
N ALA D 341 19.92 -3.10 -16.66
CA ALA D 341 19.64 -4.51 -16.98
C ALA D 341 20.72 -5.48 -16.49
N GLY D 342 21.76 -4.95 -15.84
CA GLY D 342 22.75 -5.81 -15.18
C GLY D 342 23.54 -6.69 -16.12
N ASN D 343 23.56 -8.00 -15.83
CA ASN D 343 24.23 -9.00 -16.67
C ASN D 343 23.66 -9.13 -18.09
N ARG D 344 22.44 -8.66 -18.31
CA ARG D 344 21.84 -8.77 -19.66
C ARG D 344 21.86 -7.42 -20.34
N GLN D 345 22.67 -6.49 -19.82
CA GLN D 345 22.69 -5.15 -20.38
C GLN D 345 23.20 -5.07 -21.83
N VAL D 346 22.41 -4.46 -22.70
CA VAL D 346 22.83 -4.18 -24.06
C VAL D 346 23.71 -2.94 -24.03
N LYS D 347 24.95 -3.08 -24.48
CA LYS D 347 25.90 -1.96 -24.47
C LYS D 347 25.36 -0.72 -25.20
N ASN D 348 25.44 0.43 -24.55
CA ASN D 348 25.03 1.73 -25.10
C ASN D 348 23.60 1.82 -25.65
N ALA D 349 22.68 1.05 -25.06
CA ALA D 349 21.28 1.06 -25.48
C ALA D 349 20.61 2.40 -25.25
N ARG D 350 20.09 3.01 -26.33
CA ARG D 350 19.36 4.26 -26.25
C ARG D 350 17.98 4.21 -26.90
N VAL D 351 17.81 3.32 -27.87
CA VAL D 351 16.57 3.21 -28.62
C VAL D 351 16.25 1.72 -28.73
N GLY D 352 15.01 1.37 -28.41
CA GLY D 352 14.61 -0.05 -28.45
C GLY D 352 13.25 -0.25 -29.06
N LEU D 353 12.91 -1.52 -29.33
CA LEU D 353 11.64 -1.83 -29.95
C LEU D 353 11.01 -3.03 -29.23
N SER D 354 9.71 -2.98 -29.07
CA SER D 354 8.99 -4.19 -28.67
C SER D 354 7.89 -4.52 -29.65
N LEU D 355 7.61 -5.82 -29.75
CA LEU D 355 6.50 -6.32 -30.56
C LEU D 355 5.60 -7.23 -29.72
N SER D 356 4.32 -6.89 -29.65
CA SER D 356 3.30 -7.66 -28.94
C SER D 356 2.31 -8.16 -30.02
N MSE D 357 2.06 -9.48 -30.11
CA MSE D 357 1.28 -10.02 -31.25
C MSE D 357 0.20 -10.93 -30.78
O MSE D 357 0.42 -11.81 -29.96
CB MSE D 357 2.25 -10.81 -32.14
CG MSE D 357 1.57 -11.24 -33.44
SE MSE D 357 2.88 -12.25 -34.53
CE MSE D 357 2.88 -13.93 -33.51
N ALA D 358 -1.00 -10.76 -31.33
CA ALA D 358 -2.14 -11.61 -31.03
C ALA D 358 -2.25 -12.69 -32.10
N GLY D 359 -2.50 -13.93 -31.66
CA GLY D 359 -2.69 -15.04 -32.59
C GLY D 359 -1.52 -15.22 -33.52
N TYR D 360 -1.79 -15.78 -34.70
CA TYR D 360 -0.68 -15.98 -35.62
C TYR D 360 -0.57 -14.78 -36.55
N GLY D 361 -0.20 -13.64 -35.98
CA GLY D 361 -0.11 -12.40 -36.77
C GLY D 361 -1.45 -11.73 -36.97
N ASN D 362 -2.46 -12.06 -36.16
CA ASN D 362 -3.78 -11.45 -36.33
C ASN D 362 -3.79 -9.98 -35.94
N SER D 363 -2.95 -9.60 -34.97
CA SER D 363 -2.88 -8.20 -34.54
C SER D 363 -1.47 -7.98 -34.03
N ALA D 364 -0.87 -6.83 -34.32
CA ALA D 364 0.49 -6.56 -33.88
C ALA D 364 0.55 -5.11 -33.41
N THR D 365 1.24 -4.89 -32.30
CA THR D 365 1.55 -3.53 -31.83
C THR D 365 3.06 -3.46 -31.67
N VAL D 366 3.67 -2.47 -32.34
CA VAL D 366 5.09 -2.27 -32.29
C VAL D 366 5.34 -0.95 -31.56
N ILE D 367 6.20 -1.01 -30.54
CA ILE D 367 6.46 0.20 -29.74
C ILE D 367 7.92 0.52 -29.81
N ILE D 368 8.22 1.81 -29.99
CA ILE D 368 9.60 2.23 -30.07
C ILE D 368 9.85 3.14 -28.87
N TYR D 369 10.91 2.84 -28.15
CA TYR D 369 11.27 3.52 -26.88
C TYR D 369 12.61 4.23 -27.08
N GLY D 370 12.83 5.30 -26.33
CA GLY D 370 14.14 5.95 -26.42
C GLY D 370 14.44 6.80 -25.19
N ASP D 371 15.68 7.23 -25.08
CA ASP D 371 16.09 8.10 -23.97
C ASP D 371 15.73 9.58 -24.21
N GLU D 372 15.18 9.88 -25.39
CA GLU D 372 14.71 11.21 -25.75
C GLU D 372 13.33 11.10 -26.37
N PRO D 373 12.51 12.16 -26.24
CA PRO D 373 11.13 12.20 -26.74
C PRO D 373 11.00 11.82 -28.22
C1 PEG E . 25.14 -9.78 32.71
O1 PEG E . 26.30 -9.77 31.89
C2 PEG E . 25.10 -11.19 33.34
O2 PEG E . 24.84 -12.17 32.33
C3 PEG E . 23.45 -12.19 32.08
C4 PEG E . 23.17 -13.12 30.94
O4 PEG E . 23.74 -14.34 31.26
C1 PEG F . 25.72 -9.57 37.21
O1 PEG F . 24.67 -10.34 36.61
C2 PEG F . 25.86 -10.13 38.59
O2 PEG F . 26.93 -11.08 38.58
C3 PEG F . 27.32 -11.38 39.92
C4 PEG F . 28.38 -12.45 39.91
O4 PEG F . 27.88 -13.50 39.07
N1 IMD G . 11.12 12.04 47.38
C2 IMD G . 10.09 11.73 46.57
N3 IMD G . 10.05 10.38 46.44
C4 IMD G . 11.07 9.87 47.17
C5 IMD G . 11.75 10.90 47.77
C1 PEG H . -32.31 -1.91 -27.98
O1 PEG H . -33.49 -1.77 -27.21
C2 PEG H . -31.74 -0.54 -28.30
O2 PEG H . -32.70 0.50 -28.15
C3 PEG H . -32.33 1.64 -28.93
C4 PEG H . -31.21 2.44 -28.24
O4 PEG H . -31.66 2.87 -26.94
C1 PEG I . -36.55 5.12 -33.54
O1 PEG I . -36.83 3.72 -33.44
C2 PEG I . -35.11 5.30 -33.95
O2 PEG I . -34.26 4.57 -33.08
C3 PEG I . -33.17 4.05 -33.85
C4 PEG I . -31.89 4.24 -33.08
O4 PEG I . -32.09 3.77 -31.75
C ACT J . -42.66 -8.18 -19.45
O ACT J . -41.72 -7.59 -18.87
OXT ACT J . -42.48 -9.30 -19.98
CH3 ACT J . -44.02 -7.55 -19.54
C1 PEG K . -6.80 12.69 10.88
O1 PEG K . -7.79 12.57 9.91
C2 PEG K . -6.26 14.06 10.71
O2 PEG K . -7.20 15.00 11.17
C3 PEG K . -6.45 16.21 11.38
C4 PEG K . -5.80 16.10 12.78
O4 PEG K . -6.89 16.13 13.72
C1 PEG L . -7.35 22.52 8.15
O1 PEG L . -7.90 21.41 7.48
C2 PEG L . -5.92 22.18 8.49
O2 PEG L . -5.92 21.05 9.36
C3 PEG L . -4.57 20.80 9.74
C4 PEG L . -4.59 19.66 10.73
O4 PEG L . -4.52 18.47 9.96
C1 PEG M . -11.09 25.76 4.34
O1 PEG M . -11.24 27.18 4.49
C2 PEG M . -11.54 25.13 5.66
O2 PEG M . -10.80 23.96 5.97
C3 PEG M . -11.63 23.03 6.65
C4 PEG M . -10.96 22.69 7.97
O4 PEG M . -11.71 21.65 8.59
CA CA N . 12.28 23.69 26.58
C1 PEG O . 12.60 -8.59 -18.48
O1 PEG O . 11.79 -8.62 -19.65
C2 PEG O . 11.89 -9.19 -17.29
O2 PEG O . 11.68 -10.58 -17.49
C3 PEG O . 10.38 -10.87 -16.96
C4 PEG O . 10.12 -12.36 -17.05
O4 PEG O . 11.39 -12.98 -17.17
CA CA P . -3.03 -15.15 -28.90
#